data_4R6Z
# 
_entry.id   4R6Z 
# 
_audit_conform.dict_name       mmcif_pdbx.dic 
_audit_conform.dict_version    5.379 
_audit_conform.dict_location   http://mmcif.pdb.org/dictionaries/ascii/mmcif_pdbx.dic 
# 
loop_
_database_2.database_id 
_database_2.database_code 
_database_2.pdbx_database_accession 
_database_2.pdbx_DOI 
PDB   4R6Z         pdb_00004r6z 10.2210/pdb4r6z/pdb 
RCSB  RCSB086977   ?            ?                   
WWPDB D_1000086977 ?            ?                   
# 
loop_
_pdbx_database_related.db_name 
_pdbx_database_related.db_id 
_pdbx_database_related.details 
_pdbx_database_related.content_type 
PDB 3K0D 'Crystal Structure of CNG mimicking NaK mutant, NaK-ETPP, K+ complex'  unspecified 
PDB 3K0G 'Crystal Structure of CNG mimicking NaK mutant, NaK-ETPP, Na+ complex' unspecified 
PDB 4R50 .                                                                      unspecified 
# 
_pdbx_database_status.status_code                     REL 
_pdbx_database_status.entry_id                        4R6Z 
_pdbx_database_status.recvd_initial_deposition_date   2014-08-26 
_pdbx_database_status.deposit_site                    RCSB 
_pdbx_database_status.process_site                    RCSB 
_pdbx_database_status.status_code_sf                  REL 
_pdbx_database_status.status_code_mr                  ? 
_pdbx_database_status.SG_entry                        ? 
_pdbx_database_status.status_code_cs                  ? 
_pdbx_database_status.methods_development_category    ? 
_pdbx_database_status.pdb_format_compatible           Y 
_pdbx_database_status.status_code_nmr_data            ? 
# 
loop_
_audit_author.name 
_audit_author.pdbx_ordinal 
'De March, M.'       1 
'Napolitano, L.M.R.' 2 
'Onesti, S.'         3 
# 
_citation.id                        primary 
_citation.title                     
;A structural, functional, and computational analysis suggests pore flexibility as the base for the poor selectivity of CNG channels.
;
_citation.journal_abbrev            Proc.Natl.Acad.Sci.USA 
_citation.journal_volume            112 
_citation.page_first                E3619 
_citation.page_last                 E3628 
_citation.year                      2015 
_citation.journal_id_ASTM           PNASA6 
_citation.country                   US 
_citation.journal_id_ISSN           0027-8424 
_citation.journal_id_CSD            0040 
_citation.book_publisher            ? 
_citation.pdbx_database_id_PubMed   26100907 
_citation.pdbx_database_id_DOI      10.1073/pnas.1503334112 
# 
loop_
_citation_author.citation_id 
_citation_author.name 
_citation_author.ordinal 
_citation_author.identifier_ORCID 
primary 'Napolitano, L.M.' 1  ? 
primary 'Bisha, I.'        2  ? 
primary 'De March, M.'     3  ? 
primary 'Marchesi, A.'     4  ? 
primary 'Arcangeletti, M.' 5  ? 
primary 'Demitri, N.'      6  ? 
primary 'Mazzolini, M.'    7  ? 
primary 'Rodriguez, A.'    8  ? 
primary 'Magistrato, A.'   9  ? 
primary 'Onesti, S.'       10 ? 
primary 'Laio, A.'         11 ? 
primary 'Torre, V.'        12 ? 
# 
_cell.entry_id           4R6Z 
_cell.length_a           68.170 
_cell.length_b           68.170 
_cell.length_c           90.400 
_cell.angle_alpha        90.00 
_cell.angle_beta         90.00 
_cell.angle_gamma        90.00 
_cell.Z_PDB              16 
_cell.pdbx_unique_axis   ? 
_cell.length_a_esd       ? 
_cell.length_b_esd       ? 
_cell.length_c_esd       ? 
_cell.angle_alpha_esd    ? 
_cell.angle_beta_esd     ? 
_cell.angle_gamma_esd    ? 
# 
_symmetry.entry_id                         4R6Z 
_symmetry.space_group_name_H-M             'I 4' 
_symmetry.pdbx_full_space_group_name_H-M   ? 
_symmetry.cell_setting                     ? 
_symmetry.Int_Tables_number                79 
_symmetry.space_group_name_Hall            ? 
# 
loop_
_entity.id 
_entity.type 
_entity.src_method 
_entity.pdbx_description 
_entity.formula_weight 
_entity.pdbx_number_of_molecules 
_entity.pdbx_ec 
_entity.pdbx_mutation 
_entity.pdbx_fragment 
_entity.details 
1 polymer     man 'Potassium channel protein'     10626.555 2  ? 'D66E, G67T, N68P, F69P' 'residues 20-110' ? 
2 non-polymer syn 'CESIUM ION'                    132.905   5  ? ?                        ?                 ? 
3 non-polymer syn '(4S)-2-METHYL-2,4-PENTANEDIOL' 118.174   2  ? ?                        ?                 ? 
4 non-polymer syn GLYCINE                         75.067    12 ? ?                        ?                 ? 
5 water       nat water                           18.015    64 ? ?                        ?                 ? 
# 
_entity_poly.entity_id                      1 
_entity_poly.type                           'polypeptide(L)' 
_entity_poly.nstd_linkage                   no 
_entity_poly.nstd_monomer                   no 
_entity_poly.pdbx_seq_one_letter_code       
;MAKDKEFQVLFVLTILTLISGTIFYSTVEGLRPIDALYFSVVTLTTVGETPPPQTDFGKIFTILYIFIGIGLVFGFIHKL
AVNVQLPSILSNLVPR
;
_entity_poly.pdbx_seq_one_letter_code_can   
;MAKDKEFQVLFVLTILTLISGTIFYSTVEGLRPIDALYFSVVTLTTVGETPPPQTDFGKIFTILYIFIGIGLVFGFIHKL
AVNVQLPSILSNLVPR
;
_entity_poly.pdbx_strand_id                 A,B 
_entity_poly.pdbx_target_identifier         ? 
# 
loop_
_entity_poly_seq.entity_id 
_entity_poly_seq.num 
_entity_poly_seq.mon_id 
_entity_poly_seq.hetero 
1 1  MET n 
1 2  ALA n 
1 3  LYS n 
1 4  ASP n 
1 5  LYS n 
1 6  GLU n 
1 7  PHE n 
1 8  GLN n 
1 9  VAL n 
1 10 LEU n 
1 11 PHE n 
1 12 VAL n 
1 13 LEU n 
1 14 THR n 
1 15 ILE n 
1 16 LEU n 
1 17 THR n 
1 18 LEU n 
1 19 ILE n 
1 20 SER n 
1 21 GLY n 
1 22 THR n 
1 23 ILE n 
1 24 PHE n 
1 25 TYR n 
1 26 SER n 
1 27 THR n 
1 28 VAL n 
1 29 GLU n 
1 30 GLY n 
1 31 LEU n 
1 32 ARG n 
1 33 PRO n 
1 34 ILE n 
1 35 ASP n 
1 36 ALA n 
1 37 LEU n 
1 38 TYR n 
1 39 PHE n 
1 40 SER n 
1 41 VAL n 
1 42 VAL n 
1 43 THR n 
1 44 LEU n 
1 45 THR n 
1 46 THR n 
1 47 VAL n 
1 48 GLY n 
1 49 GLU n 
1 50 THR n 
1 51 PRO n 
1 52 PRO n 
1 53 PRO n 
1 54 GLN n 
1 55 THR n 
1 56 ASP n 
1 57 PHE n 
1 58 GLY n 
1 59 LYS n 
1 60 ILE n 
1 61 PHE n 
1 62 THR n 
1 63 ILE n 
1 64 LEU n 
1 65 TYR n 
1 66 ILE n 
1 67 PHE n 
1 68 ILE n 
1 69 GLY n 
1 70 ILE n 
1 71 GLY n 
1 72 LEU n 
1 73 VAL n 
1 74 PHE n 
1 75 GLY n 
1 76 PHE n 
1 77 ILE n 
1 78 HIS n 
1 79 LYS n 
1 80 LEU n 
1 81 ALA n 
1 82 VAL n 
1 83 ASN n 
1 84 VAL n 
1 85 GLN n 
1 86 LEU n 
1 87 PRO n 
1 88 SER n 
1 89 ILE n 
1 90 LEU n 
1 91 SER n 
1 92 ASN n 
1 93 LEU n 
1 94 VAL n 
1 95 PRO n 
1 96 ARG n 
# 
_entity_src_gen.entity_id                          1 
_entity_src_gen.pdbx_src_id                        1 
_entity_src_gen.pdbx_alt_source_flag               sample 
_entity_src_gen.pdbx_seq_type                      ? 
_entity_src_gen.pdbx_beg_seq_num                   ? 
_entity_src_gen.pdbx_end_seq_num                   ? 
_entity_src_gen.gene_src_common_name               ? 
_entity_src_gen.gene_src_genus                     ? 
_entity_src_gen.pdbx_gene_src_gene                 BC_0669 
_entity_src_gen.gene_src_species                   ? 
_entity_src_gen.gene_src_strain                    'ATCC 14579 / DSM 31' 
_entity_src_gen.gene_src_tissue                    ? 
_entity_src_gen.gene_src_tissue_fraction           ? 
_entity_src_gen.gene_src_details                   ? 
_entity_src_gen.pdbx_gene_src_fragment             ? 
_entity_src_gen.pdbx_gene_src_scientific_name      'Bacillus cereus ATCC 14579' 
_entity_src_gen.pdbx_gene_src_ncbi_taxonomy_id     226900 
_entity_src_gen.pdbx_gene_src_variant              ? 
_entity_src_gen.pdbx_gene_src_cell_line            ? 
_entity_src_gen.pdbx_gene_src_atcc                 ? 
_entity_src_gen.pdbx_gene_src_organ                ? 
_entity_src_gen.pdbx_gene_src_organelle            ? 
_entity_src_gen.pdbx_gene_src_cell                 ? 
_entity_src_gen.pdbx_gene_src_cellular_location    ? 
_entity_src_gen.host_org_common_name               ? 
_entity_src_gen.pdbx_host_org_scientific_name      'Escherichia coli' 
_entity_src_gen.pdbx_host_org_ncbi_taxonomy_id     562 
_entity_src_gen.host_org_genus                     ? 
_entity_src_gen.pdbx_host_org_gene                 ? 
_entity_src_gen.pdbx_host_org_organ                ? 
_entity_src_gen.host_org_species                   ? 
_entity_src_gen.pdbx_host_org_tissue               ? 
_entity_src_gen.pdbx_host_org_tissue_fraction      ? 
_entity_src_gen.pdbx_host_org_strain               XL1-Blue 
_entity_src_gen.pdbx_host_org_variant              ? 
_entity_src_gen.pdbx_host_org_cell_line            ? 
_entity_src_gen.pdbx_host_org_atcc                 ? 
_entity_src_gen.pdbx_host_org_culture_collection   ? 
_entity_src_gen.pdbx_host_org_cell                 ? 
_entity_src_gen.pdbx_host_org_organelle            ? 
_entity_src_gen.pdbx_host_org_cellular_location    ? 
_entity_src_gen.pdbx_host_org_vector_type          plasmid 
_entity_src_gen.pdbx_host_org_vector               ? 
_entity_src_gen.host_org_details                   ? 
_entity_src_gen.expression_system_id               ? 
_entity_src_gen.plasmid_name                       pQE60 
_entity_src_gen.plasmid_details                    ? 
_entity_src_gen.pdbx_description                   ? 
# 
_struct_ref.id                         1 
_struct_ref.db_name                    UNP 
_struct_ref.db_code                    Q81HW2_BACCR 
_struct_ref.pdbx_db_accession          Q81HW2 
_struct_ref.entity_id                  1 
_struct_ref.pdbx_seq_one_letter_code   
;KDKEFQVLFVLTILTLISGTIFYSTVEGLRPIDALYFSVVTLTTVGDGNFSPQTDFGKIFTILYIFIGIGLVFGFIHKLA
VNVQLPSILSN
;
_struct_ref.pdbx_align_begin           20 
_struct_ref.pdbx_db_isoform            ? 
# 
loop_
_struct_ref_seq.align_id 
_struct_ref_seq.ref_id 
_struct_ref_seq.pdbx_PDB_id_code 
_struct_ref_seq.pdbx_strand_id 
_struct_ref_seq.seq_align_beg 
_struct_ref_seq.pdbx_seq_align_beg_ins_code 
_struct_ref_seq.seq_align_end 
_struct_ref_seq.pdbx_seq_align_end_ins_code 
_struct_ref_seq.pdbx_db_accession 
_struct_ref_seq.db_align_beg 
_struct_ref_seq.pdbx_db_align_beg_ins_code 
_struct_ref_seq.db_align_end 
_struct_ref_seq.pdbx_db_align_end_ins_code 
_struct_ref_seq.pdbx_auth_seq_align_beg 
_struct_ref_seq.pdbx_auth_seq_align_end 
1 1 4R6Z A 3 ? 92 ? Q81HW2 20 ? 110 ? 20 109 
2 1 4R6Z B 3 ? 92 ? Q81HW2 20 ? 110 ? 20 109 
# 
loop_
_struct_ref_seq_dif.align_id 
_struct_ref_seq_dif.pdbx_pdb_id_code 
_struct_ref_seq_dif.mon_id 
_struct_ref_seq_dif.pdbx_pdb_strand_id 
_struct_ref_seq_dif.seq_num 
_struct_ref_seq_dif.pdbx_pdb_ins_code 
_struct_ref_seq_dif.pdbx_seq_db_name 
_struct_ref_seq_dif.pdbx_seq_db_accession_code 
_struct_ref_seq_dif.db_mon_id 
_struct_ref_seq_dif.pdbx_seq_db_seq_num 
_struct_ref_seq_dif.details 
_struct_ref_seq_dif.pdbx_auth_seq_num 
_struct_ref_seq_dif.pdbx_ordinal 
1 4R6Z MET A 1  ? UNP Q81HW2 ?   ?  'expression tag'      18  1  
1 4R6Z ALA A 2  ? UNP Q81HW2 ?   ?  'expression tag'      19  2  
1 4R6Z GLU A 49 ? UNP Q81HW2 ASP 66 'engineered mutation' 66  3  
1 4R6Z THR A 50 ? UNP Q81HW2 GLY 67 'engineered mutation' 67  4  
1 4R6Z PRO A 51 ? UNP Q81HW2 ASN 68 'engineered mutation' 68  5  
1 4R6Z PRO A 52 ? UNP Q81HW2 PHE 69 'engineered mutation' 69  6  
1 4R6Z ?   A ?  ? UNP Q81HW2 SER 70 deletion              ?   7  
1 4R6Z LEU A 93 ? UNP Q81HW2 ?   ?  'expression tag'      110 8  
1 4R6Z VAL A 94 ? UNP Q81HW2 ?   ?  'expression tag'      111 9  
1 4R6Z PRO A 95 ? UNP Q81HW2 ?   ?  'expression tag'      112 10 
1 4R6Z ARG A 96 ? UNP Q81HW2 ?   ?  'expression tag'      113 11 
2 4R6Z MET B 1  ? UNP Q81HW2 ?   ?  'expression tag'      18  12 
2 4R6Z ALA B 2  ? UNP Q81HW2 ?   ?  'expression tag'      19  13 
2 4R6Z GLU B 49 ? UNP Q81HW2 ASP 66 'engineered mutation' 66  14 
2 4R6Z THR B 50 ? UNP Q81HW2 GLY 67 'engineered mutation' 67  15 
2 4R6Z PRO B 51 ? UNP Q81HW2 ASN 68 'engineered mutation' 68  16 
2 4R6Z PRO B 52 ? UNP Q81HW2 PHE 69 'engineered mutation' 69  17 
2 4R6Z ?   B ?  ? UNP Q81HW2 SER 70 deletion              ?   18 
2 4R6Z LEU B 93 ? UNP Q81HW2 ?   ?  'expression tag'      110 19 
2 4R6Z VAL B 94 ? UNP Q81HW2 ?   ?  'expression tag'      111 20 
2 4R6Z PRO B 95 ? UNP Q81HW2 ?   ?  'expression tag'      112 21 
2 4R6Z ARG B 96 ? UNP Q81HW2 ?   ?  'expression tag'      113 22 
# 
loop_
_chem_comp.id 
_chem_comp.type 
_chem_comp.mon_nstd_flag 
_chem_comp.name 
_chem_comp.pdbx_synonyms 
_chem_comp.formula 
_chem_comp.formula_weight 
ALA 'L-peptide linking' y ALANINE                         ? 'C3 H7 N O2'     89.093  
ARG 'L-peptide linking' y ARGININE                        ? 'C6 H15 N4 O2 1' 175.209 
ASN 'L-peptide linking' y ASPARAGINE                      ? 'C4 H8 N2 O3'    132.118 
ASP 'L-peptide linking' y 'ASPARTIC ACID'                 ? 'C4 H7 N O4'     133.103 
CS  non-polymer         . 'CESIUM ION'                    ? 'Cs 1'           132.905 
GLN 'L-peptide linking' y GLUTAMINE                       ? 'C5 H10 N2 O3'   146.144 
GLU 'L-peptide linking' y 'GLUTAMIC ACID'                 ? 'C5 H9 N O4'     147.129 
GLY 'peptide linking'   y GLYCINE                         ? 'C2 H5 N O2'     75.067  
HIS 'L-peptide linking' y HISTIDINE                       ? 'C6 H10 N3 O2 1' 156.162 
HOH non-polymer         . WATER                           ? 'H2 O'           18.015  
ILE 'L-peptide linking' y ISOLEUCINE                      ? 'C6 H13 N O2'    131.173 
LEU 'L-peptide linking' y LEUCINE                         ? 'C6 H13 N O2'    131.173 
LYS 'L-peptide linking' y LYSINE                          ? 'C6 H15 N2 O2 1' 147.195 
MET 'L-peptide linking' y METHIONINE                      ? 'C5 H11 N O2 S'  149.211 
MPD non-polymer         . '(4S)-2-METHYL-2,4-PENTANEDIOL' ? 'C6 H14 O2'      118.174 
PHE 'L-peptide linking' y PHENYLALANINE                   ? 'C9 H11 N O2'    165.189 
PRO 'L-peptide linking' y PROLINE                         ? 'C5 H9 N O2'     115.130 
SER 'L-peptide linking' y SERINE                          ? 'C3 H7 N O3'     105.093 
THR 'L-peptide linking' y THREONINE                       ? 'C4 H9 N O3'     119.119 
TYR 'L-peptide linking' y TYROSINE                        ? 'C9 H11 N O3'    181.189 
VAL 'L-peptide linking' y VALINE                          ? 'C5 H11 N O2'    117.146 
# 
_exptl.entry_id          4R6Z 
_exptl.method            'X-RAY DIFFRACTION' 
_exptl.crystals_number   2 
# 
_exptl_crystal.id                    1 
_exptl_crystal.density_meas          ? 
_exptl_crystal.density_Matthews      2.47 
_exptl_crystal.density_percent_sol   50.22 
_exptl_crystal.description           ? 
_exptl_crystal.F_000                 ? 
_exptl_crystal.preparation           ? 
# 
_exptl_crystal_grow.crystal_id      1 
_exptl_crystal_grow.method          'VAPOR DIFFUSION, HANGING DROP' 
_exptl_crystal_grow.temp            ? 
_exptl_crystal_grow.temp_details    ? 
_exptl_crystal_grow.pH              ? 
_exptl_crystal_grow.pdbx_details    
;CNG-ETPP(K+) crystals grown in 100mM MES pH 6.5, 60-66% (w/v) MPD, 100mM Glycine. Soaking overnight in 70% MPD, 10mM
DM, 100mM Hepes pH 7.5 and 100mM CsCl, VAPOR DIFFUSION, HANGING DROP
;
_exptl_crystal_grow.pdbx_pH_range   '6.5 - 7.5' 
# 
_diffrn.id                     1 
_diffrn.ambient_temp           100 
_diffrn.ambient_temp_details   ? 
_diffrn.crystal_id             1 
# 
_diffrn_detector.diffrn_id              1 
_diffrn_detector.detector               PIXEL 
_diffrn_detector.type                   'PSI PILATUS 6M' 
_diffrn_detector.pdbx_collection_date   2013-07-26 
_diffrn_detector.details                ? 
# 
_diffrn_radiation.diffrn_id                        1 
_diffrn_radiation.wavelength_id                    1 
_diffrn_radiation.pdbx_monochromatic_or_laue_m_l   M 
_diffrn_radiation.monochromator                    'Si 111' 
_diffrn_radiation.pdbx_diffrn_protocol             'SINGLE WAVELENGTH' 
_diffrn_radiation.pdbx_scattering_type             x-ray 
# 
_diffrn_radiation_wavelength.id           1 
_diffrn_radiation_wavelength.wavelength   1.2398 
_diffrn_radiation_wavelength.wt           1.0 
# 
_diffrn_source.diffrn_id                   1 
_diffrn_source.source                      SYNCHROTRON 
_diffrn_source.type                        'ESRF BEAMLINE ID29' 
_diffrn_source.pdbx_synchrotron_site       ESRF 
_diffrn_source.pdbx_synchrotron_beamline   ID29 
_diffrn_source.pdbx_wavelength             ? 
_diffrn_source.pdbx_wavelength_list        1.2398 
# 
_reflns.entry_id                     4R6Z 
_reflns.observed_criterion_sigma_I   1.7 
_reflns.observed_criterion_sigma_F   1.7 
_reflns.d_resolution_low             54.43 
_reflns.d_resolution_high            2.30 
_reflns.number_obs                   1330 
_reflns.number_all                   ? 
_reflns.percent_possible_obs         98.9 
_reflns.pdbx_Rmerge_I_obs            ? 
_reflns.pdbx_Rsym_value              ? 
_reflns.pdbx_netI_over_sigmaI        ? 
_reflns.B_iso_Wilson_estimate        ? 
_reflns.pdbx_redundancy              ? 
_reflns.R_free_details               ? 
_reflns.limit_h_max                  ? 
_reflns.limit_h_min                  ? 
_reflns.limit_k_max                  ? 
_reflns.limit_k_min                  ? 
_reflns.limit_l_max                  ? 
_reflns.limit_l_min                  ? 
_reflns.observed_criterion_F_max     ? 
_reflns.observed_criterion_F_min     ? 
_reflns.pdbx_chi_squared             ? 
_reflns.pdbx_scaling_rejects         ? 
_reflns.pdbx_ordinal                 1 
_reflns.pdbx_diffrn_id               1 
# 
loop_
_reflns_shell.d_res_high 
_reflns_shell.d_res_low 
_reflns_shell.percent_possible_all 
_reflns_shell.Rmerge_I_obs 
_reflns_shell.pdbx_Rsym_value 
_reflns_shell.meanI_over_sigI_obs 
_reflns_shell.pdbx_redundancy 
_reflns_shell.percent_possible_obs 
_reflns_shell.number_unique_all 
_reflns_shell.number_measured_all 
_reflns_shell.number_measured_obs 
_reflns_shell.number_unique_obs 
_reflns_shell.pdbx_chi_squared 
_reflns_shell.pdbx_ordinal 
_reflns_shell.pdbx_diffrn_id 
2.30 54.43 98.9 0.114 ? 3.1 ? ? ? ? ? ? ? 1 1 
2.30 2.42  98.9 0.43  ? 1.7 ? ? ? ? ? ? ? 2 1 
# 
_refine.entry_id                                 4R6Z 
_refine.ls_number_reflns_obs                     8657 
_refine.ls_number_reflns_all                     ? 
_refine.pdbx_ls_sigma_I                          ? 
_refine.pdbx_ls_sigma_F                          1.7 
_refine.pdbx_data_cutoff_high_absF               ? 
_refine.pdbx_data_cutoff_low_absF                ? 
_refine.pdbx_data_cutoff_high_rms_absF           ? 
_refine.ls_d_res_low                             54.43 
_refine.ls_d_res_high                            2.30 
_refine.ls_percent_reflns_obs                    ? 
_refine.ls_R_factor_obs                          0.153 
_refine.ls_R_factor_all                          0.165 
_refine.ls_R_factor_R_work                       0.152 
_refine.ls_R_factor_R_free                       0.182 
_refine.ls_R_factor_R_free_error                 ? 
_refine.ls_R_factor_R_free_error_details         ? 
_refine.ls_percent_reflns_R_free                 ? 
_refine.ls_number_reflns_R_free                  432 
_refine.ls_number_parameters                     ? 
_refine.ls_number_restraints                     ? 
_refine.occupancy_min                            ? 
_refine.occupancy_max                            ? 
_refine.correlation_coeff_Fo_to_Fc               ? 
_refine.correlation_coeff_Fo_to_Fc_free          ? 
_refine.B_iso_mean                               ? 
_refine.aniso_B[1][1]                            ? 
_refine.aniso_B[2][2]                            ? 
_refine.aniso_B[3][3]                            ? 
_refine.aniso_B[1][2]                            ? 
_refine.aniso_B[1][3]                            ? 
_refine.aniso_B[2][3]                            ? 
_refine.solvent_model_details                    ? 
_refine.solvent_model_param_ksol                 ? 
_refine.solvent_model_param_bsol                 ? 
_refine.pdbx_solvent_vdw_probe_radii             ? 
_refine.pdbx_solvent_ion_probe_radii             ? 
_refine.pdbx_solvent_shrinkage_radii             ? 
_refine.pdbx_ls_cross_valid_method               ? 
_refine.details                                  'REFINEMENT WITH TWIN OPTION in REFMAC5' 
_refine.pdbx_starting_model                      3K0D 
_refine.pdbx_method_to_determine_struct          'MOLECULAR REPLACEMENT' 
_refine.pdbx_isotropic_thermal_model             ? 
_refine.pdbx_stereochemistry_target_values       'Engh & Huber' 
_refine.pdbx_stereochem_target_val_spec_case     ? 
_refine.pdbx_R_Free_selection_details            RANDOM 
_refine.pdbx_overall_ESU_R                       ? 
_refine.pdbx_overall_ESU_R_Free                  ? 
_refine.overall_SU_ML                            ? 
_refine.pdbx_overall_phase_error                 ? 
_refine.overall_SU_B                             ? 
_refine.overall_SU_R_Cruickshank_DPI             ? 
_refine.ls_redundancy_reflns_obs                 ? 
_refine.B_iso_min                                ? 
_refine.B_iso_max                                ? 
_refine.overall_SU_R_free                        ? 
_refine.ls_wR_factor_R_free                      ? 
_refine.ls_wR_factor_R_work                      ? 
_refine.overall_FOM_free_R_set                   ? 
_refine.overall_FOM_work_R_set                   ? 
_refine.pdbx_diffrn_id                           1 
_refine.pdbx_refine_id                           'X-RAY DIFFRACTION' 
_refine.pdbx_TLS_residual_ADP_flag               ? 
_refine.pdbx_overall_SU_R_free_Cruickshank_DPI   ? 
_refine.pdbx_overall_SU_R_Blow_DPI               ? 
_refine.pdbx_overall_SU_R_free_Blow_DPI          ? 
# 
_refine_hist.pdbx_refine_id                   'X-RAY DIFFRACTION' 
_refine_hist.cycle_id                         LAST 
_refine_hist.pdbx_number_atoms_protein        1356 
_refine_hist.pdbx_number_atoms_nucleic_acid   0 
_refine_hist.pdbx_number_atoms_ligand         81 
_refine_hist.number_atoms_solvent             64 
_refine_hist.number_atoms_total               1501 
_refine_hist.d_res_high                       2.30 
_refine_hist.d_res_low                        54.43 
# 
loop_
_refine_ls_restr.type 
_refine_ls_restr.dev_ideal 
_refine_ls_restr.dev_ideal_target 
_refine_ls_restr.weight 
_refine_ls_restr.number 
_refine_ls_restr.pdbx_restraint_function 
_refine_ls_restr.pdbx_refine_id 
r_angle_refined_deg 1.9813 ? ? ? ? 'X-RAY DIFFRACTION' 
r_bond_refined_d    0.0184 ? ? ? ? 'X-RAY DIFFRACTION' 
# 
_struct.entry_id                  4R6Z 
_struct.title                     'Crystal Structure of CNG mimicking NaK mutant, NaK-ETPP, Cs+ complex' 
_struct.pdbx_model_details        ? 
_struct.pdbx_CASP_flag            ? 
_struct.pdbx_model_type_details   ? 
# 
_struct_keywords.entry_id        4R6Z 
_struct_keywords.pdbx_keywords   'TRANSPORT PROTEIN' 
_struct_keywords.text            'ALPHA-HELICAL membrane protein, Chimera channel, TRANSPORT PROTEIN' 
# 
loop_
_struct_asym.id 
_struct_asym.pdbx_blank_PDB_chainid_flag 
_struct_asym.pdbx_modified 
_struct_asym.entity_id 
_struct_asym.details 
A N N 1 ? 
B N N 1 ? 
C N N 2 ? 
D N N 2 ? 
E N N 3 ? 
F N N 3 ? 
G N N 4 ? 
H N N 4 ? 
I N N 4 ? 
J N N 4 ? 
K N N 4 ? 
L N N 2 ? 
M N N 2 ? 
N N N 2 ? 
O N N 4 ? 
P N N 4 ? 
Q N N 4 ? 
R N N 4 ? 
S N N 4 ? 
T N N 4 ? 
U N N 4 ? 
V N N 5 ? 
W N N 5 ? 
# 
_struct_biol.id        1 
_struct_biol.details   'Tetrameric channel with pore on 4-fold axis' 
# 
loop_
_struct_conf.conf_type_id 
_struct_conf.id 
_struct_conf.pdbx_PDB_helix_id 
_struct_conf.beg_label_comp_id 
_struct_conf.beg_label_asym_id 
_struct_conf.beg_label_seq_id 
_struct_conf.pdbx_beg_PDB_ins_code 
_struct_conf.end_label_comp_id 
_struct_conf.end_label_asym_id 
_struct_conf.end_label_seq_id 
_struct_conf.pdbx_end_PDB_ins_code 
_struct_conf.beg_auth_comp_id 
_struct_conf.beg_auth_asym_id 
_struct_conf.beg_auth_seq_id 
_struct_conf.end_auth_comp_id 
_struct_conf.end_auth_asym_id 
_struct_conf.end_auth_seq_id 
_struct_conf.pdbx_PDB_helix_class 
_struct_conf.details 
_struct_conf.pdbx_PDB_helix_length 
HELX_P HELX_P1 1 PHE A 7  ? GLU A 29 ? PHE A 24  GLU A 46  1 ? 23 
HELX_P HELX_P2 2 ARG A 32 ? THR A 45 ? ARG A 49  THR A 62  1 ? 14 
HELX_P HELX_P3 3 THR A 55 ? ASN A 83 ? THR A 72  ASN A 100 1 ? 29 
HELX_P HELX_P4 4 VAL A 84 ? LEU A 93 ? VAL A 101 LEU A 110 1 ? 10 
HELX_P HELX_P5 5 ASP B 4  ? GLU B 29 ? ASP B 21  GLU B 46  1 ? 26 
HELX_P HELX_P6 6 ARG B 32 ? THR B 45 ? ARG B 49  THR B 62  1 ? 14 
HELX_P HELX_P7 7 THR B 55 ? VAL B 84 ? THR B 72  VAL B 101 1 ? 30 
HELX_P HELX_P8 8 VAL B 84 ? ASN B 92 ? VAL B 101 ASN B 109 1 ? 9  
# 
_struct_conf_type.id          HELX_P 
_struct_conf_type.criteria    ? 
_struct_conf_type.reference   ? 
# 
loop_
_struct_conn.id 
_struct_conn.conn_type_id 
_struct_conn.pdbx_leaving_atom_flag 
_struct_conn.pdbx_PDB_id 
_struct_conn.ptnr1_label_asym_id 
_struct_conn.ptnr1_label_comp_id 
_struct_conn.ptnr1_label_seq_id 
_struct_conn.ptnr1_label_atom_id 
_struct_conn.pdbx_ptnr1_label_alt_id 
_struct_conn.pdbx_ptnr1_PDB_ins_code 
_struct_conn.pdbx_ptnr1_standard_comp_id 
_struct_conn.ptnr1_symmetry 
_struct_conn.ptnr2_label_asym_id 
_struct_conn.ptnr2_label_comp_id 
_struct_conn.ptnr2_label_seq_id 
_struct_conn.ptnr2_label_atom_id 
_struct_conn.pdbx_ptnr2_label_alt_id 
_struct_conn.pdbx_ptnr2_PDB_ins_code 
_struct_conn.ptnr1_auth_asym_id 
_struct_conn.ptnr1_auth_comp_id 
_struct_conn.ptnr1_auth_seq_id 
_struct_conn.ptnr2_auth_asym_id 
_struct_conn.ptnr2_auth_comp_id 
_struct_conn.ptnr2_auth_seq_id 
_struct_conn.ptnr2_symmetry 
_struct_conn.pdbx_ptnr3_label_atom_id 
_struct_conn.pdbx_ptnr3_label_seq_id 
_struct_conn.pdbx_ptnr3_label_comp_id 
_struct_conn.pdbx_ptnr3_label_asym_id 
_struct_conn.pdbx_ptnr3_label_alt_id 
_struct_conn.pdbx_ptnr3_PDB_ins_code 
_struct_conn.details 
_struct_conn.pdbx_dist_value 
_struct_conn.pdbx_value_order 
_struct_conn.pdbx_role 
metalc1  metalc ? ? A THR 46 O   ? ? ? 1_555 D CS . CS ? ? A THR 63 A CS 202 1_555 ? ? ? ? ? ? ? 2.942 ? ? 
metalc2  metalc ? ? A VAL 47 O   ? ? ? 1_555 C CS . CS ? ? A VAL 64 A CS 201 1_555 ? ? ? ? ? ? ? 3.441 ? ? 
metalc3  metalc ? ? A VAL 47 O   ? ? ? 1_555 D CS . CS ? ? A VAL 64 A CS 202 1_555 ? ? ? ? ? ? ? 2.843 ? ? 
metalc4  metalc ? ? A GLY 48 O   ? ? ? 1_555 C CS . CS ? ? A GLY 65 A CS 201 1_555 ? ? ? ? ? ? ? 3.319 ? ? 
metalc5  metalc ? ? B THR 46 O   ? ? ? 1_555 M CS . CS ? ? B THR 63 B CS 202 1_555 ? ? ? ? ? ? ? 2.939 ? ? 
metalc6  metalc ? ? B THR 46 OG1 ? ? ? 1_555 N CS . CS ? ? B THR 63 B CS 203 1_555 ? ? ? ? ? ? ? 2.819 ? ? 
metalc7  metalc ? ? B THR 46 O   ? ? ? 1_555 N CS . CS ? ? B THR 63 B CS 203 1_555 ? ? ? ? ? ? ? 3.171 ? ? 
metalc8  metalc ? ? B VAL 47 O   ? ? ? 1_555 L CS . CS ? ? B VAL 64 B CS 201 1_555 ? ? ? ? ? ? ? 3.435 ? ? 
metalc9  metalc ? ? B VAL 47 O   ? ? ? 1_555 M CS . CS ? ? B VAL 64 B CS 202 1_555 ? ? ? ? ? ? ? 2.836 ? ? 
metalc10 metalc ? ? B GLY 48 O   ? ? ? 1_555 L CS . CS ? ? B GLY 65 B CS 201 1_555 ? ? ? ? ? ? ? 3.396 ? ? 
# 
_struct_conn_type.id          metalc 
_struct_conn_type.criteria    ? 
_struct_conn_type.reference   ? 
# 
loop_
_struct_site.id 
_struct_site.pdbx_evidence_code 
_struct_site.pdbx_auth_asym_id 
_struct_site.pdbx_auth_comp_id 
_struct_site.pdbx_auth_seq_id 
_struct_site.pdbx_auth_ins_code 
_struct_site.pdbx_num_residues 
_struct_site.details 
AC1 Software A CS  201 ? 12 'BINDING SITE FOR RESIDUE CS A 201'  
AC2 Software A CS  202 ? 12 'BINDING SITE FOR RESIDUE CS A 202'  
AC3 Software A MPD 203 ? 2  'BINDING SITE FOR RESIDUE MPD A 203' 
AC4 Software A MPD 204 ? 6  'BINDING SITE FOR RESIDUE MPD A 204' 
AC5 Software A GLY 206 ? 1  'BINDING SITE FOR RESIDUE GLY A 206' 
AC6 Software A GLY 207 ? 2  'BINDING SITE FOR RESIDUE GLY A 207' 
AC7 Software A GLY 208 ? 3  'BINDING SITE FOR RESIDUE GLY A 208' 
AC8 Software A GLY 209 ? 3  'BINDING SITE FOR RESIDUE GLY A 209' 
AC9 Software B CS  201 ? 12 'BINDING SITE FOR RESIDUE CS B 201'  
BC1 Software B CS  202 ? 12 'BINDING SITE FOR RESIDUE CS B 202'  
BC2 Software B CS  203 ? 4  'BINDING SITE FOR RESIDUE CS B 203'  
BC3 Software B GLY 205 ? 3  'BINDING SITE FOR RESIDUE GLY B 205' 
BC4 Software B GLY 206 ? 4  'BINDING SITE FOR RESIDUE GLY B 206' 
BC5 Software B GLY 207 ? 6  'BINDING SITE FOR RESIDUE GLY B 207' 
BC6 Software B GLY 208 ? 2  'BINDING SITE FOR RESIDUE GLY B 208' 
BC7 Software B GLY 209 ? 3  'BINDING SITE FOR RESIDUE GLY B 209' 
# 
loop_
_struct_site_gen.id 
_struct_site_gen.site_id 
_struct_site_gen.pdbx_num_res 
_struct_site_gen.label_comp_id 
_struct_site_gen.label_asym_id 
_struct_site_gen.label_seq_id 
_struct_site_gen.pdbx_auth_ins_code 
_struct_site_gen.auth_comp_id 
_struct_site_gen.auth_asym_id 
_struct_site_gen.auth_seq_id 
_struct_site_gen.label_atom_id 
_struct_site_gen.label_alt_id 
_struct_site_gen.symmetry 
_struct_site_gen.details 
1  AC1 12 VAL A 47 ? VAL A 64  . ? 4_575 ? 
2  AC1 12 VAL A 47 ? VAL A 64  . ? 2_775 ? 
3  AC1 12 VAL A 47 ? VAL A 64  . ? 1_555 ? 
4  AC1 12 VAL A 47 ? VAL A 64  . ? 3_755 ? 
5  AC1 12 GLY A 48 ? GLY A 65  . ? 4_575 ? 
6  AC1 12 GLY A 48 ? GLY A 65  . ? 2_775 ? 
7  AC1 12 GLY A 48 ? GLY A 65  . ? 3_755 ? 
8  AC1 12 GLY A 48 ? GLY A 65  . ? 1_555 ? 
9  AC1 12 CS  D .  ? CS  A 202 . ? 2_775 ? 
10 AC1 12 CS  D .  ? CS  A 202 . ? 3_755 ? 
11 AC1 12 CS  D .  ? CS  A 202 . ? 4_575 ? 
12 AC1 12 CS  D .  ? CS  A 202 . ? 1_555 ? 
13 AC2 12 THR A 46 ? THR A 63  . ? 4_575 ? 
14 AC2 12 THR A 46 ? THR A 63  . ? 1_555 ? 
15 AC2 12 THR A 46 ? THR A 63  . ? 3_755 ? 
16 AC2 12 THR A 46 ? THR A 63  . ? 2_775 ? 
17 AC2 12 VAL A 47 ? VAL A 64  . ? 2_775 ? 
18 AC2 12 VAL A 47 ? VAL A 64  . ? 3_755 ? 
19 AC2 12 VAL A 47 ? VAL A 64  . ? 4_575 ? 
20 AC2 12 VAL A 47 ? VAL A 64  . ? 1_555 ? 
21 AC2 12 CS  C .  ? CS  A 201 . ? 4_575 ? 
22 AC2 12 CS  C .  ? CS  A 201 . ? 3_755 ? 
23 AC2 12 CS  C .  ? CS  A 201 . ? 2_775 ? 
24 AC2 12 CS  C .  ? CS  A 201 . ? 1_555 ? 
25 AC3 2  THR A 17 ? THR A 34  . ? 1_555 ? 
26 AC3 2  SER A 20 ? SER A 37  . ? 1_555 ? 
27 AC4 6  PHE A 39 ? PHE A 56  . ? 1_555 ? 
28 AC4 6  PRO A 51 ? PRO A 68  . ? 1_555 ? 
29 AC4 6  PRO A 52 ? PRO A 69  . ? 1_555 ? 
30 AC4 6  PRO A 53 ? PRO A 70  . ? 1_555 ? 
31 AC4 6  GLN A 54 ? GLN A 71  . ? 1_555 ? 
32 AC4 6  GLY I .  ? GLY A 207 . ? 1_555 ? 
33 AC5 1  HOH V .  ? HOH A 322 . ? 1_555 ? 
34 AC6 2  ASP A 35 ? ASP A 52  . ? 1_555 ? 
35 AC6 2  MPD F .  ? MPD A 204 . ? 1_555 ? 
36 AC7 3  GLU A 29 ? GLU A 46  . ? 1_555 ? 
37 AC7 3  GLY A 30 ? GLY A 47  . ? 1_555 ? 
38 AC7 3  LEU A 31 ? LEU A 48  . ? 1_555 ? 
39 AC8 3  SER A 26 ? SER A 43  . ? 1_555 ? 
40 AC8 3  GLY A 30 ? GLY A 47  . ? 1_555 ? 
41 AC8 3  LEU A 31 ? LEU A 48  . ? 1_555 ? 
42 AC9 12 VAL B 47 ? VAL B 64  . ? 1_555 ? 
43 AC9 12 VAL B 47 ? VAL B 64  . ? 3_755 ? 
44 AC9 12 VAL B 47 ? VAL B 64  . ? 2_775 ? 
45 AC9 12 VAL B 47 ? VAL B 64  . ? 4_575 ? 
46 AC9 12 GLY B 48 ? GLY B 65  . ? 3_755 ? 
47 AC9 12 GLY B 48 ? GLY B 65  . ? 4_575 ? 
48 AC9 12 GLY B 48 ? GLY B 65  . ? 1_555 ? 
49 AC9 12 GLY B 48 ? GLY B 65  . ? 2_775 ? 
50 AC9 12 CS  M .  ? CS  B 202 . ? 3_755 ? 
51 AC9 12 CS  M .  ? CS  B 202 . ? 4_575 ? 
52 AC9 12 CS  M .  ? CS  B 202 . ? 2_775 ? 
53 AC9 12 CS  M .  ? CS  B 202 . ? 1_555 ? 
54 BC1 12 THR B 46 ? THR B 63  . ? 1_555 ? 
55 BC1 12 THR B 46 ? THR B 63  . ? 4_575 ? 
56 BC1 12 THR B 46 ? THR B 63  . ? 3_755 ? 
57 BC1 12 THR B 46 ? THR B 63  . ? 2_775 ? 
58 BC1 12 VAL B 47 ? VAL B 64  . ? 1_555 ? 
59 BC1 12 VAL B 47 ? VAL B 64  . ? 3_755 ? 
60 BC1 12 VAL B 47 ? VAL B 64  . ? 4_575 ? 
61 BC1 12 VAL B 47 ? VAL B 64  . ? 2_775 ? 
62 BC1 12 CS  L .  ? CS  B 201 . ? 2_775 ? 
63 BC1 12 CS  L .  ? CS  B 201 . ? 3_755 ? 
64 BC1 12 CS  L .  ? CS  B 201 . ? 4_575 ? 
65 BC1 12 CS  L .  ? CS  B 201 . ? 1_555 ? 
66 BC2 4  THR B 46 ? THR B 63  . ? 1_555 ? 
67 BC2 4  THR B 46 ? THR B 63  . ? 4_575 ? 
68 BC2 4  THR B 46 ? THR B 63  . ? 3_755 ? 
69 BC2 4  THR B 46 ? THR B 63  . ? 2_775 ? 
70 BC3 3  PRO B 51 ? PRO B 68  . ? 1_555 ? 
71 BC3 3  PRO B 52 ? PRO B 69  . ? 1_555 ? 
72 BC3 3  GLY Q .  ? GLY B 206 . ? 1_555 ? 
73 BC4 4  ASP B 35 ? ASP B 52  . ? 1_555 ? 
74 BC4 4  THR B 50 ? THR B 67  . ? 1_555 ? 
75 BC4 4  GLY P .  ? GLY B 205 . ? 1_555 ? 
76 BC4 4  HOH W .  ? HOH B 327 . ? 1_555 ? 
77 BC5 6  ARG A 32 ? ARG A 49  . ? 5_454 ? 
78 BC5 6  ASP A 56 ? ASP A 73  . ? 7_654 ? 
79 BC5 6  SER B 91 ? SER B 108 . ? 1_555 ? 
80 BC5 6  VAL B 94 ? VAL B 111 . ? 1_555 ? 
81 BC5 6  ARG B 96 ? ARG B 113 . ? 1_555 ? 
82 BC5 6  HOH W .  ? HOH B 333 . ? 1_555 ? 
83 BC6 2  ASN A 92 ? ASN A 109 . ? 2_774 ? 
84 BC6 2  HOH W .  ? HOH B 340 . ? 1_555 ? 
85 BC7 3  PHE B 74 ? PHE B 91  . ? 4_575 ? 
86 BC7 3  HIS B 78 ? HIS B 95  . ? 1_555 ? 
87 BC7 3  HOH W .  ? HOH B 305 . ? 1_555 ? 
# 
_atom_sites.entry_id                    4R6Z 
_atom_sites.fract_transf_matrix[1][1]   0.00179125 
_atom_sites.fract_transf_matrix[1][2]   0.00931394 
_atom_sites.fract_transf_matrix[1][3]   -0.01119024 
_atom_sites.fract_transf_matrix[2][1]   -0.00548414 
_atom_sites.fract_transf_matrix[2][2]   -0.01001253 
_atom_sites.fract_transf_matrix[2][3]   -0.00921157 
_atom_sites.fract_transf_matrix[3][1]   -0.01017053 
_atom_sites.fract_transf_matrix[3][2]   0.00400311 
_atom_sites.fract_transf_matrix[3][3]   0.00170388 
_atom_sites.fract_transf_vector[1]      0.895740 
_atom_sites.fract_transf_vector[2]      0.860488 
_atom_sites.fract_transf_vector[3]      0.484431 
# 
loop_
_atom_type.symbol 
C  
CS 
N  
O  
# 
loop_
_atom_site.group_PDB 
_atom_site.id 
_atom_site.type_symbol 
_atom_site.label_atom_id 
_atom_site.label_alt_id 
_atom_site.label_comp_id 
_atom_site.label_asym_id 
_atom_site.label_entity_id 
_atom_site.label_seq_id 
_atom_site.pdbx_PDB_ins_code 
_atom_site.Cartn_x 
_atom_site.Cartn_y 
_atom_site.Cartn_z 
_atom_site.occupancy 
_atom_site.B_iso_or_equiv 
_atom_site.pdbx_formal_charge 
_atom_site.auth_seq_id 
_atom_site.auth_comp_id 
_atom_site.auth_asym_id 
_atom_site.auth_atom_id 
_atom_site.pdbx_PDB_model_num 
ATOM   1    N  N   . PHE A 1 7  ? -32.579 26.542  4.951   1.00 63.28 ? 24  PHE A N   1 
ATOM   2    C  CA  . PHE A 1 7  ? -31.422 26.518  3.993   1.00 69.17 ? 24  PHE A CA  1 
ATOM   3    C  C   . PHE A 1 7  ? -30.132 26.624  4.793   1.00 70.66 ? 24  PHE A C   1 
ATOM   4    O  O   . PHE A 1 7  ? -29.270 25.743  4.716   1.00 78.30 ? 24  PHE A O   1 
ATOM   5    C  CB  . PHE A 1 7  ? -31.524 27.635  2.933   1.00 72.53 ? 24  PHE A CB  1 
ATOM   6    N  N   . GLN A 1 8  ? -30.041 27.662  5.616   1.00 63.69 ? 25  GLN A N   1 
ATOM   7    C  CA  . GLN A 1 8  ? -28.996 27.789  6.632   1.00 67.78 ? 25  GLN A CA  1 
ATOM   8    C  C   . GLN A 1 8  ? -28.876 26.577  7.572   1.00 60.78 ? 25  GLN A C   1 
ATOM   9    O  O   . GLN A 1 8  ? -27.757 26.182  7.918   1.00 67.84 ? 25  GLN A O   1 
ATOM   10   C  CB  . GLN A 1 8  ? -29.235 29.069  7.463   1.00 78.66 ? 25  GLN A CB  1 
ATOM   11   N  N   . VAL A 1 9  ? -29.984 25.982  7.987   1.00 60.72 ? 26  VAL A N   1 
ATOM   12   C  CA  . VAL A 1 9  ? -29.881 24.855  8.943   1.00 69.51 ? 26  VAL A CA  1 
ATOM   13   C  C   . VAL A 1 9  ? -29.293 23.569  8.310   1.00 73.11 ? 26  VAL A C   1 
ATOM   14   O  O   . VAL A 1 9  ? -28.406 22.932  8.913   1.00 69.32 ? 26  VAL A O   1 
ATOM   15   C  CB  . VAL A 1 9  ? -31.219 24.543  9.645   1.00 70.34 ? 26  VAL A CB  1 
ATOM   16   C  CG1 . VAL A 1 9  ? -31.166 23.193  10.350  1.00 77.40 ? 26  VAL A CG1 1 
ATOM   17   C  CG2 . VAL A 1 9  ? -31.523 25.614  10.681  1.00 81.78 ? 26  VAL A CG2 1 
ATOM   18   N  N   . LEU A 1 10 ? -29.822 23.182  7.134   1.00 81.64 ? 27  LEU A N   1 
ATOM   19   C  CA  . LEU A 1 10 ? -29.353 21.993  6.377   1.00 75.97 ? 27  LEU A CA  1 
ATOM   20   C  C   . LEU A 1 10 ? -27.879 22.166  5.974   1.00 72.66 ? 27  LEU A C   1 
ATOM   21   O  O   . LEU A 1 10 ? -27.119 21.206  6.040   1.00 73.24 ? 27  LEU A O   1 
ATOM   22   C  CB  . LEU A 1 10 ? -30.230 21.732  5.134   1.00 71.68 ? 27  LEU A CB  1 
ATOM   23   N  N   . PHE A 1 11 ? -27.500 23.385  5.564   1.00 65.65 ? 28  PHE A N   1 
ATOM   24   C  CA  . PHE A 1 11 ? -26.099 23.767  5.351   1.00 71.17 ? 28  PHE A CA  1 
ATOM   25   C  C   . PHE A 1 11 ? -25.220 23.490  6.573   1.00 71.96 ? 28  PHE A C   1 
ATOM   26   O  O   . PHE A 1 11 ? -24.139 22.938  6.451   1.00 70.62 ? 28  PHE A O   1 
ATOM   27   C  CB  . PHE A 1 11 ? -25.971 25.250  4.980   1.00 71.45 ? 28  PHE A CB  1 
ATOM   28   C  CG  . PHE A 1 11 ? -24.565 25.655  4.643   1.00 67.47 ? 28  PHE A CG  1 
ATOM   29   C  CD1 . PHE A 1 11 ? -24.082 25.535  3.344   1.00 72.41 ? 28  PHE A CD1 1 
ATOM   30   C  CD2 . PHE A 1 11 ? -23.706 26.134  5.633   1.00 74.92 ? 28  PHE A CD2 1 
ATOM   31   C  CE1 . PHE A 1 11 ? -22.769 25.882  3.029   1.00 72.18 ? 28  PHE A CE1 1 
ATOM   32   C  CE2 . PHE A 1 11 ? -22.389 26.492  5.330   1.00 70.47 ? 28  PHE A CE2 1 
ATOM   33   C  CZ  . PHE A 1 11 ? -21.920 26.360  4.023   1.00 75.44 ? 28  PHE A CZ  1 
ATOM   34   N  N   . VAL A 1 12 ? -25.672 23.876  7.749   1.00 66.09 ? 29  VAL A N   1 
ATOM   35   C  CA  . VAL A 1 12 ? -24.918 23.544  8.956   1.00 63.55 ? 29  VAL A CA  1 
ATOM   36   C  C   . VAL A 1 12 ? -24.801 22.036  9.178   1.00 62.11 ? 29  VAL A C   1 
ATOM   37   O  O   . VAL A 1 12 ? -23.700 21.506  9.395   1.00 57.96 ? 29  VAL A O   1 
ATOM   38   C  CB  . VAL A 1 12 ? -25.453 24.266  10.231  1.00 59.35 ? 29  VAL A CB  1 
ATOM   39   C  CG1 . VAL A 1 12 ? -24.782 23.716  11.486  1.00 53.21 ? 29  VAL A CG1 1 
ATOM   40   C  CG2 . VAL A 1 12 ? -25.150 25.758  10.132  1.00 55.03 ? 29  VAL A CG2 1 
ATOM   41   N  N   . LEU A 1 13 ? -25.906 21.323  9.113   1.00 56.65 ? 30  LEU A N   1 
ATOM   42   C  CA  . LEU A 1 13 ? -25.808 19.888  9.335   1.00 57.59 ? 30  LEU A CA  1 
ATOM   43   C  C   . LEU A 1 13 ? -24.885 19.156  8.321   1.00 47.13 ? 30  LEU A C   1 
ATOM   44   O  O   . LEU A 1 13 ? -24.324 18.080  8.617   1.00 36.57 ? 30  LEU A O   1 
ATOM   45   C  CB  . LEU A 1 13 ? -27.190 19.271  9.264   1.00 66.68 ? 30  LEU A CB  1 
ATOM   46   C  CG  . LEU A 1 13 ? -28.135 19.579  10.418  1.00 66.91 ? 30  LEU A CG  1 
ATOM   47   C  CD1 . LEU A 1 13 ? -29.581 19.404  9.987   1.00 71.74 ? 30  LEU A CD1 1 
ATOM   48   C  CD2 . LEU A 1 13 ? -27.772 18.666  11.570  1.00 69.12 ? 30  LEU A CD2 1 
ATOM   49   N  N   . THR A 1 14 ? -24.824 19.699  7.110   1.00 45.90 ? 31  THR A N   1 
ATOM   50   C  CA  . THR A 1 14 ? -24.116 19.070  5.996   1.00 47.79 ? 31  THR A CA  1 
ATOM   51   C  C   . THR A 1 14 ? -22.643 19.292  6.286   1.00 46.87 ? 31  THR A C   1 
ATOM   52   O  O   . THR A 1 14 ? -21.892 18.357  6.348   1.00 45.78 ? 31  THR A O   1 
ATOM   53   C  CB  . THR A 1 14 ? -24.554 19.633  4.605   1.00 51.00 ? 31  THR A CB  1 
ATOM   54   O  OG1 . THR A 1 14 ? -25.855 19.132  4.247   1.00 51.26 ? 31  THR A OG1 1 
ATOM   55   C  CG2 . THR A 1 14 ? -23.593 19.227  3.475   1.00 46.21 ? 31  THR A CG2 1 
ATOM   56   N  N   . ILE A 1 15 ? -22.271 20.542  6.547   1.00 53.70 ? 32  ILE A N   1 
ATOM   57   C  CA  . ILE A 1 15 ? -20.914 20.903  6.888   1.00 46.90 ? 32  ILE A CA  1 
ATOM   58   C  C   . ILE A 1 15 ? -20.415 20.092  8.073   1.00 44.77 ? 32  ILE A C   1 
ATOM   59   O  O   . ILE A 1 15 ? -19.337 19.479  8.029   1.00 47.35 ? 32  ILE A O   1 
ATOM   60   C  CB  . ILE A 1 15 ? -20.794 22.438  7.115   1.00 53.76 ? 32  ILE A CB  1 
ATOM   61   C  CG1 . ILE A 1 15 ? -21.142 23.204  5.831   1.00 54.47 ? 32  ILE A CG1 1 
ATOM   62   C  CG2 . ILE A 1 15 ? -19.396 22.844  7.584   1.00 52.07 ? 32  ILE A CG2 1 
ATOM   63   C  CD1 . ILE A 1 15 ? -20.338 22.817  4.591   1.00 62.26 ? 32  ILE A CD1 1 
ATOM   64   N  N   . LEU A 1 16 ? -21.208 20.014  9.119   1.00 43.64 ? 33  LEU A N   1 
ATOM   65   C  CA  . LEU A 1 16 ? -20.790 19.185  10.271  1.00 49.00 ? 33  LEU A CA  1 
ATOM   66   C  C   . LEU A 1 16 ? -20.597 17.712  9.918   1.00 46.85 ? 33  LEU A C   1 
ATOM   67   O  O   . LEU A 1 16 ? -19.698 17.048  10.490  1.00 47.27 ? 33  LEU A O   1 
ATOM   68   C  CB  . LEU A 1 16 ? -21.782 19.231  11.440  1.00 52.13 ? 33  LEU A CB  1 
ATOM   69   C  CG  . LEU A 1 16 ? -21.450 20.272  12.518  1.00 58.49 ? 33  LEU A CG  1 
ATOM   70   C  CD1 . LEU A 1 16 ? -21.509 21.706  11.999  1.00 61.81 ? 33  LEU A CD1 1 
ATOM   71   C  CD2 . LEU A 1 16 ? -22.377 20.084  13.711  1.00 61.65 ? 33  LEU A CD2 1 
ATOM   72   N  N   . THR A 1 17 ? -21.474 17.185  9.043   1.00 44.68 ? 34  THR A N   1 
ATOM   73   C  CA  . THR A 1 17 ? -21.359 15.778  8.605   1.00 37.78 ? 34  THR A CA  1 
ATOM   74   C  C   . THR A 1 17 ? -20.033 15.582  7.840   1.00 33.75 ? 34  THR A C   1 
ATOM   75   O  O   . THR A 1 17 ? -19.374 14.556  7.946   1.00 39.81 ? 34  THR A O   1 
ATOM   76   C  CB  . THR A 1 17 ? -22.551 15.357  7.712   1.00 43.01 ? 34  THR A CB  1 
ATOM   77   O  OG1 . THR A 1 17 ? -23.807 15.620  8.359   1.00 42.71 ? 34  THR A OG1 1 
ATOM   78   C  CG2 . THR A 1 17 ? -22.441 13.846  7.358   1.00 41.10 ? 34  THR A CG2 1 
ATOM   79   N  N   . LEU A 1 18 ? -19.679 16.576  7.026   1.00 35.82 ? 35  LEU A N   1 
ATOM   80   C  CA  . LEU A 1 18 ? -18.488 16.543  6.176   1.00 35.39 ? 35  LEU A CA  1 
ATOM   81   C  C   . LEU A 1 18 ? -17.225 16.666  6.963   1.00 35.43 ? 35  LEU A C   1 
ATOM   82   O  O   . LEU A 1 18 ? -16.310 15.890  6.716   1.00 33.73 ? 35  LEU A O   1 
ATOM   83   C  CB  . LEU A 1 18 ? -18.552 17.609  5.040   1.00 37.99 ? 35  LEU A CB  1 
ATOM   84   C  CG  . LEU A 1 18 ? -19.612 17.398  3.950   1.00 38.72 ? 35  LEU A CG  1 
ATOM   85   C  CD1 . LEU A 1 18 ? -19.487 18.425  2.810   1.00 40.03 ? 35  LEU A CD1 1 
ATOM   86   C  CD2 . LEU A 1 18 ? -19.575 15.974  3.391   1.00 31.86 ? 35  LEU A CD2 1 
ATOM   87   N  N   . ILE A 1 19 ? -17.172 17.589  7.941   1.00 40.21 ? 36  ILE A N   1 
ATOM   88   C  CA  . ILE A 1 19 ? -16.047 17.634  8.871   1.00 40.14 ? 36  ILE A CA  1 
ATOM   89   C  C   . ILE A 1 19 ? -15.893 16.355  9.697   1.00 41.45 ? 36  ILE A C   1 
ATOM   90   O  O   . ILE A 1 19 ? -14.755 15.894  9.929   1.00 35.04 ? 36  ILE A O   1 
ATOM   91   C  CB  . ILE A 1 19 ? -15.992 18.880  9.785   1.00 49.54 ? 36  ILE A CB  1 
ATOM   92   C  CG1 . ILE A 1 19 ? -16.168 18.472  11.218  1.00 55.37 ? 36  ILE A CG1 1 
ATOM   93   C  CG2 . ILE A 1 19 ? -16.987 19.951  9.374   1.00 48.79 ? 36  ILE A CG2 1 
ATOM   94   C  CD1 . ILE A 1 19 ? -15.779 19.564  12.176  1.00 72.64 ? 36  ILE A CD1 1 
ATOM   95   N  N   . SER A 1 20 ? -16.972 15.751  10.181  1.00 41.34 ? 37  SER A N   1 
ATOM   96   C  CA  . SER A 1 20 ? -16.761 14.440  10.834  1.00 38.32 ? 37  SER A CA  1 
ATOM   97   C  C   . SER A 1 20 ? -16.032 13.433  9.929   1.00 39.46 ? 37  SER A C   1 
ATOM   98   O  O   . SER A 1 20 ? -15.223 12.639  10.406  1.00 35.44 ? 37  SER A O   1 
ATOM   99   C  CB  . SER A 1 20 ? -18.061 13.800  11.266  1.00 40.16 ? 37  SER A CB  1 
ATOM   100  O  OG  . SER A 1 20 ? -17.830 12.669  12.115  1.00 39.70 ? 37  SER A OG  1 
ATOM   101  N  N   . GLY A 1 21 ? -16.447 13.392  8.660   1.00 36.43 ? 38  GLY A N   1 
ATOM   102  C  CA  . GLY A 1 21 ? -15.892 12.483  7.724   1.00 33.17 ? 38  GLY A CA  1 
ATOM   103  C  C   . GLY A 1 21 ? -14.468 12.797  7.441   1.00 34.81 ? 38  GLY A C   1 
ATOM   104  O  O   . GLY A 1 21 ? -13.616 11.893  7.525   1.00 35.27 ? 38  GLY A O   1 
ATOM   105  N  N   . THR A 1 22 ? -14.168 14.086  7.210   1.00 35.30 ? 39  THR A N   1 
ATOM   106  C  CA  . THR A 1 22 ? -12.766 14.518  7.044   1.00 34.92 ? 39  THR A CA  1 
ATOM   107  C  C   . THR A 1 22 ? -11.800 14.082  8.168   1.00 38.52 ? 39  THR A C   1 
ATOM   108  O  O   . THR A 1 22 ? -10.686 13.609  7.896   1.00 34.94 ? 39  THR A O   1 
ATOM   109  C  CB  . THR A 1 22 ? -12.692 16.027  6.785   1.00 34.22 ? 39  THR A CB  1 
ATOM   110  O  OG1 . THR A 1 22 ? -13.714 16.333  5.868   1.00 37.19 ? 39  THR A OG1 1 
ATOM   111  C  CG2 . THR A 1 22 ? -11.345 16.456  6.183   1.00 31.29 ? 39  THR A CG2 1 
ATOM   112  N  N   . ILE A 1 23 ? -12.236 14.235  9.412   1.00 36.52 ? 40  ILE A N   1 
ATOM   113  C  CA  . ILE A 1 23 ? -11.439 13.868  10.626  1.00 37.21 ? 40  ILE A CA  1 
ATOM   114  C  C   . ILE A 1 23 ? -11.347 12.332  10.670  1.00 37.19 ? 40  ILE A C   1 
ATOM   115  O  O   . ILE A 1 23 ? -10.251 11.710  10.805  1.00 36.07 ? 40  ILE A O   1 
ATOM   116  C  CB  . ILE A 1 23 ? -12.116 14.471  11.909  1.00 37.55 ? 40  ILE A CB  1 
ATOM   117  C  CG1 . ILE A 1 23 ? -11.898 15.964  11.966  1.00 41.55 ? 40  ILE A CG1 1 
ATOM   118  C  CG2 . ILE A 1 23 ? -11.605 13.882  13.213  1.00 39.27 ? 40  ILE A CG2 1 
ATOM   119  C  CD1 . ILE A 1 23 ? -12.967 16.683  12.792  1.00 48.98 ? 40  ILE A CD1 1 
ATOM   120  N  N   . PHE A 1 24 ? -12.476 11.677  10.453  1.00 34.65 ? 41  PHE A N   1 
ATOM   121  C  CA  . PHE A 1 24 ? -12.434 10.201  10.445  1.00 30.62 ? 41  PHE A CA  1 
ATOM   122  C  C   . PHE A 1 24 ? -11.475 9.596   9.498   1.00 30.79 ? 41  PHE A C   1 
ATOM   123  O  O   . PHE A 1 24 ? -10.637 8.789   9.905   1.00 36.26 ? 41  PHE A O   1 
ATOM   124  C  CB  . PHE A 1 24 ? -13.776 9.564   10.213  1.00 28.71 ? 41  PHE A CB  1 
ATOM   125  C  CG  . PHE A 1 24 ? -13.719 8.086   10.340  1.00 28.30 ? 41  PHE A CG  1 
ATOM   126  C  CD1 . PHE A 1 24 ? -13.696 7.481   11.573  1.00 30.44 ? 41  PHE A CD1 1 
ATOM   127  C  CD2 . PHE A 1 24 ? -13.517 7.309   9.230   1.00 33.24 ? 41  PHE A CD2 1 
ATOM   128  C  CE1 . PHE A 1 24 ? -13.602 6.109   11.713  1.00 28.83 ? 41  PHE A CE1 1 
ATOM   129  C  CE2 . PHE A 1 24 ? -13.383 5.934   9.361   1.00 32.01 ? 41  PHE A CE2 1 
ATOM   130  C  CZ  . PHE A 1 24 ? -13.475 5.350   10.590  1.00 30.46 ? 41  PHE A CZ  1 
ATOM   131  N  N   . TYR A 1 25 ? -11.647 9.891   8.204   1.00 33.62 ? 42  TYR A N   1 
ATOM   132  C  CA  . TYR A 1 25 ? -10.813 9.284   7.191   1.00 34.03 ? 42  TYR A CA  1 
ATOM   133  C  C   . TYR A 1 25 ? -9.380  9.782   7.254   1.00 33.93 ? 42  TYR A C   1 
ATOM   134  O  O   . TYR A 1 25 ? -8.474  9.041   6.907   1.00 36.82 ? 42  TYR A O   1 
ATOM   135  C  CB  . TYR A 1 25 ? -11.429 9.388   5.744   1.00 34.73 ? 42  TYR A CB  1 
ATOM   136  C  CG  . TYR A 1 25 ? -12.770 8.699   5.606   1.00 32.55 ? 42  TYR A CG  1 
ATOM   137  C  CD1 . TYR A 1 25 ? -13.949 9.447   5.561   1.00 31.59 ? 42  TYR A CD1 1 
ATOM   138  C  CD2 . TYR A 1 25 ? -12.862 7.321   5.582   1.00 32.64 ? 42  TYR A CD2 1 
ATOM   139  C  CE1 . TYR A 1 25 ? -15.156 8.854   5.499   1.00 38.12 ? 42  TYR A CE1 1 
ATOM   140  C  CE2 . TYR A 1 25 ? -14.105 6.696   5.532   1.00 36.35 ? 42  TYR A CE2 1 
ATOM   141  C  CZ  . TYR A 1 25 ? -15.249 7.479   5.459   1.00 36.54 ? 42  TYR A CZ  1 
ATOM   142  O  OH  . TYR A 1 25 ? -16.510 6.929   5.454   1.00 40.68 ? 42  TYR A OH  1 
ATOM   143  N  N   . SER A 1 26 ? -9.146  11.031  7.666   1.00 41.12 ? 43  SER A N   1 
ATOM   144  C  CA  . SER A 1 26 ? -7.741  11.535  7.760   1.00 40.89 ? 43  SER A CA  1 
ATOM   145  C  C   . SER A 1 26 ? -6.933  10.754  8.781   1.00 42.35 ? 43  SER A C   1 
ATOM   146  O  O   . SER A 1 26 ? -5.762  10.450  8.577   1.00 44.32 ? 43  SER A O   1 
ATOM   147  C  CB  . SER A 1 26 ? -7.630  13.053  7.971   1.00 40.10 ? 43  SER A CB  1 
ATOM   148  O  OG  . SER A 1 26 ? -8.557  13.500  8.912   1.00 58.92 ? 43  SER A OG  1 
ATOM   149  N  N   . THR A 1 27 ? -7.584  10.364  9.854   1.00 42.76 ? 44  THR A N   1 
ATOM   150  C  CA  . THR A 1 27 ? -6.943  9.672   10.944  1.00 42.18 ? 44  THR A CA  1 
ATOM   151  C  C   . THR A 1 27 ? -6.883  8.140   10.813  1.00 38.92 ? 44  THR A C   1 
ATOM   152  O  O   . THR A 1 27 ? -5.843  7.539   10.951  1.00 42.43 ? 44  THR A O   1 
ATOM   153  C  CB  . THR A 1 27 ? -7.698  10.086  12.226  1.00 43.73 ? 44  THR A CB  1 
ATOM   154  O  OG1 . THR A 1 27 ? -7.294  11.423  12.617  1.00 35.36 ? 44  THR A OG1 1 
ATOM   155  C  CG2 . THR A 1 27 ? -7.414  9.079   13.368  1.00 48.02 ? 44  THR A CG2 1 
ATOM   156  N  N   . VAL A 1 28 ? -8.026  7.518   10.567  1.00 45.58 ? 45  VAL A N   1 
ATOM   157  C  CA  . VAL A 1 28 ? -8.136  6.033   10.458  1.00 38.86 ? 45  VAL A CA  1 
ATOM   158  C  C   . VAL A 1 28 ? -7.667  5.478   9.108   1.00 38.47 ? 45  VAL A C   1 
ATOM   159  O  O   . VAL A 1 28 ? -7.061  4.403   9.057   1.00 41.74 ? 45  VAL A O   1 
ATOM   160  C  CB  . VAL A 1 28 ? -9.597  5.612   10.726  1.00 42.45 ? 45  VAL A CB  1 
ATOM   161  C  CG1 . VAL A 1 28 ? -9.873  4.171   10.338  1.00 48.10 ? 45  VAL A CG1 1 
ATOM   162  C  CG2 . VAL A 1 28 ? -9.969  5.860   12.200  1.00 41.52 ? 45  VAL A CG2 1 
ATOM   163  N  N   . GLU A 1 29 ? -8.025  6.144   8.000   1.00 43.17 ? 46  GLU A N   1 
ATOM   164  C  CA  . GLU A 1 29 ? -7.557  5.756   6.656   1.00 40.04 ? 46  GLU A CA  1 
ATOM   165  C  C   . GLU A 1 29 ? -6.252  6.434   6.228   1.00 39.33 ? 46  GLU A C   1 
ATOM   166  O  O   . GLU A 1 29 ? -5.646  6.065   5.237   1.00 39.72 ? 46  GLU A O   1 
ATOM   167  C  CB  . GLU A 1 29 ? -8.657  5.988   5.605   1.00 44.47 ? 46  GLU A CB  1 
ATOM   168  C  CG  . GLU A 1 29 ? -9.825  5.008   5.701   1.00 38.68 ? 46  GLU A CG  1 
ATOM   169  C  CD  . GLU A 1 29 ? -9.389  3.561   5.447   1.00 41.82 ? 46  GLU A CD  1 
ATOM   170  O  OE1 . GLU A 1 29 ? -8.514  3.313   4.565   1.00 43.85 ? 46  GLU A OE1 1 
ATOM   171  O  OE2 . GLU A 1 29 ? -9.903  2.648   6.132   1.00 30.10 ? 46  GLU A OE2 1 
ATOM   172  N  N   . GLY A 1 30 ? -5.800  7.391   7.009   1.00 41.03 ? 47  GLY A N   1 
ATOM   173  C  CA  . GLY A 1 30 ? -4.512  8.009   6.807   1.00 46.12 ? 47  GLY A CA  1 
ATOM   174  C  C   . GLY A 1 30 ? -4.481  8.983   5.644   1.00 47.55 ? 47  GLY A C   1 
ATOM   175  O  O   . GLY A 1 30 ? -3.411  9.260   5.101   1.00 48.92 ? 47  GLY A O   1 
ATOM   176  N  N   . LEU A 1 31 ? -5.644  9.504   5.242   1.00 40.81 ? 48  LEU A N   1 
ATOM   177  C  CA  . LEU A 1 31 ? -5.678  10.349  4.058   1.00 34.73 ? 48  LEU A CA  1 
ATOM   178  C  C   . LEU A 1 31 ? -5.329  11.788  4.430   1.00 34.30 ? 48  LEU A C   1 
ATOM   179  O  O   . LEU A 1 31 ? -5.569  12.205  5.520   1.00 33.86 ? 48  LEU A O   1 
ATOM   180  C  CB  . LEU A 1 31 ? -7.029  10.314  3.424   1.00 32.48 ? 48  LEU A CB  1 
ATOM   181  C  CG  . LEU A 1 31 ? -7.599  8.967   2.992   1.00 35.92 ? 48  LEU A CG  1 
ATOM   182  C  CD1 . LEU A 1 31 ? -9.069  9.124   2.579   1.00 32.00 ? 48  LEU A CD1 1 
ATOM   183  C  CD2 . LEU A 1 31 ? -6.764  8.348   1.889   1.00 43.37 ? 48  LEU A CD2 1 
ATOM   184  N  N   . ARG A 1 32 ? -4.749  12.548  3.505   1.00 35.87 ? 49  ARG A N   1 
ATOM   185  C  CA  . ARG A 1 32 ? -4.587  13.966  3.677   1.00 33.24 ? 49  ARG A CA  1 
ATOM   186  C  C   . ARG A 1 32 ? -5.971  14.607  3.738   1.00 33.53 ? 49  ARG A C   1 
ATOM   187  O  O   . ARG A 1 32 ? -6.858  14.233  2.985   1.00 39.40 ? 49  ARG A O   1 
ATOM   188  C  CB  . ARG A 1 32 ? -3.919  14.516  2.436   1.00 35.40 ? 49  ARG A CB  1 
ATOM   189  C  CG  . ARG A 1 32 ? -2.456  14.105  2.266   1.00 32.70 ? 49  ARG A CG  1 
ATOM   190  C  CD  . ARG A 1 32 ? -2.114  14.460  0.812   1.00 36.44 ? 49  ARG A CD  1 
ATOM   191  N  NE  . ARG A 1 32 ? -2.136  15.883  0.555   1.00 35.83 ? 49  ARG A NE  1 
ATOM   192  C  CZ  . ARG A 1 32 ? -2.677  16.475  -0.516  1.00 38.22 ? 49  ARG A CZ  1 
ATOM   193  N  NH1 . ARG A 1 32 ? -3.359  15.807  -1.448  1.00 34.51 ? 49  ARG A NH1 1 
ATOM   194  N  NH2 . ARG A 1 32 ? -2.584  17.784  -0.623  1.00 42.02 ? 49  ARG A NH2 1 
ATOM   195  N  N   . PRO A 1 33 ? -6.165  15.610  4.587   1.00 35.81 ? 50  PRO A N   1 
ATOM   196  C  CA  . PRO A 1 33 ? -7.497  16.157  4.739   1.00 32.62 ? 50  PRO A CA  1 
ATOM   197  C  C   . PRO A 1 33 ? -8.280  16.475  3.452   1.00 38.67 ? 50  PRO A C   1 
ATOM   198  O  O   . PRO A 1 33 ? -9.516  16.369  3.432   1.00 40.78 ? 50  PRO A O   1 
ATOM   199  C  CB  . PRO A 1 33 ? -7.208  17.400  5.549   1.00 35.39 ? 50  PRO A CB  1 
ATOM   200  C  CG  . PRO A 1 33 ? -6.158  16.913  6.534   1.00 32.51 ? 50  PRO A CG  1 
ATOM   201  C  CD  . PRO A 1 33 ? -5.278  16.026  5.698   1.00 36.19 ? 50  PRO A CD  1 
ATOM   202  N  N   . ILE A 1 34 ? -7.613  16.872  2.381   1.00 36.96 ? 51  ILE A N   1 
ATOM   203  C  CA  . ILE A 1 34 ? -8.350  17.258  1.153   1.00 34.41 ? 51  ILE A CA  1 
ATOM   204  C  C   . ILE A 1 34 ? -8.909  15.996  0.543   1.00 31.06 ? 51  ILE A C   1 
ATOM   205  O  O   . ILE A 1 34 ? -10.012 15.992  0.036   1.00 31.23 ? 51  ILE A O   1 
ATOM   206  C  CB  . ILE A 1 34 ? -7.500  18.089  0.139   1.00 34.91 ? 51  ILE A CB  1 
ATOM   207  C  CG1 . ILE A 1 34 ? -8.278  18.515  -1.101  1.00 44.24 ? 51  ILE A CG1 1 
ATOM   208  C  CG2 . ILE A 1 34 ? -6.325  17.294  -0.399  1.00 40.72 ? 51  ILE A CG2 1 
ATOM   209  C  CD1 . ILE A 1 34 ? -9.673  19.081  -0.871  1.00 51.49 ? 51  ILE A CD1 1 
ATOM   210  N  N   . ASP A 1 35 ? -8.153  14.916  0.630   1.00 30.61 ? 52  ASP A N   1 
ATOM   211  C  CA  . ASP A 1 35 ? -8.618  13.621  0.150   1.00 35.60 ? 52  ASP A CA  1 
ATOM   212  C  C   . ASP A 1 35 ? -9.742  12.979  1.015   1.00 30.43 ? 52  ASP A C   1 
ATOM   213  O  O   . ASP A 1 35 ? -10.567 12.276  0.479   1.00 29.53 ? 52  ASP A O   1 
ATOM   214  C  CB  . ASP A 1 35 ? -7.461  12.647  0.087   1.00 34.24 ? 52  ASP A CB  1 
ATOM   215  C  CG  . ASP A 1 35 ? -6.404  13.082  -0.913  1.00 46.27 ? 52  ASP A CG  1 
ATOM   216  O  OD1 . ASP A 1 35 ? -6.772  13.188  -2.101  1.00 47.64 ? 52  ASP A OD1 1 
ATOM   217  O  OD2 . ASP A 1 35 ? -5.215  13.269  -0.532  1.00 51.92 ? 52  ASP A OD2 1 
ATOM   218  N  N   . ALA A 1 36 ? -9.700  13.175  2.325   1.00 27.99 ? 53  ALA A N   1 
ATOM   219  C  CA  . ALA A 1 36 ? -10.705 12.639  3.232   1.00 27.35 ? 53  ALA A CA  1 
ATOM   220  C  C   . ALA A 1 36 ? -12.023 13.390  3.078   1.00 28.09 ? 53  ALA A C   1 
ATOM   221  O  O   . ALA A 1 36 ? -13.119 12.840  3.338   1.00 34.42 ? 53  ALA A O   1 
ATOM   222  C  CB  . ALA A 1 36 ? -10.193 12.776  4.653   1.00 27.83 ? 53  ALA A CB  1 
ATOM   223  N  N   . LEU A 1 37 ? -11.925 14.651  2.670   1.00 24.87 ? 54  LEU A N   1 
ATOM   224  C  CA  . LEU A 1 37 ? -13.120 15.472  2.383   1.00 28.69 ? 54  LEU A CA  1 
ATOM   225  C  C   . LEU A 1 37 ? -13.739 15.058  1.055   1.00 28.51 ? 54  LEU A C   1 
ATOM   226  O  O   . LEU A 1 37 ? -14.944 15.059  0.907   1.00 28.56 ? 54  LEU A O   1 
ATOM   227  C  CB  . LEU A 1 37 ? -12.790 16.977  2.399   1.00 26.35 ? 54  LEU A CB  1 
ATOM   228  C  CG  . LEU A 1 37 ? -14.008 17.838  2.045   1.00 29.62 ? 54  LEU A CG  1 
ATOM   229  C  CD1 . LEU A 1 37 ? -15.090 17.773  3.108   1.00 27.46 ? 54  LEU A CD1 1 
ATOM   230  C  CD2 . LEU A 1 37 ? -13.677 19.298  1.825   1.00 33.76 ? 54  LEU A CD2 1 
ATOM   231  N  N   . TYR A 1 38 ? -12.881 14.887  0.062   1.00 29.27 ? 55  TYR A N   1 
ATOM   232  C  CA  . TYR A 1 38 ? -13.280 14.438  -1.248  1.00 29.74 ? 55  TYR A CA  1 
ATOM   233  C  C   . TYR A 1 38 ? -13.950 13.052  -1.060  1.00 29.83 ? 55  TYR A C   1 
ATOM   234  O  O   . TYR A 1 38 ? -15.096 12.848  -1.457  1.00 32.08 ? 55  TYR A O   1 
ATOM   235  C  CB  . TYR A 1 38 ? -12.077 14.335  -2.185  1.00 33.00 ? 55  TYR A CB  1 
ATOM   236  C  CG  . TYR A 1 38 ? -12.498 13.982  -3.594  1.00 30.91 ? 55  TYR A CG  1 
ATOM   237  C  CD1 . TYR A 1 38 ? -12.472 12.675  -4.066  1.00 26.07 ? 55  TYR A CD1 1 
ATOM   238  C  CD2 . TYR A 1 38 ? -12.943 14.970  -4.432  1.00 33.33 ? 55  TYR A CD2 1 
ATOM   239  C  CE1 . TYR A 1 38 ? -12.912 12.355  -5.314  1.00 26.46 ? 55  TYR A CE1 1 
ATOM   240  C  CE2 . TYR A 1 38 ? -13.391 14.679  -5.697  1.00 32.31 ? 55  TYR A CE2 1 
ATOM   241  C  CZ  . TYR A 1 38 ? -13.379 13.389  -6.144  1.00 35.30 ? 55  TYR A CZ  1 
ATOM   242  O  OH  . TYR A 1 38 ? -13.843 13.209  -7.466  1.00 30.57 ? 55  TYR A OH  1 
ATOM   243  N  N   . PHE A 1 39 ? -13.272 12.103  -0.437  1.00 26.81 ? 56  PHE A N   1 
ATOM   244  C  CA  . PHE A 1 39 ? -13.947 10.831  -0.167  1.00 27.14 ? 56  PHE A CA  1 
ATOM   245  C  C   . PHE A 1 39 ? -15.350 10.995  0.485   1.00 25.40 ? 56  PHE A C   1 
ATOM   246  O  O   . PHE A 1 39 ? -16.303 10.335  0.160   1.00 34.50 ? 56  PHE A O   1 
ATOM   247  C  CB  . PHE A 1 39 ? -13.085 9.925   0.661   1.00 26.72 ? 56  PHE A CB  1 
ATOM   248  C  CG  . PHE A 1 39 ? -13.669 8.578   0.805   1.00 29.47 ? 56  PHE A CG  1 
ATOM   249  C  CD1 . PHE A 1 39 ? -13.482 7.613   -0.201  1.00 35.67 ? 56  PHE A CD1 1 
ATOM   250  C  CD2 . PHE A 1 39 ? -14.439 8.250   1.910   1.00 28.56 ? 56  PHE A CD2 1 
ATOM   251  C  CE1 . PHE A 1 39 ? -14.080 6.351   -0.100  1.00 33.56 ? 56  PHE A CE1 1 
ATOM   252  C  CE2 . PHE A 1 39 ? -15.015 6.976   2.016   1.00 29.72 ? 56  PHE A CE2 1 
ATOM   253  C  CZ  . PHE A 1 39 ? -14.833 6.044   1.021   1.00 31.78 ? 56  PHE A CZ  1 
ATOM   254  N  N   . SER A 1 40 ? -15.465 11.882  1.412   1.00 26.27 ? 57  SER A N   1 
ATOM   255  C  CA  . SER A 1 40 ? -16.638 11.977  2.219   1.00 30.94 ? 57  SER A CA  1 
ATOM   256  C  C   . SER A 1 40 ? -17.737 12.423  1.309   1.00 31.88 ? 57  SER A C   1 
ATOM   257  O  O   . SER A 1 40 ? -18.860 11.874  1.326   1.00 29.37 ? 57  SER A O   1 
ATOM   258  C  CB  . SER A 1 40 ? -16.430 13.047  3.354   1.00 28.67 ? 57  SER A CB  1 
ATOM   259  O  OG  . SER A 1 40 ? -15.483 12.550  4.203   1.00 30.71 ? 57  SER A OG  1 
ATOM   260  N  N   . VAL A 1 41 ? -17.414 13.476  0.572   1.00 29.84 ? 58  VAL A N   1 
ATOM   261  C  CA  . VAL A 1 41 ? -18.346 14.109  -0.409  1.00 26.18 ? 58  VAL A CA  1 
ATOM   262  C  C   . VAL A 1 41 ? -18.814 13.169  -1.504  1.00 28.13 ? 58  VAL A C   1 
ATOM   263  O  O   . VAL A 1 41 ? -20.057 13.105  -1.772  1.00 27.56 ? 58  VAL A O   1 
ATOM   264  C  CB  . VAL A 1 41 ? -17.728 15.421  -0.992  1.00 27.17 ? 58  VAL A CB  1 
ATOM   265  C  CG1 . VAL A 1 41 ? -18.583 16.026  -2.074  1.00 24.42 ? 58  VAL A CG1 1 
ATOM   266  C  CG2 . VAL A 1 41 ? -17.521 16.485  0.108   1.00 30.50 ? 58  VAL A CG2 1 
ATOM   267  N  N   . VAL A 1 42 ? -17.876 12.438  -2.169  1.00 27.64 ? 59  VAL A N   1 
ATOM   268  C  CA  . VAL A 1 42 ? -18.286 11.590  -3.313  1.00 26.98 ? 59  VAL A CA  1 
ATOM   269  C  C   . VAL A 1 42 ? -19.022 10.340  -2.829  1.00 29.78 ? 59  VAL A C   1 
ATOM   270  O  O   . VAL A 1 42 ? -19.689 9.623   -3.597  1.00 37.76 ? 59  VAL A O   1 
ATOM   271  C  CB  . VAL A 1 42 ? -17.163 11.245  -4.303  1.00 30.15 ? 59  VAL A CB  1 
ATOM   272  C  CG1 . VAL A 1 42 ? -16.580 12.562  -4.921  1.00 33.21 ? 59  VAL A CG1 1 
ATOM   273  C  CG2 . VAL A 1 42 ? -16.106 10.366  -3.665  1.00 30.89 ? 59  VAL A CG2 1 
ATOM   274  N  N   . THR A 1 43 ? -18.911 10.067  -1.538  1.00 31.83 ? 60  THR A N   1 
ATOM   275  C  CA  . THR A 1 43 ? -19.575 8.943   -0.943  1.00 28.44 ? 60  THR A CA  1 
ATOM   276  C  C   . THR A 1 43 ? -21.001 9.318   -0.570  1.00 29.72 ? 60  THR A C   1 
ATOM   277  O  O   . THR A 1 43 ? -21.887 8.557   -0.831  1.00 32.76 ? 60  THR A O   1 
ATOM   278  C  CB  . THR A 1 43 ? -18.762 8.479   0.248   1.00 35.39 ? 60  THR A CB  1 
ATOM   279  O  OG1 . THR A 1 43 ? -17.515 7.958   -0.266  1.00 36.75 ? 60  THR A OG1 1 
ATOM   280  C  CG2 . THR A 1 43 ? -19.497 7.384   1.050   1.00 37.81 ? 60  THR A CG2 1 
ATOM   281  N  N   . LEU A 1 44 ? -21.229 10.475  0.063   1.00 29.16 ? 61  LEU A N   1 
ATOM   282  C  CA  . LEU A 1 44 ? -22.557 10.805  0.552   1.00 29.99 ? 61  LEU A CA  1 
ATOM   283  C  C   . LEU A 1 44 ? -23.459 11.176  -0.590  1.00 28.31 ? 61  LEU A C   1 
ATOM   284  O  O   . LEU A 1 44 ? -24.667 11.102  -0.439  1.00 32.69 ? 61  LEU A O   1 
ATOM   285  C  CB  . LEU A 1 44 ? -22.521 11.935  1.606   1.00 26.48 ? 61  LEU A CB  1 
ATOM   286  C  CG  . LEU A 1 44 ? -21.818 11.640  2.882   1.00 29.73 ? 61  LEU A CG  1 
ATOM   287  C  CD1 . LEU A 1 44 ? -22.074 12.771  3.859   1.00 38.10 ? 61  LEU A CD1 1 
ATOM   288  C  CD2 . LEU A 1 44 ? -22.317 10.317  3.432   1.00 33.33 ? 61  LEU A CD2 1 
ATOM   289  N  N   . THR A 1 45 ? -22.855 11.642  -1.697  1.00 28.89 ? 62  THR A N   1 
ATOM   290  C  CA  . THR A 1 45 ? -23.549 12.013  -2.942  1.00 30.80 ? 62  THR A CA  1 
ATOM   291  C  C   . THR A 1 45 ? -23.752 10.819  -3.897  1.00 27.15 ? 62  THR A C   1 
ATOM   292  O  O   . THR A 1 45 ? -24.364 10.964  -4.934  1.00 28.99 ? 62  THR A O   1 
ATOM   293  C  CB  . THR A 1 45 ? -22.824 13.149  -3.707  1.00 30.05 ? 62  THR A CB  1 
ATOM   294  O  OG1 . THR A 1 45 ? -21.446 12.793  -3.871  1.00 29.87 ? 62  THR A OG1 1 
ATOM   295  C  CG2 . THR A 1 45 ? -22.904 14.456  -2.961  1.00 29.65 ? 62  THR A CG2 1 
ATOM   296  N  N   . THR A 1 46 ? -23.243 9.680   -3.470  1.00 32.54 ? 63  THR A N   1 
ATOM   297  C  CA  . THR A 1 46 ? -23.225 8.344   -4.149  1.00 28.59 ? 63  THR A CA  1 
ATOM   298  C  C   . THR A 1 46 ? -22.467 8.381   -5.468  1.00 27.34 ? 63  THR A C   1 
ATOM   299  O  O   . THR A 1 46 ? -22.625 7.529   -6.303  1.00 30.29 ? 63  THR A O   1 
ATOM   300  C  CB  . THR A 1 46 ? -24.650 7.821   -4.333  1.00 33.73 ? 63  THR A CB  1 
ATOM   301  O  OG1 . THR A 1 46 ? -25.305 8.561   -5.372  1.00 33.18 ? 63  THR A OG1 1 
ATOM   302  C  CG2 . THR A 1 46 ? -25.468 7.983   -3.059  1.00 38.11 ? 63  THR A CG2 1 
ATOM   303  N  N   . VAL A 1 47 ? -21.665 9.399   -5.738  1.00 28.12 ? 64  VAL A N   1 
ATOM   304  C  CA  . VAL A 1 47 ? -20.843 9.358   -6.929  1.00 23.75 ? 64  VAL A CA  1 
ATOM   305  C  C   . VAL A 1 47 ? -19.800 8.230   -6.771  1.00 24.50 ? 64  VAL A C   1 
ATOM   306  O  O   . VAL A 1 47 ? -19.681 7.415   -7.580  1.00 20.94 ? 64  VAL A O   1 
ATOM   307  C  CB  . VAL A 1 47 ? -20.072 10.624  -7.198  1.00 21.24 ? 64  VAL A CB  1 
ATOM   308  C  CG1 . VAL A 1 47 ? -19.289 10.494  -8.474  1.00 19.42 ? 64  VAL A CG1 1 
ATOM   309  C  CG2 . VAL A 1 47 ? -21.022 11.786  -7.302  1.00 23.54 ? 64  VAL A CG2 1 
ATOM   310  N  N   . GLY A 1 48 ? -19.122 8.144   -5.694  1.00 26.42 ? 65  GLY A N   1 
ATOM   311  C  CA  . GLY A 1 48 ? -18.118 7.160   -5.516  1.00 28.98 ? 65  GLY A CA  1 
ATOM   312  C  C   . GLY A 1 48 ? -16.939 6.917   -6.436  1.00 29.27 ? 65  GLY A C   1 
ATOM   313  O  O   . GLY A 1 48 ? -16.549 5.761   -6.627  1.00 30.96 ? 65  GLY A O   1 
ATOM   314  N  N   . GLU A 1 49 ? -16.305 7.888   -7.034  1.00 32.51 ? 66  GLU A N   1 
ATOM   315  C  CA  . GLU A 1 49 ? -15.168 7.511   -7.967  1.00 30.59 ? 66  GLU A CA  1 
ATOM   316  C  C   . GLU A 1 49 ? -13.807 7.378   -7.258  1.00 31.78 ? 66  GLU A C   1 
ATOM   317  O  O   . GLU A 1 49 ? -12.831 8.070   -7.607  1.00 39.56 ? 66  GLU A O   1 
ATOM   318  C  CB  A GLU A 1 49 ? -15.119 8.267   -9.291  0.50 30.77 ? 66  GLU A CB  1 
ATOM   319  C  CB  B GLU A 1 49 ? -14.948 8.658   -8.966  0.50 29.46 ? 66  GLU A CB  1 
ATOM   320  C  CG  A GLU A 1 49 ? -15.797 9.595   -9.344  0.50 31.47 ? 66  GLU A CG  1 
ATOM   321  C  CG  B GLU A 1 49 ? -16.177 9.235   -9.626  0.50 31.27 ? 66  GLU A CG  1 
ATOM   322  C  CD  A GLU A 1 49 ? -15.125 10.471  -8.436  0.50 29.11 ? 66  GLU A CD  1 
ATOM   323  C  CD  B GLU A 1 49 ? -15.894 10.419  -10.505 0.50 26.37 ? 66  GLU A CD  1 
ATOM   324  O  OE1 A GLU A 1 49 ? -15.013 11.675  -8.760  0.50 34.62 ? 66  GLU A OE1 1 
ATOM   325  O  OE1 B GLU A 1 49 ? -15.193 11.367  -10.026 0.50 23.37 ? 66  GLU A OE1 1 
ATOM   326  O  OE2 A GLU A 1 49 ? -14.728 9.891   -7.420  0.50 24.20 ? 66  GLU A OE2 1 
ATOM   327  O  OE2 B GLU A 1 49 ? -16.374 10.353  -11.657 0.50 19.65 ? 66  GLU A OE2 1 
ATOM   328  N  N   . THR A 1 50 ? -13.780 6.498   -6.253  1.00 30.58 ? 67  THR A N   1 
ATOM   329  C  CA  . THR A 1 50 ? -12.654 6.253   -5.381  1.00 29.28 ? 67  THR A CA  1 
ATOM   330  C  C   . THR A 1 50 ? -12.522 4.775   -5.136  1.00 28.78 ? 67  THR A C   1 
ATOM   331  O  O   . THR A 1 50 ? -13.508 4.083   -5.099  1.00 27.92 ? 67  THR A O   1 
ATOM   332  C  CB  . THR A 1 50 ? -12.761 6.928   -3.942  1.00 32.70 ? 67  THR A CB  1 
ATOM   333  O  OG1 A THR A 1 50 ? -13.996 6.565   -3.300  1.00 46.07 ? 67  THR A OG1 1 
ATOM   334  C  CG2 A THR A 1 50 ? -12.694 8.408   -4.000  1.00 35.77 ? 67  THR A CG2 1 
ATOM   335  N  N   . PRO A 1 51 ? -11.299 4.322   -4.790  1.00 28.41 ? 68  PRO A N   1 
ATOM   336  C  CA  . PRO A 1 51 ? -11.164 3.003   -4.150  1.00 29.39 ? 68  PRO A CA  1 
ATOM   337  C  C   . PRO A 1 51 ? -11.808 2.951   -2.788  1.00 28.91 ? 68  PRO A C   1 
ATOM   338  O  O   . PRO A 1 51 ? -11.911 3.994   -2.108  1.00 36.84 ? 68  PRO A O   1 
ATOM   339  C  CB  . PRO A 1 51 ? -9.629  2.829   -3.989  1.00 28.86 ? 68  PRO A CB  1 
ATOM   340  C  CG  . PRO A 1 51 ? -9.040  3.938   -4.873  1.00 28.89 ? 68  PRO A CG  1 
ATOM   341  C  CD  . PRO A 1 51 ? -10.051 5.072   -4.707  1.00 23.97 ? 68  PRO A CD  1 
ATOM   342  N  N   . PRO A 1 52 ? -12.276 1.765   -2.377  1.00 29.04 ? 69  PRO A N   1 
ATOM   343  C  CA  . PRO A 1 52 ? -12.876 1.606   -1.049  1.00 30.17 ? 69  PRO A CA  1 
ATOM   344  C  C   . PRO A 1 52 ? -11.926 1.864   0.130   1.00 28.60 ? 69  PRO A C   1 
ATOM   345  O  O   . PRO A 1 52 ? -10.703 1.756   -0.011  1.00 33.09 ? 69  PRO A O   1 
ATOM   346  C  CB  . PRO A 1 52 ? -13.291 0.117   -1.031  1.00 29.40 ? 69  PRO A CB  1 
ATOM   347  C  CG  . PRO A 1 52 ? -12.376 -0.546  -1.942  1.00 30.74 ? 69  PRO A CG  1 
ATOM   348  C  CD  . PRO A 1 52 ? -11.885 0.474   -2.962  1.00 29.33 ? 69  PRO A CD  1 
ATOM   349  N  N   . PRO A 1 53 ? -12.472 2.146   1.305   1.00 30.41 ? 70  PRO A N   1 
ATOM   350  C  CA  . PRO A 1 53 ? -11.570 2.135   2.483   1.00 36.39 ? 70  PRO A CA  1 
ATOM   351  C  C   . PRO A 1 53 ? -10.820 0.806   2.649   1.00 31.18 ? 70  PRO A C   1 
ATOM   352  O  O   . PRO A 1 53 ? -11.293 -0.230  2.175   1.00 37.12 ? 70  PRO A O   1 
ATOM   353  C  CB  . PRO A 1 53 ? -12.524 2.328   3.645   1.00 31.46 ? 70  PRO A CB  1 
ATOM   354  C  CG  . PRO A 1 53 ? -13.717 3.004   3.050   1.00 33.11 ? 70  PRO A CG  1 
ATOM   355  C  CD  . PRO A 1 53 ? -13.861 2.330   1.705   1.00 32.05 ? 70  PRO A CD  1 
ATOM   356  N  N   . GLN A 1 54 ? -9.661  0.821   3.252   1.00 28.03 ? 71  GLN A N   1 
ATOM   357  C  CA  . GLN A 1 54 ? -8.898  -0.401  3.345   1.00 31.41 ? 71  GLN A CA  1 
ATOM   358  C  C   . GLN A 1 54 ? -8.899  -1.073  4.742   1.00 32.35 ? 71  GLN A C   1 
ATOM   359  O  O   . GLN A 1 54 ? -8.438  -2.196  4.855   1.00 33.04 ? 71  GLN A O   1 
ATOM   360  C  CB  . GLN A 1 54 ? -7.442  -0.234  2.962   1.00 33.92 ? 71  GLN A CB  1 
ATOM   361  C  CG  . GLN A 1 54 ? -7.008  0.973   2.196   1.00 41.81 ? 71  GLN A CG  1 
ATOM   362  C  CD  . GLN A 1 54 ? -5.525  0.757   1.832   1.00 52.40 ? 71  GLN A CD  1 
ATOM   363  O  OE1 . GLN A 1 54 ? -4.575  1.352   2.419   1.00 50.48 ? 71  GLN A OE1 1 
ATOM   364  N  NE2 . GLN A 1 54 ? -5.323  -0.167  0.914   1.00 45.37 ? 71  GLN A NE2 1 
ATOM   365  N  N   . THR A 1 55 ? -9.339  -0.378  5.773   1.00 31.37 ? 72  THR A N   1 
ATOM   366  C  CA  . THR A 1 55 ? -9.450  -0.962  7.089   1.00 31.33 ? 72  THR A CA  1 
ATOM   367  C  C   . THR A 1 55 ? -10.882 -1.328  7.405   1.00 31.71 ? 72  THR A C   1 
ATOM   368  O  O   . THR A 1 55 ? -11.837 -0.675  6.915   1.00 28.02 ? 72  THR A O   1 
ATOM   369  C  CB  . THR A 1 55 ? -9.011  0.034   8.195   1.00 31.26 ? 72  THR A CB  1 
ATOM   370  O  OG1 . THR A 1 55 ? -9.921  1.139   8.217   1.00 31.63 ? 72  THR A OG1 1 
ATOM   371  C  CG2 . THR A 1 55 ? -7.643  0.539   7.937   1.00 29.60 ? 72  THR A CG2 1 
ATOM   372  N  N   . ASP A 1 56 ? -11.022 -2.311  8.305   1.00 28.95 ? 73  ASP A N   1 
ATOM   373  C  CA  . ASP A 1 56 ? -12.302 -2.820  8.704   1.00 30.98 ? 73  ASP A CA  1 
ATOM   374  C  C   . ASP A 1 56 ? -13.071 -1.791  9.417   1.00 27.76 ? 73  ASP A C   1 
ATOM   375  O  O   . ASP A 1 56 ? -14.266 -1.661  9.224   1.00 31.15 ? 73  ASP A O   1 
ATOM   376  C  CB  . ASP A 1 56 ? -12.175 -4.118  9.533   1.00 34.16 ? 73  ASP A CB  1 
ATOM   377  C  CG  . ASP A 1 56 ? -11.820 -5.364  8.676   1.00 38.73 ? 73  ASP A CG  1 
ATOM   378  O  OD1 . ASP A 1 56 ? -11.663 -5.252  7.415   1.00 37.87 ? 73  ASP A OD1 1 
ATOM   379  O  OD2 . ASP A 1 56 ? -11.730 -6.493  9.287   1.00 41.01 ? 73  ASP A OD2 1 
ATOM   380  N  N   . PHE A 1 57 ? -12.389 -1.013  10.237  1.00 37.70 ? 74  PHE A N   1 
ATOM   381  C  CA  . PHE A 1 57 ? -12.990 0.139   10.936  1.00 37.70 ? 74  PHE A CA  1 
ATOM   382  C  C   . PHE A 1 57 ? -13.491 1.216   9.932   1.00 37.56 ? 74  PHE A C   1 
ATOM   383  O  O   . PHE A 1 57 ? -14.585 1.739   10.084  1.00 39.20 ? 74  PHE A O   1 
ATOM   384  C  CB  . PHE A 1 57 ? -11.907 0.686   11.875  1.00 44.48 ? 74  PHE A CB  1 
ATOM   385  C  CG  . PHE A 1 57 ? -12.380 1.648   12.941  1.00 44.63 ? 74  PHE A CG  1 
ATOM   386  C  CD1 . PHE A 1 57 ? -13.725 1.935   13.139  1.00 51.54 ? 74  PHE A CD1 1 
ATOM   387  C  CD2 . PHE A 1 57 ? -11.433 2.282   13.758  1.00 50.96 ? 74  PHE A CD2 1 
ATOM   388  C  CE1 . PHE A 1 57 ? -14.127 2.850   14.121  1.00 63.98 ? 74  PHE A CE1 1 
ATOM   389  C  CE2 . PHE A 1 57 ? -11.819 3.214   14.720  1.00 57.02 ? 74  PHE A CE2 1 
ATOM   390  C  CZ  . PHE A 1 57 ? -13.171 3.480   14.919  1.00 61.09 ? 74  PHE A CZ  1 
ATOM   391  N  N   . GLY A 1 58 ? -12.703 1.519   8.884   1.00 30.73 ? 75  GLY A N   1 
ATOM   392  C  CA  . GLY A 1 58 ? -13.173 2.362   7.756   1.00 32.23 ? 75  GLY A CA  1 
ATOM   393  C  C   . GLY A 1 58 ? -14.444 1.864   7.000   1.00 32.00 ? 75  GLY A C   1 
ATOM   394  O  O   . GLY A 1 58 ? -15.320 2.656   6.557   1.00 28.03 ? 75  GLY A O   1 
ATOM   395  N  N   . LYS A 1 59 ? -14.574 0.560   6.873   1.00 28.81 ? 76  LYS A N   1 
ATOM   396  C  CA  . LYS A 1 59 ? -15.729 0.018   6.187   1.00 29.49 ? 76  LYS A CA  1 
ATOM   397  C  C   . LYS A 1 59 ? -16.945 0.149   6.979   1.00 32.28 ? 76  LYS A C   1 
ATOM   398  O  O   . LYS A 1 59 ? -18.021 0.463   6.420   1.00 36.19 ? 76  LYS A O   1 
ATOM   399  C  CB  . LYS A 1 59 ? -15.526 -1.435  5.766   1.00 29.64 ? 76  LYS A CB  1 
ATOM   400  C  CG  . LYS A 1 59 ? -14.453 -1.542  4.636   1.00 28.00 ? 76  LYS A CG  1 
ATOM   401  C  CD  . LYS A 1 59 ? -13.965 -2.959  4.417   1.00 30.05 ? 76  LYS A CD  1 
ATOM   402  C  CE  . LYS A 1 59 ? -12.859 -2.967  3.376   1.00 38.91 ? 76  LYS A CE  1 
ATOM   403  N  NZ  . LYS A 1 59 ? -11.697 -3.813  3.786   1.00 42.05 ? 76  LYS A NZ  1 
ATOM   404  N  N   . ILE A 1 60 ? -16.824 -0.063  8.278   1.00 32.09 ? 77  ILE A N   1 
ATOM   405  C  CA  . ILE A 1 60 ? -18.000 -0.096  9.144   1.00 35.35 ? 77  ILE A CA  1 
ATOM   406  C  C   . ILE A 1 60 ? -18.519 1.305   9.298   1.00 38.77 ? 77  ILE A C   1 
ATOM   407  O  O   . ILE A 1 60 ? -19.723 1.556   9.290   1.00 39.44 ? 77  ILE A O   1 
ATOM   408  C  CB  . ILE A 1 60 ? -17.655 -0.674  10.577  1.00 38.74 ? 77  ILE A CB  1 
ATOM   409  C  CG1 . ILE A 1 60 ? -17.309 -2.146  10.509  1.00 46.81 ? 77  ILE A CG1 1 
ATOM   410  C  CG2 . ILE A 1 60 ? -18.819 -0.470  11.564  1.00 43.18 ? 77  ILE A CG2 1 
ATOM   411  C  CD1 . ILE A 1 60 ? -16.310 -2.637  11.553  1.00 48.78 ? 77  ILE A CD1 1 
ATOM   412  N  N   . PHE A 1 61 ? -17.594 2.216   9.572   1.00 31.82 ? 78  PHE A N   1 
ATOM   413  C  CA  . PHE A 1 61 ? -17.940 3.589   9.620   1.00 30.70 ? 78  PHE A CA  1 
ATOM   414  C  C   . PHE A 1 61 ? -18.539 4.087   8.323   1.00 33.62 ? 78  PHE A C   1 
ATOM   415  O  O   . PHE A 1 61 ? -19.534 4.866   8.331   1.00 31.32 ? 78  PHE A O   1 
ATOM   416  C  CB  . PHE A 1 61 ? -16.700 4.408   9.901   1.00 31.28 ? 78  PHE A CB  1 
ATOM   417  C  CG  . PHE A 1 61 ? -16.942 5.880   9.845   1.00 31.38 ? 78  PHE A CG  1 
ATOM   418  C  CD1 . PHE A 1 61 ? -16.619 6.617   8.712   1.00 30.41 ? 78  PHE A CD1 1 
ATOM   419  C  CD2 . PHE A 1 61 ? -17.475 6.549   10.952  1.00 32.56 ? 78  PHE A CD2 1 
ATOM   420  C  CE1 . PHE A 1 61 ? -16.831 7.996   8.681   1.00 32.06 ? 78  PHE A CE1 1 
ATOM   421  C  CE2 . PHE A 1 61 ? -17.756 7.896   10.884  1.00 29.06 ? 78  PHE A CE2 1 
ATOM   422  C  CZ  . PHE A 1 61 ? -17.373 8.620   9.765   1.00 30.91 ? 78  PHE A CZ  1 
ATOM   423  N  N   . THR A 1 62 ? -17.913 3.747   7.202   1.00 28.65 ? 79  THR A N   1 
ATOM   424  C  CA  . THR A 1 62 ? -18.519 4.144   5.915   1.00 31.28 ? 79  THR A CA  1 
ATOM   425  C  C   . THR A 1 62 ? -19.945 3.659   5.750   1.00 29.67 ? 79  THR A C   1 
ATOM   426  O  O   . THR A 1 62 ? -20.825 4.424   5.329   1.00 39.97 ? 79  THR A O   1 
ATOM   427  C  CB  . THR A 1 62 ? -17.691 3.722   4.720   1.00 29.15 ? 79  THR A CB  1 
ATOM   428  O  OG1 . THR A 1 62 ? -16.453 4.436   4.813   1.00 36.30 ? 79  THR A OG1 1 
ATOM   429  C  CG2 . THR A 1 62 ? -18.360 4.125   3.465   1.00 31.53 ? 79  THR A CG2 1 
ATOM   430  N  N   . ILE A 1 63 ? -20.214 2.438   6.162   1.00 27.61 ? 80  ILE A N   1 
ATOM   431  C  CA  . ILE A 1 63 ? -21.569 1.908   6.113   1.00 28.84 ? 80  ILE A CA  1 
ATOM   432  C  C   . ILE A 1 63 ? -22.591 2.784   6.911   1.00 30.84 ? 80  ILE A C   1 
ATOM   433  O  O   . ILE A 1 63 ? -23.690 3.042   6.458   1.00 34.19 ? 80  ILE A O   1 
ATOM   434  C  CB  . ILE A 1 63 ? -21.602 0.475   6.647   1.00 29.27 ? 80  ILE A CB  1 
ATOM   435  C  CG1 . ILE A 1 63 ? -20.981 -0.477  5.632   1.00 26.34 ? 80  ILE A CG1 1 
ATOM   436  C  CG2 . ILE A 1 63 ? -23.092 0.014   6.871   1.00 34.29 ? 80  ILE A CG2 1 
ATOM   437  C  CD1 . ILE A 1 63 ? -20.619 -1.832  6.193   1.00 25.27 ? 80  ILE A CD1 1 
ATOM   438  N  N   . LEU A 1 64 ? -22.220 3.193   8.110   1.00 36.77 ? 81  LEU A N   1 
ATOM   439  C  CA  . LEU A 1 64 ? -23.113 3.946   9.035   1.00 35.52 ? 81  LEU A CA  1 
ATOM   440  C  C   . LEU A 1 64 ? -23.239 5.366   8.572   1.00 31.30 ? 81  LEU A C   1 
ATOM   441  O  O   . LEU A 1 64 ? -24.275 5.967   8.672   1.00 29.07 ? 81  LEU A O   1 
ATOM   442  C  CB  . LEU A 1 64 ? -22.519 3.889   10.424  1.00 34.19 ? 81  LEU A CB  1 
ATOM   443  C  CG  . LEU A 1 64 ? -22.512 2.486   11.019  1.00 38.72 ? 81  LEU A CG  1 
ATOM   444  C  CD1 . LEU A 1 64 ? -21.763 2.485   12.339  1.00 36.18 ? 81  LEU A CD1 1 
ATOM   445  C  CD2 . LEU A 1 64 ? -23.917 1.919   11.158  1.00 39.70 ? 81  LEU A CD2 1 
ATOM   446  N  N   . TYR A 1 65 ? -22.142 5.893   8.073   1.00 31.60 ? 82  TYR A N   1 
ATOM   447  C  CA  . TYR A 1 65 ? -22.051 7.252   7.511   1.00 30.74 ? 82  TYR A CA  1 
ATOM   448  C  C   . TYR A 1 65 ? -22.981 7.502   6.334   1.00 30.53 ? 82  TYR A C   1 
ATOM   449  O  O   . TYR A 1 65 ? -23.594 8.580   6.209   1.00 35.76 ? 82  TYR A O   1 
ATOM   450  C  CB  . TYR A 1 65 ? -20.607 7.442   7.005   1.00 32.28 ? 82  TYR A CB  1 
ATOM   451  C  CG  . TYR A 1 65 ? -20.163 8.848   6.714   1.00 31.19 ? 82  TYR A CG  1 
ATOM   452  C  CD1 . TYR A 1 65 ? -19.556 9.175   5.537   1.00 31.15 ? 82  TYR A CD1 1 
ATOM   453  C  CD2 . TYR A 1 65 ? -20.338 9.857   7.637   1.00 33.62 ? 82  TYR A CD2 1 
ATOM   454  C  CE1 . TYR A 1 65 ? -19.091 10.482  5.310   1.00 26.38 ? 82  TYR A CE1 1 
ATOM   455  C  CE2 . TYR A 1 65 ? -19.904 11.136  7.407   1.00 27.99 ? 82  TYR A CE2 1 
ATOM   456  C  CZ  . TYR A 1 65 ? -19.266 11.445  6.233   1.00 27.46 ? 82  TYR A CZ  1 
ATOM   457  O  OH  . TYR A 1 65 ? -18.841 12.806  6.028   1.00 28.91 ? 82  TYR A OH  1 
ATOM   458  N  N   . ILE A 1 66 ? -23.061 6.522   5.451   1.00 31.31 ? 83  ILE A N   1 
ATOM   459  C  CA  . ILE A 1 66 ? -23.925 6.581   4.263   1.00 28.32 ? 83  ILE A CA  1 
ATOM   460  C  C   . ILE A 1 66 ? -25.370 6.562   4.699   1.00 30.41 ? 83  ILE A C   1 
ATOM   461  O  O   . ILE A 1 66 ? -26.150 7.309   4.202   1.00 31.61 ? 83  ILE A O   1 
ATOM   462  C  CB  . ILE A 1 66 ? -23.622 5.374   3.371   1.00 31.92 ? 83  ILE A CB  1 
ATOM   463  C  CG1 . ILE A 1 66 ? -22.313 5.515   2.594   1.00 28.69 ? 83  ILE A CG1 1 
ATOM   464  C  CG2 . ILE A 1 66 ? -24.704 5.161   2.350   1.00 34.38 ? 83  ILE A CG2 1 
ATOM   465  C  CD1 . ILE A 1 66 ? -21.858 4.202   1.962   1.00 23.51 ? 83  ILE A CD1 1 
ATOM   466  N  N   . PHE A 1 67 ? -25.760 5.695   5.640   1.00 40.17 ? 84  PHE A N   1 
ATOM   467  C  CA  . PHE A 1 67 ? -27.218 5.592   6.047   1.00 37.59 ? 84  PHE A CA  1 
ATOM   468  C  C   . PHE A 1 67 ? -27.812 6.841   6.670   1.00 39.26 ? 84  PHE A C   1 
ATOM   469  O  O   . PHE A 1 67 ? -28.954 7.218   6.405   1.00 39.92 ? 84  PHE A O   1 
ATOM   470  C  CB  . PHE A 1 67 ? -27.471 4.370   6.942   1.00 33.73 ? 84  PHE A CB  1 
ATOM   471  C  CG  . PHE A 1 67 ? -27.814 3.136   6.126   1.00 38.66 ? 84  PHE A CG  1 
ATOM   472  C  CD1 . PHE A 1 67 ? -29.061 3.039   5.531   1.00 40.09 ? 84  PHE A CD1 1 
ATOM   473  C  CD2 . PHE A 1 67 ? -26.856 2.176   5.828   1.00 37.02 ? 84  PHE A CD2 1 
ATOM   474  C  CE1 . PHE A 1 67 ? -29.373 1.941   4.734   1.00 43.93 ? 84  PHE A CE1 1 
ATOM   475  C  CE2 . PHE A 1 67 ? -27.161 1.100   5.030   1.00 40.48 ? 84  PHE A CE2 1 
ATOM   476  C  CZ  . PHE A 1 67 ? -28.425 0.983   4.491   1.00 40.08 ? 84  PHE A CZ  1 
ATOM   477  N  N   . ILE A 1 68 ? -26.985 7.461   7.496   1.00 39.73 ? 85  ILE A N   1 
ATOM   478  C  CA  . ILE A 1 68 ? -27.257 8.696   8.244   1.00 40.28 ? 85  ILE A CA  1 
ATOM   479  C  C   . ILE A 1 68 ? -27.033 9.946   7.359   1.00 38.70 ? 85  ILE A C   1 
ATOM   480  O  O   . ILE A 1 68 ? -27.832 10.917  7.373   1.00 40.59 ? 85  ILE A O   1 
ATOM   481  C  CB  . ILE A 1 68 ? -26.321 8.628   9.502   1.00 54.27 ? 85  ILE A CB  1 
ATOM   482  C  CG1 . ILE A 1 68 ? -26.950 7.694   10.569  1.00 59.20 ? 85  ILE A CG1 1 
ATOM   483  C  CG2 . ILE A 1 68 ? -25.965 9.988   10.113  1.00 58.38 ? 85  ILE A CG2 1 
ATOM   484  C  CD1 . ILE A 1 68 ? -25.951 6.852   11.358  1.00 62.20 ? 85  ILE A CD1 1 
ATOM   485  N  N   . GLY A 1 69 ? -25.965 9.918   6.547   1.00 34.55 ? 86  GLY A N   1 
ATOM   486  C  CA  . GLY A 1 69 ? -25.547 11.120  5.842   1.00 35.06 ? 86  GLY A CA  1 
ATOM   487  C  C   . GLY A 1 69 ? -26.211 11.431  4.530   1.00 37.49 ? 86  GLY A C   1 
ATOM   488  O  O   . GLY A 1 69 ? -26.414 12.580  4.214   1.00 39.64 ? 86  GLY A O   1 
ATOM   489  N  N   . ILE A 1 70 ? -26.569 10.406  3.769   1.00 40.36 ? 87  ILE A N   1 
ATOM   490  C  CA  . ILE A 1 70 ? -27.153 10.572  2.463   1.00 45.73 ? 87  ILE A CA  1 
ATOM   491  C  C   . ILE A 1 70 ? -28.425 11.413  2.500   1.00 44.45 ? 87  ILE A C   1 
ATOM   492  O  O   . ILE A 1 70 ? -28.635 12.350  1.677   1.00 49.43 ? 87  ILE A O   1 
ATOM   493  C  CB  . ILE A 1 70 ? -27.458 9.156   1.906   1.00 52.97 ? 87  ILE A CB  1 
ATOM   494  C  CG1 . ILE A 1 70 ? -27.266 9.008   0.419   1.00 53.59 ? 87  ILE A CG1 1 
ATOM   495  C  CG2 . ILE A 1 70 ? -28.875 8.720   2.174   1.00 57.74 ? 87  ILE A CG2 1 
ATOM   496  C  CD1 . ILE A 1 70 ? -26.961 7.562   0.068   1.00 61.10 ? 87  ILE A CD1 1 
ATOM   497  N  N   . GLY A 1 71 ? -29.254 11.106  3.465   1.00 38.93 ? 88  GLY A N   1 
ATOM   498  C  CA  . GLY A 1 71 ? -30.613 11.696  3.521   1.00 47.31 ? 88  GLY A CA  1 
ATOM   499  C  C   . GLY A 1 71 ? -30.509 13.169  3.764   1.00 46.14 ? 88  GLY A C   1 
ATOM   500  O  O   . GLY A 1 71 ? -31.185 13.958  3.118   1.00 48.49 ? 88  GLY A O   1 
ATOM   501  N  N   . LEU A 1 72 ? -29.571 13.538  4.634   1.00 53.94 ? 89  LEU A N   1 
ATOM   502  C  CA  . LEU A 1 72 ? -29.203 14.950  4.825   1.00 46.70 ? 89  LEU A CA  1 
ATOM   503  C  C   . LEU A 1 72 ? -28.586 15.667  3.635   1.00 47.07 ? 89  LEU A C   1 
ATOM   504  O  O   . LEU A 1 72 ? -29.087 16.726  3.206   1.00 46.99 ? 89  LEU A O   1 
ATOM   505  C  CB  . LEU A 1 72 ? -28.224 15.019  5.950   1.00 53.81 ? 89  LEU A CB  1 
ATOM   506  C  CG  . LEU A 1 72 ? -27.696 16.396  6.321   1.00 51.79 ? 89  LEU A CG  1 
ATOM   507  C  CD1 . LEU A 1 72 ? -28.812 17.318  6.845   1.00 57.91 ? 89  LEU A CD1 1 
ATOM   508  C  CD2 . LEU A 1 72 ? -26.671 16.146  7.368   1.00 59.52 ? 89  LEU A CD2 1 
ATOM   509  N  N   . VAL A 1 73 ? -27.496 15.101  3.090   1.00 44.84 ? 90  VAL A N   1 
ATOM   510  C  CA  . VAL A 1 73 ? -26.817 15.712  1.953   1.00 40.30 ? 90  VAL A CA  1 
ATOM   511  C  C   . VAL A 1 73 ? -27.808 15.988  0.810   1.00 43.22 ? 90  VAL A C   1 
ATOM   512  O  O   . VAL A 1 73 ? -27.747 17.016  0.144   1.00 45.87 ? 90  VAL A O   1 
ATOM   513  C  CB  . VAL A 1 73 ? -25.636 14.837  1.449   1.00 40.67 ? 90  VAL A CB  1 
ATOM   514  C  CG1 . VAL A 1 73 ? -25.104 15.362  0.123   1.00 41.63 ? 90  VAL A CG1 1 
ATOM   515  C  CG2 . VAL A 1 73 ? -24.539 14.858  2.465   1.00 42.03 ? 90  VAL A CG2 1 
ATOM   516  N  N   . PHE A 1 74 ? -28.725 15.056  0.563   1.00 48.85 ? 91  PHE A N   1 
ATOM   517  C  CA  . PHE A 1 74 ? -29.622 15.214  -0.568  1.00 50.11 ? 91  PHE A CA  1 
ATOM   518  C  C   . PHE A 1 74 ? -30.796 16.168  -0.284  1.00 54.52 ? 91  PHE A C   1 
ATOM   519  O  O   . PHE A 1 74 ? -31.270 16.836  -1.172  1.00 59.39 ? 91  PHE A O   1 
ATOM   520  C  CB  . PHE A 1 74 ? -30.053 13.840  -1.123  1.00 55.56 ? 91  PHE A CB  1 
ATOM   521  C  CG  . PHE A 1 74 ? -29.129 13.313  -2.192  1.00 50.77 ? 91  PHE A CG  1 
ATOM   522  C  CD1 . PHE A 1 74 ? -29.250 13.764  -3.497  1.00 55.95 ? 91  PHE A CD1 1 
ATOM   523  C  CD2 . PHE A 1 74 ? -28.152 12.377  -1.892  1.00 52.65 ? 91  PHE A CD2 1 
ATOM   524  C  CE1 . PHE A 1 74 ? -28.406 13.276  -4.477  1.00 59.94 ? 91  PHE A CE1 1 
ATOM   525  C  CE2 . PHE A 1 74 ? -27.298 11.882  -2.861  1.00 54.20 ? 91  PHE A CE2 1 
ATOM   526  C  CZ  . PHE A 1 74 ? -27.425 12.332  -4.161  1.00 53.23 ? 91  PHE A CZ  1 
ATOM   527  N  N   . GLY A 1 75 ? -31.230 16.253  0.966   1.00 63.13 ? 92  GLY A N   1 
ATOM   528  C  CA  . GLY A 1 75 ? -32.115 17.329  1.377   1.00 61.06 ? 92  GLY A CA  1 
ATOM   529  C  C   . GLY A 1 75 ? -31.450 18.656  1.108   1.00 63.21 ? 92  GLY A C   1 
ATOM   530  O  O   . GLY A 1 75 ? -32.104 19.585  0.668   1.00 64.02 ? 92  GLY A O   1 
ATOM   531  N  N   . PHE A 1 76 ? -30.140 18.748  1.377   1.00 62.51 ? 93  PHE A N   1 
ATOM   532  C  CA  . PHE A 1 76 ? -29.430 20.014  1.224   1.00 60.49 ? 93  PHE A CA  1 
ATOM   533  C  C   . PHE A 1 76 ? -29.375 20.352  -0.237  1.00 64.03 ? 93  PHE A C   1 
ATOM   534  O  O   . PHE A 1 76 ? -29.551 21.494  -0.601  1.00 61.99 ? 93  PHE A O   1 
ATOM   535  C  CB  . PHE A 1 76 ? -27.998 19.969  1.798   1.00 60.44 ? 93  PHE A CB  1 
ATOM   536  C  CG  . PHE A 1 76 ? -27.136 21.159  1.416   1.00 55.62 ? 93  PHE A CG  1 
ATOM   537  C  CD1 . PHE A 1 76 ? -25.973 20.975  0.688   1.00 61.03 ? 93  PHE A CD1 1 
ATOM   538  C  CD2 . PHE A 1 76 ? -27.473 22.444  1.795   1.00 54.70 ? 93  PHE A CD2 1 
ATOM   539  C  CE1 . PHE A 1 76 ? -25.147 22.036  0.342   1.00 54.46 ? 93  PHE A CE1 1 
ATOM   540  C  CE2 . PHE A 1 76 ? -26.660 23.517  1.464   1.00 61.42 ? 93  PHE A CE2 1 
ATOM   541  C  CZ  . PHE A 1 76 ? -25.501 23.318  0.707   1.00 61.60 ? 93  PHE A CZ  1 
ATOM   542  N  N   . ILE A 1 77 ? -29.097 19.367  -1.084  1.00 65.42 ? 94  ILE A N   1 
ATOM   543  C  CA  . ILE A 1 77 ? -28.917 19.680  -2.483  1.00 58.47 ? 94  ILE A CA  1 
ATOM   544  C  C   . ILE A 1 77 ? -30.229 20.060  -3.143  1.00 66.56 ? 94  ILE A C   1 
ATOM   545  O  O   . ILE A 1 77 ? -30.229 20.853  -4.087  1.00 70.11 ? 94  ILE A O   1 
ATOM   546  C  CB  . ILE A 1 77 ? -28.334 18.539  -3.242  1.00 58.51 ? 94  ILE A CB  1 
ATOM   547  C  CG1 . ILE A 1 77 ? -26.871 18.408  -2.910  1.00 56.12 ? 94  ILE A CG1 1 
ATOM   548  C  CG2 . ILE A 1 77 ? -28.472 18.786  -4.729  1.00 63.63 ? 94  ILE A CG2 1 
ATOM   549  C  CD1 . ILE A 1 77 ? -26.337 17.041  -3.220  1.00 52.76 ? 94  ILE A CD1 1 
ATOM   550  N  N   . HIS A 1 78 ? -31.352 19.553  -2.664  1.00 54.79 ? 95  HIS A N   1 
ATOM   551  C  CA  . HIS A 1 78 ? -32.619 20.015  -3.258  1.00 68.89 ? 95  HIS A CA  1 
ATOM   552  C  C   . HIS A 1 78 ? -32.804 21.517  -3.041  1.00 75.29 ? 95  HIS A C   1 
ATOM   553  O  O   . HIS A 1 78 ? -33.123 22.257  -3.970  1.00 73.28 ? 95  HIS A O   1 
ATOM   554  C  CB  . HIS A 1 78 ? -33.838 19.269  -2.729  1.00 71.22 ? 95  HIS A CB  1 
ATOM   555  C  CG  . HIS A 1 78 ? -35.095 19.555  -3.501  1.00 66.17 ? 95  HIS A CG  1 
ATOM   556  N  N   . LYS A 1 79 ? -32.583 21.984  -1.823  1.00 67.90 ? 96  LYS A N   1 
ATOM   557  C  CA  . LYS A 1 79 ? -32.701 23.397  -1.593  1.00 64.32 ? 96  LYS A CA  1 
ATOM   558  C  C   . LYS A 1 79 ? -31.609 24.181  -2.378  1.00 53.71 ? 96  LYS A C   1 
ATOM   559  O  O   . LYS A 1 79 ? -31.882 25.187  -2.973  1.00 47.95 ? 96  LYS A O   1 
ATOM   560  C  CB  . LYS A 1 79 ? -32.704 23.678  -0.080  1.00 69.33 ? 96  LYS A CB  1 
ATOM   561  C  CG  . LYS A 1 79 ? -33.729 22.850  0.720   1.00 60.73 ? 96  LYS A CG  1 
ATOM   562  N  N   . LEU A 1 80 ? -30.377 23.693  -2.422  1.00 57.42 ? 97  LEU A N   1 
ATOM   563  C  CA  . LEU A 1 80 ? -29.252 24.428  -3.082  1.00 53.79 ? 97  LEU A CA  1 
ATOM   564  C  C   . LEU A 1 80 ? -29.574 24.808  -4.534  1.00 67.28 ? 97  LEU A C   1 
ATOM   565  O  O   . LEU A 1 80 ? -29.513 25.982  -4.900  1.00 76.50 ? 97  LEU A O   1 
ATOM   566  C  CB  . LEU A 1 80 ? -27.942 23.611  -3.007  1.00 54.74 ? 97  LEU A CB  1 
ATOM   567  C  CG  . LEU A 1 80 ? -26.755 23.794  -3.970  1.00 46.39 ? 97  LEU A CG  1 
ATOM   568  N  N   . ALA A 1 81 ? -29.938 23.819  -5.344  1.00 72.04 ? 98  ALA A N   1 
ATOM   569  C  CA  . ALA A 1 81 ? -30.371 24.033  -6.728  1.00 70.75 ? 98  ALA A CA  1 
ATOM   570  C  C   . ALA A 1 81 ? -31.802 24.568  -6.813  1.00 76.71 ? 98  ALA A C   1 
ATOM   571  O  O   . ALA A 1 81 ? -32.073 25.513  -7.576  1.00 66.78 ? 98  ALA A O   1 
ATOM   572  C  CB  . ALA A 1 81 ? -30.276 22.730  -7.498  1.00 77.87 ? 98  ALA A CB  1 
ATOM   573  N  N   . VAL A 1 82 ? -32.706 23.943  -6.048  1.00 85.03 ? 99  VAL A N   1 
ATOM   574  C  CA  . VAL A 1 82 ? -34.163 24.149  -6.195  1.00 88.13 ? 99  VAL A CA  1 
ATOM   575  C  C   . VAL A 1 82 ? -34.772 25.213  -5.306  1.00 84.78 ? 99  VAL A C   1 
ATOM   576  O  O   . VAL A 1 82 ? -35.955 25.495  -5.423  1.00 82.30 ? 99  VAL A O   1 
ATOM   577  C  CB  . VAL A 1 82 ? -34.954 22.838  -5.949  1.00 86.72 ? 99  VAL A CB  1 
ATOM   578  N  N   . ASN A 1 83 ? -33.973 25.787  -4.419  1.00 80.97 ? 100 ASN A N   1 
ATOM   579  C  CA  . ASN A 1 83 ? -34.405 26.906  -3.574  1.00 85.50 ? 100 ASN A CA  1 
ATOM   580  C  C   . ASN A 1 83 ? -33.461 28.134  -3.568  1.00 84.57 ? 100 ASN A C   1 
ATOM   581  O  O   . ASN A 1 83 ? -33.728 29.114  -2.853  1.00 83.17 ? 100 ASN A O   1 
ATOM   582  C  CB  . ASN A 1 83 ? -34.650 26.375  -2.154  1.00 84.79 ? 100 ASN A CB  1 
ATOM   583  C  CG  . ASN A 1 83 ? -36.118 26.091  -1.874  1.00 83.64 ? 100 ASN A CG  1 
ATOM   584  O  OD1 . ASN A 1 83 ? -36.544 24.943  -1.814  1.00 89.99 ? 100 ASN A OD1 1 
ATOM   585  N  ND2 . ASN A 1 83 ? -36.888 27.144  -1.678  1.00 78.15 ? 100 ASN A ND2 1 
ATOM   586  N  N   . VAL A 1 84 ? -32.381 28.094  -4.361  1.00 73.99 ? 101 VAL A N   1 
ATOM   587  C  CA  . VAL A 1 84 ? -31.483 29.246  -4.529  1.00 72.73 ? 101 VAL A CA  1 
ATOM   588  C  C   . VAL A 1 84 ? -31.084 29.509  -5.992  1.00 74.12 ? 101 VAL A C   1 
ATOM   589  O  O   . VAL A 1 84 ? -31.044 30.661  -6.421  1.00 61.00 ? 101 VAL A O   1 
ATOM   590  C  CB  . VAL A 1 84 ? -30.191 29.092  -3.705  1.00 64.47 ? 101 VAL A CB  1 
ATOM   591  C  CG1 . VAL A 1 84 ? -29.391 30.393  -3.716  1.00 73.73 ? 101 VAL A CG1 1 
ATOM   592  C  CG2 . VAL A 1 84 ? -30.502 28.681  -2.282  1.00 63.08 ? 101 VAL A CG2 1 
ATOM   593  N  N   . GLN A 1 85 ? -30.750 28.461  -6.752  1.00 80.22 ? 102 GLN A N   1 
ATOM   594  C  CA  . GLN A 1 85 ? -30.381 28.640  -8.170  1.00 86.27 ? 102 GLN A CA  1 
ATOM   595  C  C   . GLN A 1 85 ? -31.644 28.856  -9.008  1.00 88.07 ? 102 GLN A C   1 
ATOM   596  O  O   . GLN A 1 85 ? -31.581 29.530  -10.024 1.00 73.50 ? 102 GLN A O   1 
ATOM   597  C  CB  . GLN A 1 85 ? -29.531 27.478  -8.704  1.00 89.90 ? 102 GLN A CB  1 
ATOM   598  N  N   . LEU A 1 86 ? -32.799 28.370  -8.535  1.00 85.93 ? 103 LEU A N   1 
ATOM   599  C  CA  . LEU A 1 86 ? -34.010 28.398  -9.338  1.00 86.05 ? 103 LEU A CA  1 
ATOM   600  C  C   . LEU A 1 86 ? -34.489 29.837  -9.611  1.00 88.39 ? 103 LEU A C   1 
ATOM   601  O  O   . LEU A 1 86 ? -34.415 30.296  -10.758 1.00 78.42 ? 103 LEU A O   1 
ATOM   602  C  CB  . LEU A 1 86 ? -35.101 27.502  -8.725  1.00 89.51 ? 103 LEU A CB  1 
ATOM   603  N  N   . PRO A 1 87 ? -34.939 30.573  -8.568  1.00 78.38 ? 104 PRO A N   1 
ATOM   604  C  CA  . PRO A 1 87 ? -35.297 31.946  -8.884  1.00 70.30 ? 104 PRO A CA  1 
ATOM   605  C  C   . PRO A 1 87 ? -34.164 32.685  -9.584  1.00 65.38 ? 104 PRO A C   1 
ATOM   606  O  O   . PRO A 1 87 ? -34.408 33.360  -10.581 1.00 56.99 ? 104 PRO A O   1 
ATOM   607  C  CB  . PRO A 1 87 ? -35.579 32.547  -7.535  1.00 66.57 ? 104 PRO A CB  1 
ATOM   608  C  CG  . PRO A 1 87 ? -36.107 31.414  -6.736  1.00 76.10 ? 104 PRO A CG  1 
ATOM   609  C  CD  . PRO A 1 87 ? -35.397 30.191  -7.222  1.00 80.29 ? 104 PRO A CD  1 
ATOM   610  N  N   . SER A 1 88 ? -32.940 32.541  -9.094  1.00 61.44 ? 105 SER A N   1 
ATOM   611  C  CA  . SER A 1 88 ? -31.827 33.263  -9.671  1.00 69.11 ? 105 SER A CA  1 
ATOM   612  C  C   . SER A 1 88 ? -31.906 33.070  -11.193 1.00 81.23 ? 105 SER A C   1 
ATOM   613  O  O   . SER A 1 88 ? -32.175 34.023  -11.944 1.00 67.15 ? 105 SER A O   1 
ATOM   614  C  CB  . SER A 1 88 ? -30.513 32.791  -9.048  1.00 71.61 ? 105 SER A CB  1 
ATOM   615  O  OG  . SER A 1 88 ? -29.381 33.218  -9.784  1.00 80.15 ? 105 SER A OG  1 
ATOM   616  N  N   . ILE A 1 89 ? -31.803 31.814  -11.627 1.00 80.81 ? 106 ILE A N   1 
ATOM   617  C  CA  . ILE A 1 89 ? -31.799 31.486  -13.062 1.00 81.00 ? 106 ILE A CA  1 
ATOM   618  C  C   . ILE A 1 89 ? -33.145 31.746  -13.763 1.00 83.74 ? 106 ILE A C   1 
ATOM   619  O  O   . ILE A 1 89 ? -33.196 32.404  -14.829 1.00 72.50 ? 106 ILE A O   1 
ATOM   620  C  CB  . ILE A 1 89 ? -31.414 30.004  -13.272 1.00 84.33 ? 106 ILE A CB  1 
ATOM   621  N  N   . LEU A 1 90 ? -34.219 31.221  -13.165 1.00 82.73 ? 107 LEU A N   1 
ATOM   622  C  CA  . LEU A 1 90 ? -35.580 31.323  -13.720 1.00 89.47 ? 107 LEU A CA  1 
ATOM   623  C  C   . LEU A 1 90 ? -36.001 32.747  -14.019 1.00 80.77 ? 107 LEU A C   1 
ATOM   624  O  O   . LEU A 1 90 ? -36.539 33.026  -15.096 1.00 82.13 ? 107 LEU A O   1 
ATOM   625  C  CB  . LEU A 1 90 ? -36.624 30.714  -12.767 1.00 82.67 ? 107 LEU A CB  1 
ATOM   626  N  N   . SER A 1 91 ? -35.762 33.647  -13.063 1.00 81.96 ? 108 SER A N   1 
ATOM   627  C  CA  . SER A 1 91 ? -36.252 35.017  -13.159 1.00 81.36 ? 108 SER A CA  1 
ATOM   628  C  C   . SER A 1 91 ? -35.496 35.893  -14.167 1.00 88.20 ? 108 SER A C   1 
ATOM   629  O  O   . SER A 1 91 ? -36.072 36.834  -14.728 1.00 85.72 ? 108 SER A O   1 
ATOM   630  C  CB  . SER A 1 91 ? -36.285 35.631  -11.766 1.00 78.80 ? 108 SER A CB  1 
ATOM   631  O  OG  . SER A 1 91 ? -37.136 34.833  -10.953 1.00 71.13 ? 108 SER A OG  1 
ATOM   632  N  N   . ASN A 1 92 ? -34.231 35.579  -14.446 1.00 85.79 ? 109 ASN A N   1 
ATOM   633  C  CA  . ASN A 1 92 ? -33.588 36.196  -15.621 1.00 83.99 ? 109 ASN A CA  1 
ATOM   634  C  C   . ASN A 1 92 ? -34.465 35.900  -16.877 1.00 80.31 ? 109 ASN A C   1 
ATOM   635  O  O   . ASN A 1 92 ? -34.684 36.773  -17.723 1.00 88.18 ? 109 ASN A O   1 
ATOM   636  C  CB  . ASN A 1 92 ? -32.146 35.697  -15.806 1.00 89.90 ? 109 ASN A CB  1 
ATOM   637  N  N   . LEU A 1 93 ? -34.998 34.677  -16.948 1.00 76.39 ? 110 LEU A N   1 
ATOM   638  C  CA  . LEU A 1 93 ? -35.891 34.238  -18.019 1.00 71.22 ? 110 LEU A CA  1 
ATOM   639  C  C   . LEU A 1 93 ? -37.345 34.637  -17.726 1.00 71.69 ? 110 LEU A C   1 
ATOM   640  O  O   . LEU A 1 93 ? -38.102 35.020  -18.634 1.00 58.72 ? 110 LEU A O   1 
ATOM   641  C  CB  . LEU A 1 93 ? -35.798 32.715  -18.204 1.00 68.32 ? 110 LEU A CB  1 
ATOM   642  N  N   . LYS B 1 3  ? 35.778  -23.333 0.521   1.00 80.92 ? 20  LYS B N   1 
ATOM   643  C  CA  . LYS B 1 3  ? 34.908  -23.821 -0.549  1.00 83.81 ? 20  LYS B CA  1 
ATOM   644  C  C   . LYS B 1 3  ? 33.539  -24.270 -0.041  1.00 75.13 ? 20  LYS B C   1 
ATOM   645  O  O   . LYS B 1 3  ? 32.500  -23.896 -0.570  1.00 55.36 ? 20  LYS B O   1 
ATOM   646  C  CB  . LYS B 1 3  ? 35.580  -24.940 -1.309  1.00 79.69 ? 20  LYS B CB  1 
ATOM   647  N  N   . ASP B 1 4  ? 33.567  -25.070 1.003   1.00 68.62 ? 21  ASP B N   1 
ATOM   648  C  CA  . ASP B 1 4  ? 32.419  -25.308 1.799   1.00 67.48 ? 21  ASP B CA  1 
ATOM   649  C  C   . ASP B 1 4  ? 32.195  -24.022 2.558   1.00 68.97 ? 21  ASP B C   1 
ATOM   650  O  O   . ASP B 1 4  ? 31.092  -23.603 2.736   1.00 56.81 ? 21  ASP B O   1 
ATOM   651  C  CB  . ASP B 1 4  ? 32.684  -26.449 2.771   1.00 79.85 ? 21  ASP B CB  1 
ATOM   652  N  N   . LYS B 1 5  ? 33.272  -23.395 2.997   1.00 62.72 ? 22  LYS B N   1 
ATOM   653  C  CA  . LYS B 1 5  ? 33.178  -22.188 3.792   1.00 59.07 ? 22  LYS B CA  1 
ATOM   654  C  C   . LYS B 1 5  ? 32.978  -20.932 2.984   1.00 55.74 ? 22  LYS B C   1 
ATOM   655  O  O   . LYS B 1 5  ? 32.407  -20.022 3.435   1.00 44.05 ? 22  LYS B O   1 
ATOM   656  C  CB  . LYS B 1 5  ? 34.381  -22.046 4.693   1.00 60.25 ? 22  LYS B CB  1 
ATOM   657  C  CG  . LYS B 1 5  ? 34.061  -21.332 5.976   1.00 54.08 ? 22  LYS B CG  1 
ATOM   658  C  CD  . LYS B 1 5  ? 35.295  -21.030 6.773   1.00 57.24 ? 22  LYS B CD  1 
ATOM   659  N  N   . GLU B 1 6  ? 33.477  -20.911 1.779   1.00 50.45 ? 23  GLU B N   1 
ATOM   660  C  CA  . GLU B 1 6  ? 33.022  -19.979 0.777   1.00 50.02 ? 23  GLU B CA  1 
ATOM   661  C  C   . GLU B 1 6  ? 31.492  -19.979 0.702   1.00 45.17 ? 23  GLU B C   1 
ATOM   662  O  O   . GLU B 1 6  ? 30.927  -18.948 0.821   1.00 42.24 ? 23  GLU B O   1 
ATOM   663  C  CB  . GLU B 1 6  ? 33.583  -20.323 -0.600  1.00 58.56 ? 23  GLU B CB  1 
ATOM   664  C  CG  . GLU B 1 6  ? 33.244  -19.313 -1.707  1.00 61.42 ? 23  GLU B CG  1 
ATOM   665  C  CD  . GLU B 1 6  ? 33.831  -19.712 -3.052  1.00 76.18 ? 23  GLU B CD  1 
ATOM   666  O  OE1 . GLU B 1 6  ? 33.935  -20.934 -3.354  1.00 89.78 ? 23  GLU B OE1 1 
ATOM   667  O  OE2 . GLU B 1 6  ? 34.210  -18.793 -3.810  1.00 82.20 ? 23  GLU B OE2 1 
ATOM   668  N  N   . PHE B 1 7  ? 30.879  -21.152 0.518   1.00 39.88 ? 24  PHE B N   1 
ATOM   669  C  CA  . PHE B 1 7  ? 29.456  -21.296 0.366   1.00 34.74 ? 24  PHE B CA  1 
ATOM   670  C  C   . PHE B 1 7  ? 28.720  -20.811 1.617   1.00 34.65 ? 24  PHE B C   1 
ATOM   671  O  O   . PHE B 1 7  ? 27.809  -19.990 1.522   1.00 28.75 ? 24  PHE B O   1 
ATOM   672  C  CB  . PHE B 1 7  ? 29.006  -22.761 0.011   1.00 34.38 ? 24  PHE B CB  1 
ATOM   673  C  CG  . PHE B 1 7  ? 27.546  -22.859 -0.131  1.00 34.35 ? 24  PHE B CG  1 
ATOM   674  C  CD1 . PHE B 1 7  ? 26.749  -23.348 0.924   1.00 42.54 ? 24  PHE B CD1 1 
ATOM   675  C  CD2 . PHE B 1 7  ? 26.913  -22.225 -1.189  1.00 38.89 ? 24  PHE B CD2 1 
ATOM   676  C  CE1 . PHE B 1 7  ? 25.338  -23.263 0.868   1.00 37.93 ? 24  PHE B CE1 1 
ATOM   677  C  CE2 . PHE B 1 7  ? 25.515  -22.207 -1.302  1.00 39.22 ? 24  PHE B CE2 1 
ATOM   678  C  CZ  . PHE B 1 7  ? 24.721  -22.710 -0.243  1.00 39.52 ? 24  PHE B CZ  1 
ATOM   679  N  N   . GLN B 1 8  ? 29.099  -21.365 2.767   1.00 34.50 ? 25  GLN B N   1 
ATOM   680  C  CA  . GLN B 1 8  ? 28.614  -20.962 4.079   1.00 35.49 ? 25  GLN B CA  1 
ATOM   681  C  C   . GLN B 1 8  ? 28.742  -19.522 4.318   1.00 32.02 ? 25  GLN B C   1 
ATOM   682  O  O   . GLN B 1 8  ? 27.811  -18.925 4.881   1.00 30.02 ? 25  GLN B O   1 
ATOM   683  C  CB  . GLN B 1 8  ? 29.406  -21.583 5.221   1.00 43.61 ? 25  GLN B CB  1 
ATOM   684  C  CG  . GLN B 1 8  ? 29.020  -23.027 5.543   1.00 54.19 ? 25  GLN B CG  1 
ATOM   685  C  CD  . GLN B 1 8  ? 29.942  -23.693 6.588   1.00 52.18 ? 25  GLN B CD  1 
ATOM   686  O  OE1 . GLN B 1 8  ? 30.721  -23.039 7.343   1.00 59.86 ? 25  GLN B OE1 1 
ATOM   687  N  NE2 . GLN B 1 8  ? 29.858  -25.006 6.634   1.00 60.36 ? 25  GLN B NE2 1 
ATOM   688  N  N   . VAL B 1 9  ? 29.867  -18.931 3.952   1.00 32.75 ? 26  VAL B N   1 
ATOM   689  C  CA  . VAL B 1 9  ? 30.010  -17.483 4.209   1.00 36.92 ? 26  VAL B CA  1 
ATOM   690  C  C   . VAL B 1 9  ? 29.023  -16.614 3.383   1.00 39.28 ? 26  VAL B C   1 
ATOM   691  O  O   . VAL B 1 9  ? 28.417  -15.667 3.939   1.00 28.72 ? 26  VAL B O   1 
ATOM   692  C  CB  . VAL B 1 9  ? 31.444  -16.984 4.043   1.00 42.80 ? 26  VAL B CB  1 
ATOM   693  C  CG1 . VAL B 1 9  ? 31.509  -15.475 3.975   1.00 50.72 ? 26  VAL B CG1 1 
ATOM   694  C  CG2 . VAL B 1 9  ? 32.289  -17.446 5.223   1.00 43.23 ? 26  VAL B CG2 1 
ATOM   695  N  N   . LEU B 1 10 ? 28.965  -16.854 2.055   1.00 36.57 ? 27  LEU B N   1 
ATOM   696  C  CA  . LEU B 1 10 ? 28.041  -16.136 1.148   1.00 33.34 ? 27  LEU B CA  1 
ATOM   697  C  C   . LEU B 1 10 ? 26.556  -16.309 1.567   1.00 27.63 ? 27  LEU B C   1 
ATOM   698  O  O   . LEU B 1 10 ? 25.771  -15.367 1.490   1.00 31.84 ? 27  LEU B O   1 
ATOM   699  C  CB  . LEU B 1 10 ? 28.178  -16.644 -0.276  1.00 36.77 ? 27  LEU B CB  1 
ATOM   700  C  CG  . LEU B 1 10 ? 29.490  -16.450 -1.024  1.00 40.01 ? 27  LEU B CG  1 
ATOM   701  C  CD1 . LEU B 1 10 ? 29.440  -17.224 -2.326  1.00 40.01 ? 27  LEU B CD1 1 
ATOM   702  C  CD2 . LEU B 1 10 ? 29.693  -14.961 -1.288  1.00 43.55 ? 27  LEU B CD2 1 
ATOM   703  N  N   . PHE B 1 11 ? 26.174  -17.523 1.932   1.00 30.57 ? 28  PHE B N   1 
ATOM   704  C  CA  . PHE B 1 11 ? 24.882  -17.843 2.567   1.00 34.64 ? 28  PHE B CA  1 
ATOM   705  C  C   . PHE B 1 11 ? 24.614  -16.982 3.793   1.00 34.34 ? 28  PHE B C   1 
ATOM   706  O  O   . PHE B 1 11 ? 23.534  -16.419 3.959   1.00 36.33 ? 28  PHE B O   1 
ATOM   707  C  CB  . PHE B 1 11 ? 24.819  -19.343 3.000   1.00 45.31 ? 28  PHE B CB  1 
ATOM   708  C  CG  . PHE B 1 11 ? 23.456  -19.745 3.574   1.00 50.38 ? 28  PHE B CG  1 
ATOM   709  C  CD1 . PHE B 1 11 ? 22.438  -20.210 2.749   1.00 58.01 ? 28  PHE B CD1 1 
ATOM   710  C  CD2 . PHE B 1 11 ? 23.168  -19.552 4.933   1.00 64.09 ? 28  PHE B CD2 1 
ATOM   711  C  CE1 . PHE B 1 11 ? 21.176  -20.524 3.259   1.00 57.61 ? 28  PHE B CE1 1 
ATOM   712  C  CE2 . PHE B 1 11 ? 21.909  -19.846 5.457   1.00 68.78 ? 28  PHE B CE2 1 
ATOM   713  C  CZ  . PHE B 1 11 ? 20.911  -20.340 4.618   1.00 62.12 ? 28  PHE B CZ  1 
ATOM   714  N  N   . VAL B 1 12 ? 25.605  -16.830 4.657   1.00 37.34 ? 29  VAL B N   1 
ATOM   715  C  CA  . VAL B 1 12 ? 25.451  -15.892 5.793   1.00 38.18 ? 29  VAL B CA  1 
ATOM   716  C  C   . VAL B 1 12 ? 25.251  -14.443 5.352   1.00 25.49 ? 29  VAL B C   1 
ATOM   717  O  O   . VAL B 1 12 ? 24.263  -13.772 5.752   1.00 28.47 ? 29  VAL B O   1 
ATOM   718  C  CB  . VAL B 1 12 ? 26.566  -16.006 6.855   1.00 39.05 ? 29  VAL B CB  1 
ATOM   719  C  CG1 . VAL B 1 12 ? 26.440  -14.882 7.873   1.00 46.82 ? 29  VAL B CG1 1 
ATOM   720  C  CG2 . VAL B 1 12 ? 26.424  -17.323 7.584   1.00 46.48 ? 29  VAL B CG2 1 
ATOM   721  N  N   . LEU B 1 13 ? 26.064  -13.962 4.467   1.00 24.77 ? 30  LEU B N   1 
ATOM   722  C  CA  . LEU B 1 13 ? 25.875  -12.558 4.005   1.00 27.74 ? 30  LEU B CA  1 
ATOM   723  C  C   . LEU B 1 13 ? 24.538  -12.304 3.371   1.00 24.94 ? 30  LEU B C   1 
ATOM   724  O  O   . LEU B 1 13 ? 24.022  -11.159 3.417   1.00 28.50 ? 30  LEU B O   1 
ATOM   725  C  CB  . LEU B 1 13 ? 26.969  -12.190 3.024   1.00 33.21 ? 30  LEU B CB  1 
ATOM   726  C  CG  . LEU B 1 13 ? 28.374  -12.025 3.614   1.00 45.47 ? 30  LEU B CG  1 
ATOM   727  C  CD1 . LEU B 1 13 ? 29.470  -12.203 2.544   1.00 40.58 ? 30  LEU B CD1 1 
ATOM   728  C  CD2 . LEU B 1 13 ? 28.453  -10.655 4.253   1.00 47.79 ? 30  LEU B CD2 1 
ATOM   729  N  N   . THR B 1 14 ? 24.030  -13.327 2.637   1.00 23.18 ? 31  THR B N   1 
ATOM   730  C  CA  . THR B 1 14 ? 22.821  -13.209 1.830   1.00 25.87 ? 31  THR B CA  1 
ATOM   731  C  C   . THR B 1 14 ? 21.667  -13.128 2.810   1.00 29.58 ? 31  THR B C   1 
ATOM   732  O  O   . THR B 1 14 ? 20.892  -12.177 2.783   1.00 33.44 ? 31  THR B O   1 
ATOM   733  C  CB  . THR B 1 14 ? 22.650  -14.409 0.846   1.00 28.73 ? 31  THR B CB  1 
ATOM   734  O  OG1 . THR B 1 14 ? 23.542  -14.260 -0.257  1.00 30.84 ? 31  THR B OG1 1 
ATOM   735  C  CG2 . THR B 1 14 ? 21.252  -14.455 0.283   1.00 30.59 ? 31  THR B CG2 1 
ATOM   736  N  N   . ILE B 1 15 ? 21.599  -14.084 3.746   1.00 29.70 ? 32  ILE B N   1 
ATOM   737  C  CA  . ILE B 1 15 ? 20.553  -14.059 4.776   1.00 34.68 ? 32  ILE B CA  1 
ATOM   738  C  C   . ILE B 1 15 ? 20.608  -12.725 5.566   1.00 32.52 ? 32  ILE B C   1 
ATOM   739  O  O   . ILE B 1 15 ? 19.590  -12.029 5.795   1.00 36.86 ? 32  ILE B O   1 
ATOM   740  C  CB  . ILE B 1 15 ? 20.698  -15.300 5.706   1.00 39.30 ? 32  ILE B CB  1 
ATOM   741  C  CG1 . ILE B 1 15 ? 20.563  -16.594 4.900   1.00 42.74 ? 32  ILE B CG1 1 
ATOM   742  C  CG2 . ILE B 1 15 ? 19.704  -15.273 6.843   1.00 44.06 ? 32  ILE B CG2 1 
ATOM   743  C  CD1 . ILE B 1 15 ? 19.259  -16.756 4.131   1.00 46.76 ? 32  ILE B CD1 1 
ATOM   744  N  N   . LEU B 1 16 ? 21.782  -12.318 5.976   1.00 27.47 ? 33  LEU B N   1 
ATOM   745  C  CA  . LEU B 1 16 ? 21.840  -11.010 6.747   1.00 28.47 ? 33  LEU B CA  1 
ATOM   746  C  C   . LEU B 1 16 ? 21.346  -9.858  5.882   1.00 30.36 ? 33  LEU B C   1 
ATOM   747  O  O   . LEU B 1 16 ? 20.808  -8.876  6.427   1.00 38.77 ? 33  LEU B O   1 
ATOM   748  C  CB  . LEU B 1 16 ? 23.271  -10.690 7.221   1.00 31.08 ? 33  LEU B CB  1 
ATOM   749  C  CG  . LEU B 1 16 ? 23.964  -11.623 8.256   1.00 37.30 ? 33  LEU B CG  1 
ATOM   750  C  CD1 . LEU B 1 16 ? 25.438  -11.292 8.535   1.00 38.59 ? 33  LEU B CD1 1 
ATOM   751  C  CD2 . LEU B 1 16 ? 23.193  -11.647 9.555   1.00 38.09 ? 33  LEU B CD2 1 
ATOM   752  N  N   . THR B 1 17 ? 21.566  -9.918  4.545   1.00 28.18 ? 34  THR B N   1 
ATOM   753  C  CA  . THR B 1 17 ? 21.139  -8.817  3.629   1.00 27.97 ? 34  THR B CA  1 
ATOM   754  C  C   . THR B 1 17 ? 19.623  -8.828  3.480   1.00 30.34 ? 34  THR B C   1 
ATOM   755  O  O   . THR B 1 17 ? 18.982  -7.780  3.330   1.00 40.50 ? 34  THR B O   1 
ATOM   756  C  CB  . THR B 1 17 ? 21.810  -8.975  2.247   1.00 31.94 ? 34  THR B CB  1 
ATOM   757  O  OG1 . THR B 1 17 ? 23.269  -8.955  2.408   1.00 37.53 ? 34  THR B OG1 1 
ATOM   758  C  CG2 . THR B 1 17 ? 21.361  -7.832  1.263   1.00 32.16 ? 34  THR B CG2 1 
ATOM   759  N  N   . LEU B 1 18 ? 19.050  -10.028 3.519   1.00 30.31 ? 35  LEU B N   1 
ATOM   760  C  CA  . LEU B 1 18 ? 17.620  -10.211 3.425   1.00 33.57 ? 35  LEU B CA  1 
ATOM   761  C  C   . LEU B 1 18 ? 16.877  -9.807  4.703   1.00 32.81 ? 35  LEU B C   1 
ATOM   762  O  O   . LEU B 1 18 ? 15.950  -9.118  4.606   1.00 30.42 ? 35  LEU B O   1 
ATOM   763  C  CB  . LEU B 1 18 ? 17.270  -11.659 3.006   1.00 37.14 ? 35  LEU B CB  1 
ATOM   764  C  CG  . LEU B 1 18 ? 17.655  -12.138 1.591   1.00 33.13 ? 35  LEU B CG  1 
ATOM   765  C  CD1 . LEU B 1 18 ? 17.191  -13.552 1.243   1.00 33.96 ? 35  LEU B CD1 1 
ATOM   766  C  CD2 . LEU B 1 18 ? 17.174  -11.154 0.568   1.00 34.76 ? 35  LEU B CD2 1 
ATOM   767  N  N   . ILE B 1 19 ? 17.367  -10.201 5.877   1.00 33.93 ? 36  ILE B N   1 
ATOM   768  C  CA  . ILE B 1 19 ? 16.951  -9.635  7.169   1.00 36.19 ? 36  ILE B CA  1 
ATOM   769  C  C   . ILE B 1 19 ? 17.008  -8.111  7.236   1.00 37.42 ? 36  ILE B C   1 
ATOM   770  O  O   . ILE B 1 19 ? 16.029  -7.479  7.597   1.00 37.02 ? 36  ILE B O   1 
ATOM   771  C  CB  . ILE B 1 19 ? 17.872  -10.155 8.297   1.00 42.47 ? 36  ILE B CB  1 
ATOM   772  C  CG1 . ILE B 1 19 ? 17.668  -11.652 8.474   1.00 48.87 ? 36  ILE B CG1 1 
ATOM   773  C  CG2 . ILE B 1 19 ? 17.612  -9.452  9.607   1.00 48.55 ? 36  ILE B CG2 1 
ATOM   774  C  CD1 . ILE B 1 19 ? 18.730  -12.296 9.317   1.00 50.98 ? 36  ILE B CD1 1 
ATOM   775  N  N   . SER B 1 20 ? 18.130  -7.506  6.856   1.00 40.01 ? 37  SER B N   1 
ATOM   776  C  CA  . SER B 1 20 ? 18.186  -6.030  6.722   1.00 41.87 ? 37  SER B CA  1 
ATOM   777  C  C   . SER B 1 20 ? 17.014  -5.416  5.945   1.00 43.14 ? 37  SER B C   1 
ATOM   778  O  O   . SER B 1 20 ? 16.407  -4.422  6.362   1.00 43.19 ? 37  SER B O   1 
ATOM   779  C  CB  . SER B 1 20 ? 19.514  -5.575  6.058   1.00 40.67 ? 37  SER B CB  1 
ATOM   780  O  OG  . SER B 1 20 ? 20.591  -5.687  6.981   1.00 36.68 ? 37  SER B OG  1 
ATOM   781  N  N   . GLY B 1 21 ? 16.739  -5.986  4.783   1.00 46.73 ? 38  GLY B N   1 
ATOM   782  C  CA  . GLY B 1 21 ? 15.644  -5.541  3.953   1.00 43.76 ? 38  GLY B CA  1 
ATOM   783  C  C   . GLY B 1 21 ? 14.307  -5.761  4.608   1.00 45.13 ? 38  GLY B C   1 
ATOM   784  O  O   . GLY B 1 21 ? 13.489  -4.845  4.654   1.00 54.67 ? 38  GLY B O   1 
ATOM   785  N  N   . THR B 1 22 ? 14.074  -6.955  5.136   1.00 42.53 ? 39  THR B N   1 
ATOM   786  C  CA  . THR B 1 22 ? 12.815  -7.236  5.875   1.00 47.31 ? 39  THR B CA  1 
ATOM   787  C  C   . THR B 1 22 ? 12.498  -6.232  7.003   1.00 49.25 ? 39  THR B C   1 
ATOM   788  O  O   . THR B 1 22 ? 11.328  -5.812  7.157   1.00 51.69 ? 39  THR B O   1 
ATOM   789  C  CB  . THR B 1 22 ? 12.837  -8.684  6.443   1.00 51.87 ? 39  THR B CB  1 
ATOM   790  O  OG1 . THR B 1 22 ? 13.374  -9.557  5.454   1.00 43.65 ? 39  THR B OG1 1 
ATOM   791  C  CG2 . THR B 1 22 ? 11.424  -9.192  6.866   1.00 51.23 ? 39  THR B CG2 1 
ATOM   792  N  N   . ILE B 1 23 ? 13.517  -5.898  7.800   1.00 46.62 ? 40  ILE B N   1 
ATOM   793  C  CA  . ILE B 1 23 ? 13.405  -4.946  8.915   1.00 47.14 ? 40  ILE B CA  1 
ATOM   794  C  C   . ILE B 1 23 ? 13.135  -3.568  8.292   1.00 52.72 ? 40  ILE B C   1 
ATOM   795  O  O   . ILE B 1 23 ? 12.191  -2.822  8.683   1.00 56.82 ? 40  ILE B O   1 
ATOM   796  C  CB  . ILE B 1 23 ? 14.700  -5.006  9.795   1.00 48.83 ? 40  ILE B CB  1 
ATOM   797  C  CG1 . ILE B 1 23 ? 14.717  -6.266  10.634  1.00 46.63 ? 40  ILE B CG1 1 
ATOM   798  C  CG2 . ILE B 1 23 ? 14.822  -3.848  10.788  1.00 50.84 ? 40  ILE B CG2 1 
ATOM   799  C  CD1 . ILE B 1 23 ? 16.116  -6.693  11.005  1.00 50.78 ? 40  ILE B CD1 1 
ATOM   800  N  N   . PHE B 1 24 ? 13.877  -3.238  7.235   1.00 50.20 ? 41  PHE B N   1 
ATOM   801  C  CA  . PHE B 1 24 ? 13.637  -1.949  6.624   1.00 41.96 ? 41  PHE B CA  1 
ATOM   802  C  C   . PHE B 1 24 ? 12.246  -1.722  6.068   1.00 45.25 ? 41  PHE B C   1 
ATOM   803  O  O   . PHE B 1 24 ? 11.599  -0.760  6.429   1.00 46.52 ? 41  PHE B O   1 
ATOM   804  C  CB  . PHE B 1 24 ? 14.594  -1.619  5.563   1.00 45.74 ? 41  PHE B CB  1 
ATOM   805  C  CG  . PHE B 1 24 ? 14.362  -0.259  5.018   1.00 50.22 ? 41  PHE B CG  1 
ATOM   806  C  CD1 . PHE B 1 24 ? 14.923  0.839   5.633   1.00 51.35 ? 41  PHE B CD1 1 
ATOM   807  C  CD2 . PHE B 1 24 ? 13.551  -0.074  3.925   1.00 55.05 ? 41  PHE B CD2 1 
ATOM   808  C  CE1 . PHE B 1 24 ? 14.718  2.111   5.144   1.00 54.63 ? 41  PHE B CE1 1 
ATOM   809  C  CE2 . PHE B 1 24 ? 13.340  1.201   3.426   1.00 61.17 ? 41  PHE B CE2 1 
ATOM   810  C  CZ  . PHE B 1 24 ? 13.911  2.294   4.045   1.00 53.35 ? 41  PHE B CZ  1 
ATOM   811  N  N   . TYR B 1 25 ? 11.803  -2.586  5.162   1.00 50.30 ? 42  TYR B N   1 
ATOM   812  C  CA  . TYR B 1 25 ? 10.500  -2.451  4.540   1.00 42.53 ? 42  TYR B CA  1 
ATOM   813  C  C   . TYR B 1 25 ? 9.324   -2.707  5.512   1.00 49.10 ? 42  TYR B C   1 
ATOM   814  O  O   . TYR B 1 25 ? 8.281   -2.120  5.339   1.00 56.96 ? 42  TYR B O   1 
ATOM   815  C  CB  . TYR B 1 25 ? 10.366  -3.281  3.234   1.00 41.16 ? 42  TYR B CB  1 
ATOM   816  C  CG  . TYR B 1 25 ? 11.408  -2.873  2.175   1.00 41.90 ? 42  TYR B CG  1 
ATOM   817  C  CD1 . TYR B 1 25 ? 12.513  -3.680  1.922   1.00 40.61 ? 42  TYR B CD1 1 
ATOM   818  C  CD2 . TYR B 1 25 ? 11.327  -1.671  1.501   1.00 43.22 ? 42  TYR B CD2 1 
ATOM   819  C  CE1 . TYR B 1 25 ? 13.488  -3.315  1.040   1.00 41.35 ? 42  TYR B CE1 1 
ATOM   820  C  CE2 . TYR B 1 25 ? 12.302  -1.281  0.592   1.00 39.59 ? 42  TYR B CE2 1 
ATOM   821  C  CZ  . TYR B 1 25 ? 13.390  -2.116  0.384   1.00 41.19 ? 42  TYR B CZ  1 
ATOM   822  O  OH  . TYR B 1 25 ? 14.386  -1.791  -0.471  1.00 40.10 ? 42  TYR B OH  1 
ATOM   823  N  N   . SER B 1 26 ? 9.471   -3.578  6.510   1.00 54.88 ? 43  SER B N   1 
ATOM   824  C  CA  . SER B 1 26 ? 8.372   -3.794  7.475   1.00 48.59 ? 43  SER B CA  1 
ATOM   825  C  C   . SER B 1 26 ? 8.095   -2.519  8.296   1.00 52.60 ? 43  SER B C   1 
ATOM   826  O  O   . SER B 1 26 ? 6.948   -2.187  8.535   1.00 50.74 ? 43  SER B O   1 
ATOM   827  C  CB  . SER B 1 26 ? 8.593   -4.999  8.400   1.00 50.57 ? 43  SER B CB  1 
ATOM   828  O  OG  . SER B 1 26 ? 9.924   -5.051  8.900   1.00 66.75 ? 43  SER B OG  1 
ATOM   829  N  N   . THR B 1 27 ? 9.137   -1.774  8.637   1.00 48.84 ? 44  THR B N   1 
ATOM   830  C  CA  . THR B 1 27 ? 8.997   -0.614  9.464   1.00 50.73 ? 44  THR B CA  1 
ATOM   831  C  C   . THR B 1 27 ? 8.761   0.697   8.652   1.00 61.25 ? 44  THR B C   1 
ATOM   832  O  O   . THR B 1 27 ? 7.788   1.416   8.931   1.00 69.77 ? 44  THR B O   1 
ATOM   833  C  CB  . THR B 1 27 ? 10.180  -0.534  10.408  1.00 49.97 ? 44  THR B CB  1 
ATOM   834  O  OG1 . THR B 1 27 ? 11.363  -0.402  9.627   1.00 48.55 ? 44  THR B OG1 1 
ATOM   835  C  CG2 . THR B 1 27 ? 10.260  -1.846  11.310  1.00 50.85 ? 44  THR B CG2 1 
ATOM   836  N  N   . VAL B 1 28 ? 9.569   0.972   7.623   1.00 52.07 ? 45  VAL B N   1 
ATOM   837  C  CA  . VAL B 1 28 ? 9.420   2.172   6.771   1.00 53.26 ? 45  VAL B CA  1 
ATOM   838  C  C   . VAL B 1 28 ? 8.301   2.126   5.685   1.00 63.11 ? 45  VAL B C   1 
ATOM   839  O  O   . VAL B 1 28 ? 7.588   3.139   5.457   1.00 60.59 ? 45  VAL B O   1 
ATOM   840  C  CB  . VAL B 1 28 ? 10.754  2.503   6.081   1.00 56.80 ? 45  VAL B CB  1 
ATOM   841  C  CG1 . VAL B 1 28 ? 10.600  3.569   4.996   1.00 58.54 ? 45  VAL B CG1 1 
ATOM   842  C  CG2 . VAL B 1 28 ? 11.790  2.931   7.120   1.00 58.80 ? 45  VAL B CG2 1 
ATOM   843  N  N   . GLU B 1 29 ? 8.143   0.983   5.013   1.00 60.53 ? 46  GLU B N   1 
ATOM   844  C  CA  . GLU B 1 29 ? 7.035   0.787   4.061   1.00 62.05 ? 46  GLU B CA  1 
ATOM   845  C  C   . GLU B 1 29 ? 5.755   0.193   4.672   1.00 54.52 ? 46  GLU B C   1 
ATOM   846  O  O   . GLU B 1 29 ? 4.703   0.184   4.043   1.00 49.17 ? 46  GLU B O   1 
ATOM   847  C  CB  . GLU B 1 29 ? 7.479   -0.053  2.861   1.00 60.31 ? 46  GLU B CB  1 
ATOM   848  C  CG  . GLU B 1 29 ? 8.421   0.674   1.919   1.00 63.59 ? 46  GLU B CG  1 
ATOM   849  C  CD  . GLU B 1 29 ? 7.832   1.874   1.211   1.00 62.13 ? 46  GLU B CD  1 
ATOM   850  O  OE1 . GLU B 1 29 ? 8.604   2.857   1.052   1.00 59.47 ? 46  GLU B OE1 1 
ATOM   851  O  OE2 . GLU B 1 29 ? 6.647   1.823   0.775   1.00 63.06 ? 46  GLU B OE2 1 
ATOM   852  N  N   . GLY B 1 30 ? 5.843   -0.299  5.892   1.00 60.27 ? 47  GLY B N   1 
ATOM   853  C  CA  . GLY B 1 30 ? 4.655   -0.757  6.624   1.00 55.29 ? 47  GLY B CA  1 
ATOM   854  C  C   . GLY B 1 30 ? 4.148   -2.097  6.174   1.00 55.44 ? 47  GLY B C   1 
ATOM   855  O  O   . GLY B 1 30 ? 2.950   -2.385  6.244   1.00 55.46 ? 47  GLY B O   1 
ATOM   856  N  N   . LEU B 1 31 ? 5.051   -2.933  5.680   1.00 56.84 ? 48  LEU B N   1 
ATOM   857  C  CA  . LEU B 1 31 ? 4.627   -4.225  5.160   1.00 49.14 ? 48  LEU B CA  1 
ATOM   858  C  C   . LEU B 1 31 ? 4.668   -5.231  6.266   1.00 44.62 ? 48  LEU B C   1 
ATOM   859  O  O   . LEU B 1 31 ? 5.424   -5.084  7.212   1.00 42.28 ? 48  LEU B O   1 
ATOM   860  C  CB  . LEU B 1 31 ? 5.540   -4.664  4.019   1.00 51.59 ? 48  LEU B CB  1 
ATOM   861  C  CG  . LEU B 1 31 ? 5.657   -3.728  2.822   1.00 52.92 ? 48  LEU B CG  1 
ATOM   862  C  CD1 . LEU B 1 31 ? 6.750   -4.226  1.869   1.00 48.85 ? 48  LEU B CD1 1 
ATOM   863  C  CD2 . LEU B 1 31 ? 4.320   -3.605  2.115   1.00 52.30 ? 48  LEU B CD2 1 
ATOM   864  N  N   . ARG B 1 32 ? 3.862   -6.277  6.149   1.00 50.83 ? 49  ARG B N   1 
ATOM   865  C  CA  . ARG B 1 32 ? 4.004   -7.457  7.006   1.00 50.36 ? 49  ARG B CA  1 
ATOM   866  C  C   . ARG B 1 32 ? 5.352   -8.143  6.703   1.00 51.35 ? 49  ARG B C   1 
ATOM   867  O  O   . ARG B 1 32 ? 5.714   -8.273  5.554   1.00 49.96 ? 49  ARG B O   1 
ATOM   868  C  CB  . ARG B 1 32 ? 2.906   -8.454  6.697   1.00 49.07 ? 49  ARG B CB  1 
ATOM   869  C  CG  . ARG B 1 32 ? 1.513   -8.057  7.141   1.00 49.84 ? 49  ARG B CG  1 
ATOM   870  C  CD  . ARG B 1 32 ? 0.743   -9.322  7.460   1.00 47.88 ? 49  ARG B CD  1 
ATOM   871  N  NE  . ARG B 1 32 ? 0.460   -10.037 6.244   1.00 47.42 ? 49  ARG B NE  1 
ATOM   872  C  CZ  . ARG B 1 32 ? 0.616   -11.345 6.063   1.00 51.52 ? 49  ARG B CZ  1 
ATOM   873  N  NH1 . ARG B 1 32 ? 1.082   -12.130 7.026   1.00 61.70 ? 49  ARG B NH1 1 
ATOM   874  N  NH2 . ARG B 1 32 ? 0.284   -11.886 4.898   1.00 49.91 ? 49  ARG B NH2 1 
ATOM   875  N  N   . PRO B 1 33 ? 6.089   -8.572  7.725   1.00 50.82 ? 50  PRO B N   1 
ATOM   876  C  CA  . PRO B 1 33 ? 7.372   -9.212  7.474   1.00 52.97 ? 50  PRO B CA  1 
ATOM   877  C  C   . PRO B 1 33 ? 7.465   -10.228 6.285   1.00 50.99 ? 50  PRO B C   1 
ATOM   878  O  O   . PRO B 1 33 ? 8.492   -10.262 5.621   1.00 46.90 ? 50  PRO B O   1 
ATOM   879  C  CB  . PRO B 1 33 ? 7.653   -9.885  8.810   1.00 50.22 ? 50  PRO B CB  1 
ATOM   880  C  CG  . PRO B 1 33 ? 7.154   -8.874  9.790   1.00 53.08 ? 50  PRO B CG  1 
ATOM   881  C  CD  . PRO B 1 33 ? 5.876   -8.362  9.174   1.00 51.05 ? 50  PRO B CD  1 
ATOM   882  N  N   . ILE B 1 34 ? 6.417   -11.001 6.005   1.00 55.36 ? 51  ILE B N   1 
ATOM   883  C  CA  . ILE B 1 34 ? 6.470   -11.962 4.897   1.00 56.15 ? 51  ILE B CA  1 
ATOM   884  C  C   . ILE B 1 34 ? 6.523   -11.197 3.586   1.00 55.61 ? 51  ILE B C   1 
ATOM   885  O  O   . ILE B 1 34 ? 7.289   -11.553 2.701   1.00 44.26 ? 51  ILE B O   1 
ATOM   886  C  CB  . ILE B 1 34 ? 5.346   -13.028 4.913   1.00 53.85 ? 51  ILE B CB  1 
ATOM   887  C  CG1 . ILE B 1 34 ? 5.498   -14.045 3.782   1.00 54.31 ? 51  ILE B CG1 1 
ATOM   888  C  CG2 . ILE B 1 34 ? 3.963   -12.430 4.706   1.00 56.29 ? 51  ILE B CG2 1 
ATOM   889  C  CD1 . ILE B 1 34 ? 6.882   -14.617 3.574   1.00 64.30 ? 51  ILE B CD1 1 
ATOM   890  N  N   . ASP B 1 35 ? 5.754   -10.113 3.486   1.00 53.47 ? 52  ASP B N   1 
ATOM   891  C  CA  . ASP B 1 35 ? 5.800   -9.252  2.310   1.00 49.50 ? 52  ASP B CA  1 
ATOM   892  C  C   . ASP B 1 35 ? 7.109   -8.441  2.175   1.00 48.26 ? 52  ASP B C   1 
ATOM   893  O  O   . ASP B 1 35 ? 7.527   -8.162  1.070   1.00 55.45 ? 52  ASP B O   1 
ATOM   894  C  CB  . ASP B 1 35 ? 4.647   -8.288  2.332   1.00 48.00 ? 52  ASP B CB  1 
ATOM   895  C  CG  . ASP B 1 35 ? 3.288   -8.968  2.251   1.00 57.53 ? 52  ASP B CG  1 
ATOM   896  O  OD1 . ASP B 1 35 ? 2.302   -8.233  2.500   1.00 55.86 ? 52  ASP B OD1 1 
ATOM   897  O  OD2 . ASP B 1 35 ? 3.166   -10.180 1.914   1.00 61.93 ? 52  ASP B OD2 1 
ATOM   898  N  N   . ALA B 1 36 ? 7.717   -7.994  3.274   1.00 51.56 ? 53  ALA B N   1 
ATOM   899  C  CA  . ALA B 1 36 ? 8.976   -7.202  3.233   1.00 42.43 ? 53  ALA B CA  1 
ATOM   900  C  C   . ALA B 1 36 ? 10.207  -8.082  2.864   1.00 42.35 ? 53  ALA B C   1 
ATOM   901  O  O   . ALA B 1 36 ? 11.191  -7.592  2.297   1.00 35.62 ? 53  ALA B O   1 
ATOM   902  C  CB  . ALA B 1 36 ? 9.234   -6.567  4.583   1.00 48.59 ? 53  ALA B CB  1 
ATOM   903  N  N   . LEU B 1 37 ? 10.116  -9.358  3.198   1.00 34.28 ? 54  LEU B N   1 
ATOM   904  C  CA  . LEU B 1 37 ? 11.086  -10.365 2.833   1.00 40.76 ? 54  LEU B CA  1 
ATOM   905  C  C   . LEU B 1 37 ? 10.925  -10.753 1.358   1.00 38.90 ? 54  LEU B C   1 
ATOM   906  O  O   . LEU B 1 37 ? 11.913  -10.898 0.643   1.00 33.03 ? 54  LEU B O   1 
ATOM   907  C  CB  . LEU B 1 37 ? 10.930  -11.634 3.656   1.00 37.83 ? 54  LEU B CB  1 
ATOM   908  C  CG  . LEU B 1 37 ? 11.917  -12.738 3.216   1.00 42.38 ? 54  LEU B CG  1 
ATOM   909  C  CD1 . LEU B 1 37 ? 13.361  -12.314 3.410   1.00 44.23 ? 54  LEU B CD1 1 
ATOM   910  C  CD2 . LEU B 1 37 ? 11.739  -14.050 3.964   1.00 40.95 ? 54  LEU B CD2 1 
ATOM   911  N  N   . TYR B 1 38 ? 9.682   -10.922 0.947   1.00 30.55 ? 55  TYR B N   1 
ATOM   912  C  CA  . TYR B 1 38 ? 9.336   -11.117 -0.449  1.00 36.30 ? 55  TYR B CA  1 
ATOM   913  C  C   . TYR B 1 38 ? 9.845   -9.951  -1.267  1.00 37.46 ? 55  TYR B C   1 
ATOM   914  O  O   . TYR B 1 38 ? 10.621  -10.122 -2.209  1.00 40.44 ? 55  TYR B O   1 
ATOM   915  C  CB  . TYR B 1 38 ? 7.818   -11.346 -0.639  1.00 33.88 ? 55  TYR B CB  1 
ATOM   916  C  CG  . TYR B 1 38 ? 7.492   -11.782 -2.040  1.00 36.62 ? 55  TYR B CG  1 
ATOM   917  C  CD1 . TYR B 1 38 ? 7.129   -10.819 -3.035  1.00 37.27 ? 55  TYR B CD1 1 
ATOM   918  C  CD2 . TYR B 1 38 ? 7.598   -13.127 -2.409  1.00 37.05 ? 55  TYR B CD2 1 
ATOM   919  C  CE1 . TYR B 1 38 ? 6.858   -11.200 -4.316  1.00 36.98 ? 55  TYR B CE1 1 
ATOM   920  C  CE2 . TYR B 1 38 ? 7.328   -13.535 -3.723  1.00 39.47 ? 55  TYR B CE2 1 
ATOM   921  C  CZ  . TYR B 1 38 ? 6.968   -12.574 -4.665  1.00 42.34 ? 55  TYR B CZ  1 
ATOM   922  O  OH  . TYR B 1 38 ? 6.720   -12.992 -5.938  1.00 44.65 ? 55  TYR B OH  1 
ATOM   923  N  N   . PHE B 1 39 ? 9.468   -8.735  -0.914  1.00 39.93 ? 56  PHE B N   1 
ATOM   924  C  CA  . PHE B 1 39 ? 10.010  -7.603  -1.658  1.00 39.74 ? 56  PHE B CA  1 
ATOM   925  C  C   . PHE B 1 39 ? 11.579  -7.641  -1.757  1.00 38.63 ? 56  PHE B C   1 
ATOM   926  O  O   . PHE B 1 39 ? 12.183  -7.350  -2.769  1.00 28.38 ? 56  PHE B O   1 
ATOM   927  C  CB  . PHE B 1 39 ? 9.540   -6.273  -1.084  1.00 43.06 ? 56  PHE B CB  1 
ATOM   928  C  CG  . PHE B 1 39 ? 9.950   -5.095  -1.924  1.00 36.79 ? 56  PHE B CG  1 
ATOM   929  C  CD1 . PHE B 1 39 ? 9.192   -4.716  -3.023  1.00 39.99 ? 56  PHE B CD1 1 
ATOM   930  C  CD2 . PHE B 1 39 ? 11.099  -4.419  -1.634  1.00 34.45 ? 56  PHE B CD2 1 
ATOM   931  C  CE1 . PHE B 1 39 ? 9.584   -3.663  -3.810  1.00 41.50 ? 56  PHE B CE1 1 
ATOM   932  C  CE2 . PHE B 1 39 ? 11.511  -3.354  -2.411  1.00 36.92 ? 56  PHE B CE2 1 
ATOM   933  C  CZ  . PHE B 1 39 ? 10.761  -2.974  -3.489  1.00 37.56 ? 56  PHE B CZ  1 
ATOM   934  N  N   . SER B 1 40 ? 12.216  -7.989  -0.686  1.00 37.51 ? 57  SER B N   1 
ATOM   935  C  CA  . SER B 1 40 ? 13.639  -7.857  -0.632  1.00 32.67 ? 57  SER B CA  1 
ATOM   936  C  C   . SER B 1 40 ? 14.247  -8.855  -1.600  1.00 31.30 ? 57  SER B C   1 
ATOM   937  O  O   . SER B 1 40 ? 15.097  -8.513  -2.428  1.00 28.76 ? 57  SER B O   1 
ATOM   938  C  CB  . SER B 1 40 ? 14.065  -8.184  0.779   1.00 30.42 ? 57  SER B CB  1 
ATOM   939  O  OG  . SER B 1 40 ? 13.534  -7.183  1.600   1.00 26.17 ? 57  SER B OG  1 
ATOM   940  N  N   . VAL B 1 41 ? 13.752  -10.081 -1.491  1.00 34.73 ? 58  VAL B N   1 
ATOM   941  C  CA  . VAL B 1 41 ? 14.099  -11.193 -2.379  1.00 35.43 ? 58  VAL B CA  1 
ATOM   942  C  C   . VAL B 1 41 ? 13.867  -10.956 -3.876  1.00 31.99 ? 58  VAL B C   1 
ATOM   943  O  O   . VAL B 1 41 ? 14.811  -11.182 -4.725  1.00 40.40 ? 58  VAL B O   1 
ATOM   944  C  CB  . VAL B 1 41 ? 13.402  -12.513 -1.922  1.00 33.91 ? 58  VAL B CB  1 
ATOM   945  C  CG1 . VAL B 1 41 ? 13.659  -13.667 -2.901  1.00 32.49 ? 58  VAL B CG1 1 
ATOM   946  C  CG2 . VAL B 1 41 ? 13.897  -12.922 -0.562  1.00 32.62 ? 58  VAL B CG2 1 
ATOM   947  N  N   . VAL B 1 42 ? 12.657  -10.563 -4.269  1.00 30.21 ? 59  VAL B N   1 
ATOM   948  C  CA  . VAL B 1 42 ? 12.368  -10.382 -5.690  1.00 26.00 ? 59  VAL B CA  1 
ATOM   949  C  C   . VAL B 1 42 ? 13.063  -9.168  -6.248  1.00 27.82 ? 59  VAL B C   1 
ATOM   950  O  O   . VAL B 1 42 ? 13.177  -8.978  -7.515  1.00 33.03 ? 59  VAL B O   1 
ATOM   951  C  CB  . VAL B 1 42 ? 10.853  -10.419 -6.053  1.00 31.64 ? 59  VAL B CB  1 
ATOM   952  C  CG1 . VAL B 1 42 ? 10.249  -11.750 -5.589  1.00 32.05 ? 59  VAL B CG1 1 
ATOM   953  C  CG2 . VAL B 1 42 ? 10.099  -9.202  -5.502  1.00 31.82 ? 59  VAL B CG2 1 
ATOM   954  N  N   . THR B 1 43 ? 13.576  -8.318  -5.375  1.00 29.81 ? 60  THR B N   1 
ATOM   955  C  CA  . THR B 1 43 ? 14.297  -7.161  -5.806  1.00 32.14 ? 60  THR B CA  1 
ATOM   956  C  C   . THR B 1 43 ? 15.763  -7.501  -6.035  1.00 31.64 ? 60  THR B C   1 
ATOM   957  O  O   . THR B 1 43 ? 16.341  -7.039  -7.012  1.00 40.79 ? 60  THR B O   1 
ATOM   958  C  CB  . THR B 1 43 ? 14.076  -6.015  -4.816  1.00 39.20 ? 60  THR B CB  1 
ATOM   959  O  OG1 . THR B 1 43 ? 12.659  -5.641  -4.831  1.00 48.75 ? 60  THR B OG1 1 
ATOM   960  C  CG2 . THR B 1 43 ? 14.944  -4.766  -5.148  1.00 39.54 ? 60  THR B CG2 1 
ATOM   961  N  N   . LEU B 1 44 ? 16.408  -8.214  -5.120  1.00 25.82 ? 61  LEU B N   1 
ATOM   962  C  CA  . LEU B 1 44 ? 17.825  -8.459  -5.272  1.00 25.19 ? 61  LEU B CA  1 
ATOM   963  C  C   . LEU B 1 44 ? 18.107  -9.496  -6.352  1.00 25.93 ? 61  LEU B C   1 
ATOM   964  O  O   . LEU B 1 44 ? 19.226  -9.515  -6.855  1.00 35.14 ? 61  LEU B O   1 
ATOM   965  C  CB  . LEU B 1 44 ? 18.463  -8.877  -3.966  1.00 28.36 ? 61  LEU B CB  1 
ATOM   966  C  CG  . LEU B 1 44 ? 18.411  -7.885  -2.801  1.00 29.55 ? 61  LEU B CG  1 
ATOM   967  C  CD1 . LEU B 1 44 ? 19.273  -8.434  -1.702  1.00 31.37 ? 61  LEU B CD1 1 
ATOM   968  C  CD2 . LEU B 1 44 ? 18.903  -6.554  -3.276  1.00 30.95 ? 61  LEU B CD2 1 
ATOM   969  N  N   . THR B 1 45 ? 17.124  -10.336 -6.698  1.00 28.82 ? 62  THR B N   1 
ATOM   970  C  CA  . THR B 1 45 ? 17.192  -11.393 -7.784  1.00 27.03 ? 62  THR B CA  1 
ATOM   971  C  C   . THR B 1 45 ? 16.746  -10.812 -9.123  1.00 31.19 ? 62  THR B C   1 
ATOM   972  O  O   . THR B 1 45 ? 16.831  -11.468 -10.170 1.00 29.50 ? 62  THR B O   1 
ATOM   973  C  CB  . THR B 1 45 ? 16.322  -12.620 -7.469  1.00 25.51 ? 62  THR B CB  1 
ATOM   974  O  OG1 . THR B 1 45 ? 14.995  -12.231 -7.154  1.00 24.91 ? 62  THR B OG1 1 
ATOM   975  C  CG2 . THR B 1 45 ? 16.860  -13.352 -6.306  1.00 26.49 ? 62  THR B CG2 1 
ATOM   976  N  N   . THR B 1 46 ? 16.329  -9.557  -9.046  1.00 32.23 ? 63  THR B N   1 
ATOM   977  C  CA  . THR B 1 46 ? 15.858  -8.701  -10.122 1.00 31.38 ? 63  THR B CA  1 
ATOM   978  C  C   . THR B 1 46 ? 14.524  -9.176  -10.785 1.00 31.48 ? 63  THR B C   1 
ATOM   979  O  O   . THR B 1 46 ? 14.137  -8.689  -11.853 1.00 29.97 ? 63  THR B O   1 
ATOM   980  C  CB  . THR B 1 46 ? 16.933  -8.463  -11.161 1.00 34.10 ? 63  THR B CB  1 
ATOM   981  O  OG1 . THR B 1 46 ? 17.045  -9.615  -11.988 1.00 31.06 ? 63  THR B OG1 1 
ATOM   982  C  CG2 . THR B 1 46 ? 18.336  -8.130  -10.567 1.00 35.97 ? 63  THR B CG2 1 
ATOM   983  N  N   . VAL B 1 47 ? 13.847  -10.137 -10.213 1.00 27.52 ? 64  VAL B N   1 
ATOM   984  C  CA  . VAL B 1 47 ? 12.548  -10.530 -10.693 1.00 28.45 ? 64  VAL B CA  1 
ATOM   985  C  C   . VAL B 1 47 ? 11.586  -9.338  -10.613 1.00 27.04 ? 64  VAL B C   1 
ATOM   986  O  O   . VAL B 1 47 ? 10.958  -8.960  -11.596 1.00 22.50 ? 64  VAL B O   1 
ATOM   987  C  CB  . VAL B 1 47 ? 11.890  -11.665 -9.888  1.00 29.79 ? 64  VAL B CB  1 
ATOM   988  C  CG1 . VAL B 1 47 ? 10.534  -11.994 -10.477 1.00 32.44 ? 64  VAL B CG1 1 
ATOM   989  C  CG2 . VAL B 1 47 ? 12.752  -12.879 -9.856  1.00 25.91 ? 64  VAL B CG2 1 
ATOM   990  N  N   . GLY B 1 48 ? 11.547  -8.677  -9.510  1.00 31.00 ? 65  GLY B N   1 
ATOM   991  C  CA  . GLY B 1 48 ? 10.715  -7.511  -9.361  1.00 31.72 ? 65  GLY B CA  1 
ATOM   992  C  C   . GLY B 1 48 ? 9.218   -7.552  -9.572  1.00 29.76 ? 65  GLY B C   1 
ATOM   993  O  O   . GLY B 1 48 ? 8.694   -6.571  -10.015 1.00 33.61 ? 65  GLY B O   1 
ATOM   994  N  N   . GLU B 1 49 ? 8.473   -8.618  -9.312  1.00 37.90 ? 66  GLU B N   1 
ATOM   995  C  CA  . GLU B 1 49 ? 7.012   -8.504  -9.637  1.00 42.34 ? 66  GLU B CA  1 
ATOM   996  C  C   . GLU B 1 49 ? 6.159   -7.929  -8.494  1.00 38.17 ? 66  GLU B C   1 
ATOM   997  O  O   . GLU B 1 49 ? 5.207   -8.543  -8.041  1.00 38.39 ? 66  GLU B O   1 
ATOM   998  C  CB  . GLU B 1 49 ? 6.405   -9.768  -10.240 1.00 44.65 ? 66  GLU B CB  1 
ATOM   999  C  CG  . GLU B 1 49 ? 7.061   -11.038 -9.843  1.00 50.39 ? 66  GLU B CG  1 
ATOM   1000 C  CD  . GLU B 1 49 ? 7.136   -11.181 -8.400  1.00 44.14 ? 66  GLU B CD  1 
ATOM   1001 O  OE1 . GLU B 1 49 ? 7.684   -10.258 -7.798  1.00 39.89 ? 66  GLU B OE1 1 
ATOM   1002 O  OE2 . GLU B 1 49 ? 6.656   -12.204 -7.904  1.00 53.77 ? 66  GLU B OE2 1 
ATOM   1003 N  N   . THR B 1 50 ? 6.537   -6.722  -8.091  1.00 37.94 ? 67  THR B N   1 
ATOM   1004 C  CA  . THR B 1 50 ? 5.911   -5.912  -7.073  1.00 37.76 ? 67  THR B CA  1 
ATOM   1005 C  C   . THR B 1 50 ? 5.815   -4.452  -7.537  1.00 49.36 ? 67  THR B C   1 
ATOM   1006 O  O   . THR B 1 50 ? 6.623   -3.992  -8.351  1.00 49.43 ? 67  THR B O   1 
ATOM   1007 C  CB  . THR B 1 50 ? 6.738   -5.824  -5.764  1.00 43.32 ? 67  THR B CB  1 
ATOM   1008 O  OG1 . THR B 1 50 ? 8.092   -5.410  -6.029  1.00 45.98 ? 67  THR B OG1 1 
ATOM   1009 C  CG2 . THR B 1 50 ? 6.787   -7.139  -5.034  1.00 43.34 ? 67  THR B CG2 1 
ATOM   1010 N  N   . PRO B 1 51 ? 4.836   -3.701  -7.011  1.00 42.20 ? 68  PRO B N   1 
ATOM   1011 C  CA  . PRO B 1 51 ? 4.880   -2.249  -7.182  1.00 44.37 ? 68  PRO B CA  1 
ATOM   1012 C  C   . PRO B 1 51 ? 6.110   -1.675  -6.473  1.00 40.56 ? 68  PRO B C   1 
ATOM   1013 O  O   . PRO B 1 51 ? 6.622   -2.299  -5.577  1.00 43.75 ? 68  PRO B O   1 
ATOM   1014 C  CB  . PRO B 1 51 ? 3.576   -1.757  -6.470  1.00 43.55 ? 68  PRO B CB  1 
ATOM   1015 C  CG  . PRO B 1 51 ? 2.726   -3.024  -6.258  1.00 43.72 ? 68  PRO B CG  1 
ATOM   1016 C  CD  . PRO B 1 51 ? 3.773   -4.106  -6.069  1.00 47.35 ? 68  PRO B CD  1 
ATOM   1017 N  N   . PRO B 1 52 ? 6.547   -0.465  -6.855  1.00 39.79 ? 69  PRO B N   1 
ATOM   1018 C  CA  . PRO B 1 52 ? 7.654   0.209   -6.230  1.00 42.74 ? 69  PRO B CA  1 
ATOM   1019 C  C   . PRO B 1 52 ? 7.354   0.702   -4.830  1.00 46.10 ? 69  PRO B C   1 
ATOM   1020 O  O   . PRO B 1 52 ? 6.178   0.811   -4.459  1.00 61.97 ? 69  PRO B O   1 
ATOM   1021 C  CB  . PRO B 1 52 ? 7.879   1.438   -7.123  1.00 42.74 ? 69  PRO B CB  1 
ATOM   1022 C  CG  . PRO B 1 52 ? 6.571   1.695   -7.767  1.00 43.71 ? 69  PRO B CG  1 
ATOM   1023 C  CD  . PRO B 1 52 ? 5.851   0.387   -7.849  1.00 39.92 ? 69  PRO B CD  1 
ATOM   1024 N  N   . PRO B 1 53 ? 8.401   1.030   -4.045  1.00 47.20 ? 70  PRO B N   1 
ATOM   1025 C  CA  . PRO B 1 53 ? 8.143   1.564   -2.702  1.00 45.80 ? 70  PRO B CA  1 
ATOM   1026 C  C   . PRO B 1 53 ? 7.389   2.860   -2.862  1.00 49.53 ? 70  PRO B C   1 
ATOM   1027 O  O   . PRO B 1 53 ? 7.471   3.474   -3.916  1.00 44.93 ? 70  PRO B O   1 
ATOM   1028 C  CB  . PRO B 1 53 ? 9.520   1.786   -2.133  1.00 48.49 ? 70  PRO B CB  1 
ATOM   1029 C  CG  . PRO B 1 53 ? 10.380  0.823   -2.846  1.00 47.75 ? 70  PRO B CG  1 
ATOM   1030 C  CD  . PRO B 1 53 ? 9.821   0.772   -4.259  1.00 45.28 ? 70  PRO B CD  1 
ATOM   1031 N  N   . GLN B 1 54 ? 6.577   3.211   -1.867  1.00 58.80 ? 71  GLN B N   1 
ATOM   1032 C  CA  . GLN B 1 54 ? 5.705   4.363   -1.978  1.00 59.59 ? 71  GLN B CA  1 
ATOM   1033 C  C   . GLN B 1 54 ? 6.227   5.580   -1.185  1.00 60.38 ? 71  GLN B C   1 
ATOM   1034 O  O   . GLN B 1 54 ? 5.771   6.686   -1.438  1.00 61.32 ? 71  GLN B O   1 
ATOM   1035 C  CB  . GLN B 1 54 ? 4.265   3.974   -1.589  1.00 61.19 ? 71  GLN B CB  1 
ATOM   1036 N  N   . THR B 1 55 ? 7.226   5.401   -0.307  1.00 60.24 ? 72  THR B N   1 
ATOM   1037 C  CA  . THR B 1 55 ? 7.911   6.540   0.355   1.00 54.19 ? 72  THR B CA  1 
ATOM   1038 C  C   . THR B 1 55 ? 9.241   6.895   -0.267  1.00 53.61 ? 72  THR B C   1 
ATOM   1039 O  O   . THR B 1 55 ? 9.938   6.028   -0.781  1.00 61.61 ? 72  THR B O   1 
ATOM   1040 C  CB  . THR B 1 55 ? 8.171   6.296   1.862   1.00 53.54 ? 72  THR B CB  1 
ATOM   1041 O  OG1 . THR B 1 55 ? 9.165   5.273   2.062   1.00 46.76 ? 72  THR B OG1 1 
ATOM   1042 C  CG2 . THR B 1 55 ? 6.894   5.869   2.557   1.00 51.14 ? 72  THR B CG2 1 
ATOM   1043 N  N   . ASP B 1 56 ? 9.611   8.174   -0.149  1.00 53.00 ? 73  ASP B N   1 
ATOM   1044 C  CA  . ASP B 1 56 ? 10.865  8.685   -0.700  1.00 60.27 ? 73  ASP B CA  1 
ATOM   1045 C  C   . ASP B 1 56 ? 12.052  8.026   -0.028  1.00 51.94 ? 73  ASP B C   1 
ATOM   1046 O  O   . ASP B 1 56 ? 13.040  7.746   -0.658  1.00 67.10 ? 73  ASP B O   1 
ATOM   1047 C  CB  . ASP B 1 56 ? 10.954  10.218  -0.612  1.00 58.60 ? 73  ASP B CB  1 
ATOM   1048 C  CG  . ASP B 1 56 ? 10.043  10.944  -1.634  1.00 60.54 ? 73  ASP B CG  1 
ATOM   1049 O  OD1 . ASP B 1 56 ? 9.294   10.271  -2.406  1.00 56.51 ? 73  ASP B OD1 1 
ATOM   1050 O  OD2 . ASP B 1 56 ? 10.072  12.207  -1.678  1.00 68.02 ? 73  ASP B OD2 1 
ATOM   1051 N  N   . PHE B 1 57 ? 11.932  7.788   1.255   1.00 55.83 ? 74  PHE B N   1 
ATOM   1052 C  CA  . PHE B 1 57 ? 12.936  7.069   2.027   1.00 57.64 ? 74  PHE B CA  1 
ATOM   1053 C  C   . PHE B 1 57 ? 13.093  5.605   1.539   1.00 56.45 ? 74  PHE B C   1 
ATOM   1054 O  O   . PHE B 1 57 ? 14.202  5.116   1.399   1.00 48.91 ? 74  PHE B O   1 
ATOM   1055 C  CB  . PHE B 1 57 ? 12.486  7.154   3.496   1.00 65.69 ? 74  PHE B CB  1 
ATOM   1056 C  CG  . PHE B 1 57 ? 13.511  6.758   4.503   1.00 68.80 ? 74  PHE B CG  1 
ATOM   1057 C  CD1 . PHE B 1 57 ? 13.126  6.046   5.637   1.00 70.97 ? 74  PHE B CD1 1 
ATOM   1058 C  CD2 . PHE B 1 57 ? 14.832  7.125   4.354   1.00 67.76 ? 74  PHE B CD2 1 
ATOM   1059 C  CE1 . PHE B 1 57 ? 14.052  5.715   6.595   1.00 65.80 ? 74  PHE B CE1 1 
ATOM   1060 C  CE2 . PHE B 1 57 ? 15.770  6.783   5.301   1.00 74.83 ? 74  PHE B CE2 1 
ATOM   1061 C  CZ  . PHE B 1 57 ? 15.380  6.078   6.424   1.00 72.92 ? 74  PHE B CZ  1 
ATOM   1062 N  N   . GLY B 1 58 ? 11.971  4.930   1.274   1.00 53.42 ? 75  GLY B N   1 
ATOM   1063 C  CA  . GLY B 1 58 ? 11.947  3.616   0.643   1.00 47.09 ? 75  GLY B CA  1 
ATOM   1064 C  C   . GLY B 1 58 ? 12.643  3.557   -0.726  1.00 50.28 ? 75  GLY B C   1 
ATOM   1065 O  O   . GLY B 1 58 ? 13.291  2.550   -1.081  1.00 46.03 ? 75  GLY B O   1 
ATOM   1066 N  N   . LYS B 1 59 ? 12.520  4.624   -1.512  1.00 45.32 ? 76  LYS B N   1 
ATOM   1067 C  CA  . LYS B 1 59 ? 13.122  4.651   -2.836  1.00 42.75 ? 76  LYS B CA  1 
ATOM   1068 C  C   . LYS B 1 59 ? 14.615  4.755   -2.783  1.00 46.42 ? 76  LYS B C   1 
ATOM   1069 O  O   . LYS B 1 59 ? 15.311  4.097   -3.557  1.00 46.55 ? 76  LYS B O   1 
ATOM   1070 C  CB  . LYS B 1 59 ? 12.548  5.762   -3.719  1.00 43.21 ? 76  LYS B CB  1 
ATOM   1071 C  CG  . LYS B 1 59 ? 11.138  5.450   -4.186  1.00 41.54 ? 76  LYS B CG  1 
ATOM   1072 C  CD  . LYS B 1 59 ? 10.416  6.632   -4.767  1.00 45.60 ? 76  LYS B CD  1 
ATOM   1073 C  CE  . LYS B 1 59 ? 8.944   6.282   -5.031  1.00 49.10 ? 76  LYS B CE  1 
ATOM   1074 N  NZ  . LYS B 1 59 ? 7.961   7.325   -4.553  1.00 48.16 ? 76  LYS B NZ  1 
ATOM   1075 N  N   . ILE B 1 60 ? 15.099  5.577   -1.872  1.00 49.53 ? 77  ILE B N   1 
ATOM   1076 C  CA  . ILE B 1 60 ? 16.513  5.878   -1.796  1.00 44.99 ? 77  ILE B CA  1 
ATOM   1077 C  C   . ILE B 1 60 ? 17.208  4.659   -1.255  1.00 41.72 ? 77  ILE B C   1 
ATOM   1078 O  O   . ILE B 1 60 ? 18.268  4.291   -1.735  1.00 42.44 ? 77  ILE B O   1 
ATOM   1079 C  CB  . ILE B 1 60 ? 16.801  7.079   -0.849  1.00 51.46 ? 77  ILE B CB  1 
ATOM   1080 C  CG1 . ILE B 1 60 ? 16.405  8.396   -1.506  1.00 58.50 ? 77  ILE B CG1 1 
ATOM   1081 C  CG2 . ILE B 1 60 ? 18.288  7.219   -0.524  1.00 53.24 ? 77  ILE B CG2 1 
ATOM   1082 C  CD1 . ILE B 1 60 ? 17.265  8.751   -2.697  1.00 65.72 ? 77  ILE B CD1 1 
ATOM   1083 N  N   . PHE B 1 61 ? 16.628  4.083   -0.213  1.00 43.64 ? 78  PHE B N   1 
ATOM   1084 C  CA  . PHE B 1 61 ? 17.156  2.884   0.382   1.00 42.94 ? 78  PHE B CA  1 
ATOM   1085 C  C   . PHE B 1 61 ? 17.145  1.739   -0.646  1.00 41.58 ? 78  PHE B C   1 
ATOM   1086 O  O   . PHE B 1 61 ? 18.133  1.035   -0.801  1.00 36.07 ? 78  PHE B O   1 
ATOM   1087 C  CB  . PHE B 1 61 ? 16.340  2.470   1.585   1.00 39.85 ? 78  PHE B CB  1 
ATOM   1088 C  CG  . PHE B 1 61 ? 16.731  1.089   2.119   1.00 42.61 ? 78  PHE B CG  1 
ATOM   1089 C  CD1 . PHE B 1 61 ? 15.997  -0.042  1.769   1.00 42.27 ? 78  PHE B CD1 1 
ATOM   1090 C  CD2 . PHE B 1 61 ? 17.879  0.924   2.892   1.00 39.92 ? 78  PHE B CD2 1 
ATOM   1091 C  CE1 . PHE B 1 61 ? 16.389  -1.314  2.191   1.00 41.14 ? 78  PHE B CE1 1 
ATOM   1092 C  CE2 . PHE B 1 61 ? 18.247  -0.328  3.334   1.00 46.52 ? 78  PHE B CE2 1 
ATOM   1093 C  CZ  . PHE B 1 61 ? 17.508  -1.460  2.955   1.00 41.12 ? 78  PHE B CZ  1 
ATOM   1094 N  N   . THR B 1 62 ? 16.039  1.575   -1.357  1.00 35.06 ? 79  THR B N   1 
ATOM   1095 C  CA  . THR B 1 62 ? 16.020  0.568   -2.384  1.00 37.28 ? 79  THR B CA  1 
ATOM   1096 C  C   . THR B 1 62 ? 17.114  0.744   -3.412  1.00 40.59 ? 79  THR B C   1 
ATOM   1097 O  O   . THR B 1 62 ? 17.723  -0.244  -3.816  1.00 39.10 ? 79  THR B O   1 
ATOM   1098 C  CB  . THR B 1 62 ? 14.669  0.482   -3.075  1.00 42.57 ? 79  THR B CB  1 
ATOM   1099 O  OG1 . THR B 1 62 ? 13.709  0.066   -2.085  1.00 35.04 ? 79  THR B OG1 1 
ATOM   1100 C  CG2 . THR B 1 62 ? 14.712  -0.586  -4.204  1.00 39.86 ? 79  THR B CG2 1 
ATOM   1101 N  N   . ILE B 1 63 ? 17.347  1.988   -3.867  1.00 37.34 ? 80  ILE B N   1 
ATOM   1102 C  CA  . ILE B 1 63 ? 18.410  2.247   -4.837  1.00 35.66 ? 80  ILE B CA  1 
ATOM   1103 C  C   . ILE B 1 63 ? 19.771  1.755   -4.344  1.00 34.20 ? 80  ILE B C   1 
ATOM   1104 O  O   . ILE B 1 63 ? 20.502  1.140   -5.072  1.00 40.70 ? 80  ILE B O   1 
ATOM   1105 C  CB  . ILE B 1 63 ? 18.522  3.743   -5.168  1.00 37.49 ? 80  ILE B CB  1 
ATOM   1106 C  CG1 . ILE B 1 63 ? 17.359  4.142   -6.052  1.00 37.99 ? 80  ILE B CG1 1 
ATOM   1107 C  CG2 . ILE B 1 63 ? 19.831  4.045   -5.897  1.00 35.34 ? 80  ILE B CG2 1 
ATOM   1108 C  CD1 . ILE B 1 63 ? 17.113  5.606   -6.108  1.00 38.95 ? 80  ILE B CD1 1 
ATOM   1109 N  N   . LEU B 1 64 ? 20.102  2.059   -3.093  1.00 46.41 ? 81  LEU B N   1 
ATOM   1110 C  CA  . LEU B 1 64 ? 21.385  1.694   -2.490  1.00 49.59 ? 81  LEU B CA  1 
ATOM   1111 C  C   . LEU B 1 64 ? 21.473  0.201   -2.231  1.00 46.81 ? 81  LEU B C   1 
ATOM   1112 O  O   . LEU B 1 64 ? 22.521  -0.393  -2.430  1.00 41.38 ? 81  LEU B O   1 
ATOM   1113 C  CB  . LEU B 1 64 ? 21.570  2.396   -1.150  1.00 54.28 ? 81  LEU B CB  1 
ATOM   1114 C  CG  . LEU B 1 64 ? 21.943  3.861   -1.071  1.00 54.16 ? 81  LEU B CG  1 
ATOM   1115 C  CD1 . LEU B 1 64 ? 22.866  4.252   -2.224  1.00 51.43 ? 81  LEU B CD1 1 
ATOM   1116 C  CD2 . LEU B 1 64 ? 20.730  4.747   -0.966  1.00 53.74 ? 81  LEU B CD2 1 
ATOM   1117 N  N   . TYR B 1 65 ? 20.356  -0.359  -1.757  1.00 39.89 ? 82  TYR B N   1 
ATOM   1118 C  CA  . TYR B 1 65 ? 20.185  -1.809  -1.469  1.00 38.96 ? 82  TYR B CA  1 
ATOM   1119 C  C   . TYR B 1 65 ? 20.439  -2.711  -2.672  1.00 34.43 ? 82  TYR B C   1 
ATOM   1120 O  O   . TYR B 1 65 ? 21.052  -3.794  -2.560  1.00 34.81 ? 82  TYR B O   1 
ATOM   1121 C  CB  . TYR B 1 65 ? 18.728  -2.042  -1.024  1.00 32.63 ? 82  TYR B CB  1 
ATOM   1122 C  CG  . TYR B 1 65 ? 18.410  -3.365  -0.441  1.00 31.39 ? 82  TYR B CG  1 
ATOM   1123 C  CD1 . TYR B 1 65 ? 17.333  -4.115  -0.887  1.00 34.40 ? 82  TYR B CD1 1 
ATOM   1124 C  CD2 . TYR B 1 65 ? 19.103  -3.841  0.643   1.00 35.57 ? 82  TYR B CD2 1 
ATOM   1125 C  CE1 . TYR B 1 65 ? 16.991  -5.320  -0.275  1.00 35.58 ? 82  TYR B CE1 1 
ATOM   1126 C  CE2 . TYR B 1 65 ? 18.764  -5.036  1.256   1.00 32.18 ? 82  TYR B CE2 1 
ATOM   1127 C  CZ  . TYR B 1 65 ? 17.723  -5.788  0.782   1.00 32.57 ? 82  TYR B CZ  1 
ATOM   1128 O  OH  . TYR B 1 65 ? 17.388  -7.002  1.416   1.00 35.21 ? 82  TYR B OH  1 
ATOM   1129 N  N   . ILE B 1 66 ? 19.950  -2.265  -3.826  1.00 32.64 ? 83  ILE B N   1 
ATOM   1130 C  CA  . ILE B 1 66 ? 20.168  -2.981  -5.059  1.00 32.52 ? 83  ILE B CA  1 
ATOM   1131 C  C   . ILE B 1 66 ? 21.656  -2.984  -5.434  1.00 35.64 ? 83  ILE B C   1 
ATOM   1132 O  O   . ILE B 1 66 ? 22.183  -4.000  -5.836  1.00 32.89 ? 83  ILE B O   1 
ATOM   1133 C  CB  . ILE B 1 66 ? 19.359  -2.361  -6.184  1.00 29.86 ? 83  ILE B CB  1 
ATOM   1134 C  CG1 . ILE B 1 66 ? 17.867  -2.697  -6.138  1.00 36.11 ? 83  ILE B CG1 1 
ATOM   1135 C  CG2 . ILE B 1 66 ? 19.770  -2.820  -7.523  1.00 30.19 ? 83  ILE B CG2 1 
ATOM   1136 C  CD1 . ILE B 1 66 ? 16.997  -1.756  -7.040  1.00 27.84 ? 83  ILE B CD1 1 
ATOM   1137 N  N   . PHE B 1 67 ? 22.288  -1.827  -5.419  1.00 38.65 ? 84  PHE B N   1 
ATOM   1138 C  CA  . PHE B 1 67 ? 23.631  -1.757  -5.944  1.00 36.12 ? 84  PHE B CA  1 
ATOM   1139 C  C   . PHE B 1 67 ? 24.611  -2.635  -5.184  1.00 41.27 ? 84  PHE B C   1 
ATOM   1140 O  O   . PHE B 1 67 ? 25.410  -3.300  -5.781  1.00 38.38 ? 84  PHE B O   1 
ATOM   1141 C  CB  . PHE B 1 67 ? 24.117  -0.322  -6.023  1.00 36.29 ? 84  PHE B CB  1 
ATOM   1142 C  CG  . PHE B 1 67 ? 23.823  0.287   -7.345  1.00 34.00 ? 84  PHE B CG  1 
ATOM   1143 C  CD1 . PHE B 1 67 ? 24.565  -0.099  -8.472  1.00 32.09 ? 84  PHE B CD1 1 
ATOM   1144 C  CD2 . PHE B 1 67 ? 22.823  1.208   -7.502  1.00 34.17 ? 84  PHE B CD2 1 
ATOM   1145 C  CE1 . PHE B 1 67 ? 24.314  0.477   -9.735  1.00 34.46 ? 84  PHE B CE1 1 
ATOM   1146 C  CE2 . PHE B 1 67 ? 22.532  1.720   -8.776  1.00 37.11 ? 84  PHE B CE2 1 
ATOM   1147 C  CZ  . PHE B 1 67 ? 23.282  1.345   -9.892  1.00 29.96 ? 84  PHE B CZ  1 
ATOM   1148 N  N   . ILE B 1 68 ? 24.437  -2.686  -3.873  1.00 45.98 ? 85  ILE B N   1 
ATOM   1149 C  CA  . ILE B 1 68 ? 25.268  -3.436  -2.954  1.00 46.08 ? 85  ILE B CA  1 
ATOM   1150 C  C   . ILE B 1 68 ? 24.820  -4.892  -2.774  1.00 51.16 ? 85  ILE B C   1 
ATOM   1151 O  O   . ILE B 1 68 ? 25.675  -5.808  -2.615  1.00 45.69 ? 85  ILE B O   1 
ATOM   1152 C  CB  . ILE B 1 68 ? 25.337  -2.719  -1.568  1.00 53.31 ? 85  ILE B CB  1 
ATOM   1153 C  CG1 . ILE B 1 68 ? 24.034  -2.811  -0.765  1.00 61.52 ? 85  ILE B CG1 1 
ATOM   1154 C  CG2 . ILE B 1 68 ? 25.728  -1.247  -1.769  1.00 60.16 ? 85  ILE B CG2 1 
ATOM   1155 C  CD1 . ILE B 1 68 ? 24.218  -2.827  0.747   1.00 65.40 ? 85  ILE B CD1 1 
ATOM   1156 N  N   . GLY B 1 69 ? 23.495  -5.117  -2.833  1.00 38.45 ? 86  GLY B N   1 
ATOM   1157 C  CA  . GLY B 1 69 ? 22.968  -6.430  -2.588  1.00 39.69 ? 86  GLY B CA  1 
ATOM   1158 C  C   . GLY B 1 69 ? 23.013  -7.399  -3.790  1.00 41.25 ? 86  GLY B C   1 
ATOM   1159 O  O   . GLY B 1 69 ? 23.191  -8.584  -3.585  1.00 41.46 ? 86  GLY B O   1 
ATOM   1160 N  N   . ILE B 1 70 ? 22.801  -6.912  -5.004  1.00 37.62 ? 87  ILE B N   1 
ATOM   1161 C  CA  . ILE B 1 70 ? 22.703  -7.799  -6.193  1.00 41.70 ? 87  ILE B CA  1 
ATOM   1162 C  C   . ILE B 1 70 ? 23.964  -8.675  -6.350  1.00 38.04 ? 87  ILE B C   1 
ATOM   1163 O  O   . ILE B 1 70 ? 23.875  -9.862  -6.658  1.00 35.12 ? 87  ILE B O   1 
ATOM   1164 C  CB  . ILE B 1 70 ? 22.516  -7.072  -7.537  1.00 39.16 ? 87  ILE B CB  1 
ATOM   1165 C  CG1 . ILE B 1 70 ? 21.277  -6.207  -7.611  1.00 55.81 ? 87  ILE B CG1 1 
ATOM   1166 C  CG2 . ILE B 1 70 ? 22.304  -8.081  -8.646  1.00 54.65 ? 87  ILE B CG2 1 
ATOM   1167 C  CD1 . ILE B 1 70 ? 21.373  -5.185  -8.744  1.00 58.04 ? 87  ILE B CD1 1 
ATOM   1168 N  N   . GLY B 1 71 ? 25.117  -8.044  -6.178  1.00 34.70 ? 88  GLY B N   1 
ATOM   1169 C  CA  . GLY B 1 71 ? 26.394  -8.643  -6.514  1.00 33.31 ? 88  GLY B CA  1 
ATOM   1170 C  C   . GLY B 1 71 ? 26.621  -9.811  -5.590  1.00 34.91 ? 88  GLY B C   1 
ATOM   1171 O  O   . GLY B 1 71 ? 27.025  -10.871 -6.023  1.00 38.87 ? 88  GLY B O   1 
ATOM   1172 N  N   . LEU B 1 72 ? 26.243  -9.632  -4.332  1.00 33.76 ? 89  LEU B N   1 
ATOM   1173 C  CA  . LEU B 1 72 ? 26.217  -10.706 -3.342  1.00 36.48 ? 89  LEU B CA  1 
ATOM   1174 C  C   . LEU B 1 72 ? 25.215  -11.822 -3.622  1.00 38.78 ? 89  LEU B C   1 
ATOM   1175 O  O   . LEU B 1 72 ? 25.625  -12.978 -3.625  1.00 43.36 ? 89  LEU B O   1 
ATOM   1176 C  CB  . LEU B 1 72 ? 25.912  -10.118 -1.975  1.00 41.38 ? 89  LEU B CB  1 
ATOM   1177 C  CG  . LEU B 1 72 ? 25.818  -11.094 -0.804  1.00 42.89 ? 89  LEU B CG  1 
ATOM   1178 C  CD1 . LEU B 1 72 ? 27.139  -11.767 -0.475  1.00 47.30 ? 89  LEU B CD1 1 
ATOM   1179 C  CD2 . LEU B 1 72 ? 25.319  -10.299 0.375   1.00 45.01 ? 89  LEU B CD2 1 
ATOM   1180 N  N   . VAL B 1 73 ? 23.917  -11.473 -3.804  1.00 30.36 ? 90  VAL B N   1 
ATOM   1181 C  CA  . VAL B 1 73 ? 22.887  -12.438 -3.995  1.00 32.48 ? 90  VAL B CA  1 
ATOM   1182 C  C   . VAL B 1 73 ? 23.268  -13.313 -5.212  1.00 39.49 ? 90  VAL B C   1 
ATOM   1183 O  O   . VAL B 1 73 ? 23.052  -14.522 -5.207  1.00 35.60 ? 90  VAL B O   1 
ATOM   1184 C  CB  . VAL B 1 73 ? 21.506  -11.809 -4.212  1.00 32.58 ? 90  VAL B CB  1 
ATOM   1185 C  CG1 . VAL B 1 73 ? 20.494  -12.816 -4.742  1.00 27.65 ? 90  VAL B CG1 1 
ATOM   1186 C  CG2 . VAL B 1 73 ? 21.016  -11.220 -2.931  1.00 33.59 ? 90  VAL B CG2 1 
ATOM   1187 N  N   . PHE B 1 74 ? 23.819  -12.704 -6.248  1.00 34.82 ? 91  PHE B N   1 
ATOM   1188 C  CA  . PHE B 1 74 ? 24.117  -13.477 -7.459  1.00 35.11 ? 91  PHE B CA  1 
ATOM   1189 C  C   . PHE B 1 74 ? 25.424  -14.290 -7.327  1.00 31.01 ? 91  PHE B C   1 
ATOM   1190 O  O   . PHE B 1 74 ? 25.536  -15.323 -7.911  1.00 31.31 ? 91  PHE B O   1 
ATOM   1191 C  CB  . PHE B 1 74 ? 24.040  -12.592 -8.736  1.00 41.33 ? 91  PHE B CB  1 
ATOM   1192 C  CG  . PHE B 1 74 ? 22.648  -12.591 -9.355  1.00 46.72 ? 91  PHE B CG  1 
ATOM   1193 C  CD1 . PHE B 1 74 ? 22.226  -13.663 -10.168 1.00 46.95 ? 91  PHE B CD1 1 
ATOM   1194 C  CD2 . PHE B 1 74 ? 21.723  -11.627 -9.001  1.00 46.06 ? 91  PHE B CD2 1 
ATOM   1195 C  CE1 . PHE B 1 74 ? 20.957  -13.689 -10.701 1.00 44.65 ? 91  PHE B CE1 1 
ATOM   1196 C  CE2 . PHE B 1 74 ? 20.460  -11.641 -9.536  1.00 42.57 ? 91  PHE B CE2 1 
ATOM   1197 C  CZ  . PHE B 1 74 ? 20.066  -12.658 -10.389 1.00 46.82 ? 91  PHE B CZ  1 
ATOM   1198 N  N   . GLY B 1 75 ? 26.368  -13.839 -6.522  1.00 29.86 ? 92  GLY B N   1 
ATOM   1199 C  CA  . GLY B 1 75 ? 27.521  -14.679 -6.117  1.00 34.43 ? 92  GLY B CA  1 
ATOM   1200 C  C   . GLY B 1 75 ? 26.967  -15.876 -5.381  1.00 34.86 ? 92  GLY B C   1 
ATOM   1201 O  O   . GLY B 1 75 ? 27.438  -16.966 -5.577  1.00 32.57 ? 92  GLY B O   1 
ATOM   1202 N  N   . PHE B 1 76 ? 25.946  -15.666 -4.543  1.00 37.21 ? 93  PHE B N   1 
ATOM   1203 C  CA  . PHE B 1 76 ? 25.458  -16.748 -3.701  1.00 34.80 ? 93  PHE B CA  1 
ATOM   1204 C  C   . PHE B 1 76 ? 24.828  -17.736 -4.653  1.00 33.14 ? 93  PHE B C   1 
ATOM   1205 O  O   . PHE B 1 76 ? 25.049  -18.919 -4.519  1.00 30.79 ? 93  PHE B O   1 
ATOM   1206 C  CB  . PHE B 1 76 ? 24.414  -16.303 -2.679  1.00 33.21 ? 93  PHE B CB  1 
ATOM   1207 C  CG  . PHE B 1 76 ? 23.640  -17.441 -2.036  1.00 35.40 ? 93  PHE B CG  1 
ATOM   1208 C  CD1 . PHE B 1 76 ? 22.276  -17.567 -2.209  1.00 33.61 ? 93  PHE B CD1 1 
ATOM   1209 C  CD2 . PHE B 1 76 ? 24.283  -18.405 -1.279  1.00 37.54 ? 93  PHE B CD2 1 
ATOM   1210 C  CE1 . PHE B 1 76 ? 21.551  -18.612 -1.640  1.00 32.33 ? 93  PHE B CE1 1 
ATOM   1211 C  CE2 . PHE B 1 76 ? 23.562  -19.447 -0.683  1.00 37.00 ? 93  PHE B CE2 1 
ATOM   1212 C  CZ  . PHE B 1 76 ? 22.180  -19.563 -0.887  1.00 34.11 ? 93  PHE B CZ  1 
ATOM   1213 N  N   . ILE B 1 77 ? 24.039  -17.254 -5.615  1.00 29.84 ? 94  ILE B N   1 
ATOM   1214 C  CA  . ILE B 1 77 ? 23.337  -18.181 -6.439  1.00 32.02 ? 94  ILE B CA  1 
ATOM   1215 C  C   . ILE B 1 77 ? 24.313  -18.991 -7.320  1.00 31.40 ? 94  ILE B C   1 
ATOM   1216 O  O   . ILE B 1 77 ? 24.002  -20.071 -7.700  1.00 34.46 ? 94  ILE B O   1 
ATOM   1217 C  CB  . ILE B 1 77 ? 22.302  -17.512 -7.311  1.00 30.89 ? 94  ILE B CB  1 
ATOM   1218 C  CG1 . ILE B 1 77 ? 21.113  -17.117 -6.455  1.00 32.74 ? 94  ILE B CG1 1 
ATOM   1219 C  CG2 . ILE B 1 77 ? 21.773  -18.463 -8.354  1.00 31.13 ? 94  ILE B CG2 1 
ATOM   1220 C  CD1 . ILE B 1 77 ? 20.309  -16.010 -7.051  1.00 32.68 ? 94  ILE B CD1 1 
ATOM   1221 N  N   . HIS B 1 78 ? 25.410  -18.424 -7.739  1.00 35.43 ? 95  HIS B N   1 
ATOM   1222 C  CA  . HIS B 1 78 ? 26.347  -19.110 -8.582  1.00 38.89 ? 95  HIS B CA  1 
ATOM   1223 C  C   . HIS B 1 78 ? 27.092  -20.209 -7.816  1.00 38.31 ? 95  HIS B C   1 
ATOM   1224 O  O   . HIS B 1 78 ? 27.349  -21.248 -8.357  1.00 45.52 ? 95  HIS B O   1 
ATOM   1225 C  CB  . HIS B 1 78 ? 27.336  -18.086 -9.109  1.00 42.82 ? 95  HIS B CB  1 
ATOM   1226 C  CG  . HIS B 1 78 ? 28.467  -18.684 -9.887  1.00 44.94 ? 95  HIS B CG  1 
ATOM   1227 N  ND1 . HIS B 1 78 ? 28.372  -18.970 -11.231 1.00 50.67 ? 95  HIS B ND1 1 
ATOM   1228 C  CD2 . HIS B 1 78 ? 29.725  -19.016 -9.517  1.00 41.94 ? 95  HIS B CD2 1 
ATOM   1229 C  CE1 . HIS B 1 78 ? 29.519  -19.479 -11.652 1.00 49.90 ? 95  HIS B CE1 1 
ATOM   1230 N  NE2 . HIS B 1 78 ? 30.353  -19.526 -10.628 1.00 45.28 ? 95  HIS B NE2 1 
ATOM   1231 N  N   . LYS B 1 79 ? 27.492  -19.931 -6.586  1.00 35.25 ? 96  LYS B N   1 
ATOM   1232 C  CA  . LYS B 1 79 ? 28.149  -20.906 -5.764  1.00 38.31 ? 96  LYS B CA  1 
ATOM   1233 C  C   . LYS B 1 79 ? 27.215  -22.020 -5.282  1.00 37.27 ? 96  LYS B C   1 
ATOM   1234 O  O   . LYS B 1 79 ? 27.655  -23.136 -5.057  1.00 36.62 ? 96  LYS B O   1 
ATOM   1235 C  CB  . LYS B 1 79 ? 28.822  -20.247 -4.582  1.00 40.94 ? 96  LYS B CB  1 
ATOM   1236 C  CG  . LYS B 1 79 ? 29.886  -19.240 -4.971  1.00 44.39 ? 96  LYS B CG  1 
ATOM   1237 C  CD  . LYS B 1 79 ? 30.782  -19.744 -6.112  1.00 51.94 ? 96  LYS B CD  1 
ATOM   1238 C  CE  . LYS B 1 79 ? 32.136  -19.030 -6.176  1.00 57.11 ? 96  LYS B CE  1 
ATOM   1239 N  NZ  . LYS B 1 79 ? 33.163  -19.909 -6.832  1.00 59.95 ? 96  LYS B NZ  1 
ATOM   1240 N  N   . LEU B 1 80 ? 25.945  -21.708 -5.126  1.00 31.40 ? 97  LEU B N   1 
ATOM   1241 C  CA  . LEU B 1 80 ? 24.907  -22.695 -4.893  1.00 31.49 ? 97  LEU B CA  1 
ATOM   1242 C  C   . LEU B 1 80 ? 24.797  -23.660 -6.061  1.00 38.12 ? 97  LEU B C   1 
ATOM   1243 O  O   . LEU B 1 80 ? 24.632  -24.874 -5.868  1.00 36.40 ? 97  LEU B O   1 
ATOM   1244 C  CB  . LEU B 1 80 ? 23.572  -21.963 -4.679  1.00 27.18 ? 97  LEU B CB  1 
ATOM   1245 C  CG  . LEU B 1 80 ? 22.350  -22.807 -4.459  1.00 31.09 ? 97  LEU B CG  1 
ATOM   1246 C  CD1 . LEU B 1 80 ? 22.502  -23.651 -3.212  1.00 36.86 ? 97  LEU B CD1 1 
ATOM   1247 C  CD2 . LEU B 1 80 ? 21.103  -21.892 -4.343  1.00 33.93 ? 97  LEU B CD2 1 
ATOM   1248 N  N   . ALA B 1 81 ? 24.874  -23.090 -7.272  1.00 39.08 ? 98  ALA B N   1 
ATOM   1249 C  CA  . ALA B 1 81 ? 24.733  -23.842 -8.500  1.00 35.55 ? 98  ALA B CA  1 
ATOM   1250 C  C   . ALA B 1 81 ? 25.953  -24.672 -8.759  1.00 38.16 ? 98  ALA B C   1 
ATOM   1251 O  O   . ALA B 1 81 ? 25.821  -25.885 -9.013  1.00 38.79 ? 98  ALA B O   1 
ATOM   1252 C  CB  . ALA B 1 81 ? 24.486  -22.906 -9.667  1.00 32.44 ? 98  ALA B CB  1 
ATOM   1253 N  N   . VAL B 1 82 ? 27.134  -24.063 -8.699  1.00 36.67 ? 99  VAL B N   1 
ATOM   1254 C  CA  . VAL B 1 82 ? 28.352  -24.792 -9.162  1.00 39.64 ? 99  VAL B CA  1 
ATOM   1255 C  C   . VAL B 1 82 ? 28.786  -25.791 -8.088  1.00 35.40 ? 99  VAL B C   1 
ATOM   1256 O  O   . VAL B 1 82 ? 29.096  -26.917 -8.408  1.00 35.81 ? 99  VAL B O   1 
ATOM   1257 C  CB  . VAL B 1 82 ? 29.503  -23.939 -9.785  1.00 41.20 ? 99  VAL B CB  1 
ATOM   1258 C  CG1 . VAL B 1 82 ? 29.030  -23.364 -11.132 1.00 45.39 ? 99  VAL B CG1 1 
ATOM   1259 C  CG2 . VAL B 1 82 ? 29.994  -22.829 -8.875  1.00 45.66 ? 99  VAL B CG2 1 
ATOM   1260 N  N   . ASN B 1 83 ? 28.626  -25.428 -6.820  1.00 37.69 ? 100 ASN B N   1 
ATOM   1261 C  CA  . ASN B 1 83 ? 29.127  -26.176 -5.680  1.00 33.41 ? 100 ASN B CA  1 
ATOM   1262 C  C   . ASN B 1 83 ? 28.159  -26.953 -4.797  1.00 36.61 ? 100 ASN B C   1 
ATOM   1263 O  O   . ASN B 1 83 ? 28.590  -27.684 -3.879  1.00 32.00 ? 100 ASN B O   1 
ATOM   1264 C  CB  . ASN B 1 83 ? 29.914  -25.212 -4.791  1.00 44.13 ? 100 ASN B CB  1 
ATOM   1265 C  CG  . ASN B 1 83 ? 31.156  -24.646 -5.525  1.00 52.46 ? 100 ASN B CG  1 
ATOM   1266 O  OD1 . ASN B 1 83 ? 31.749  -25.295 -6.398  1.00 52.13 ? 100 ASN B OD1 1 
ATOM   1267 N  ND2 . ASN B 1 83 ? 31.493  -23.417 -5.222  1.00 58.96 ? 100 ASN B ND2 1 
ATOM   1268 N  N   . VAL B 1 84 ? 26.866  -26.841 -5.033  1.00 36.76 ? 101 VAL B N   1 
ATOM   1269 C  CA  . VAL B 1 84 ? 25.898  -27.729 -4.303  1.00 33.67 ? 101 VAL B CA  1 
ATOM   1270 C  C   . VAL B 1 84 ? 24.955  -28.444 -5.268  1.00 38.48 ? 101 VAL B C   1 
ATOM   1271 O  O   . VAL B 1 84 ? 24.687  -29.617 -5.079  1.00 36.87 ? 101 VAL B O   1 
ATOM   1272 C  CB  . VAL B 1 84 ? 25.063  -26.942 -3.359  1.00 37.14 ? 101 VAL B CB  1 
ATOM   1273 C  CG1 . VAL B 1 84 ? 24.256  -27.887 -2.457  1.00 38.80 ? 101 VAL B CG1 1 
ATOM   1274 C  CG2 . VAL B 1 84 ? 25.946  -26.033 -2.506  1.00 36.78 ? 101 VAL B CG2 1 
ATOM   1275 N  N   . GLN B 1 85 ? 24.461  -27.763 -6.329  1.00 35.08 ? 102 GLN B N   1 
ATOM   1276 C  CA  . GLN B 1 85 ? 23.491  -28.404 -7.236  1.00 39.69 ? 102 GLN B CA  1 
ATOM   1277 C  C   . GLN B 1 85 ? 24.115  -29.303 -8.247  1.00 33.94 ? 102 GLN B C   1 
ATOM   1278 O  O   . GLN B 1 85 ? 23.595  -30.343 -8.571  1.00 33.79 ? 102 GLN B O   1 
ATOM   1279 C  CB  . GLN B 1 85 ? 22.607  -27.392 -7.924  1.00 37.62 ? 102 GLN B CB  1 
ATOM   1280 C  CG  . GLN B 1 85 ? 21.806  -26.601 -6.917  1.00 40.21 ? 102 GLN B CG  1 
ATOM   1281 C  CD  . GLN B 1 85 ? 20.924  -25.615 -7.616  1.00 43.46 ? 102 GLN B CD  1 
ATOM   1282 O  OE1 . GLN B 1 85 ? 21.383  -24.636 -8.266  1.00 42.57 ? 102 GLN B OE1 1 
ATOM   1283 N  NE2 . GLN B 1 85 ? 19.657  -25.879 -7.544  1.00 40.90 ? 102 GLN B NE2 1 
ATOM   1284 N  N   . LEU B 1 86 ? 25.198  -28.828 -8.816  1.00 39.65 ? 103 LEU B N   1 
ATOM   1285 C  CA  . LEU B 1 86 ? 25.975  -29.597 -9.758  1.00 38.05 ? 103 LEU B CA  1 
ATOM   1286 C  C   . LEU B 1 86 ? 26.413  -30.878 -9.049  1.00 34.77 ? 103 LEU B C   1 
ATOM   1287 O  O   . LEU B 1 86 ? 26.063  -31.948 -9.474  1.00 35.16 ? 103 LEU B O   1 
ATOM   1288 C  CB  . LEU B 1 86 ? 27.121  -28.750 -10.396 1.00 41.26 ? 103 LEU B CB  1 
ATOM   1289 C  CG  . LEU B 1 86 ? 28.091  -29.354 -11.438 1.00 45.40 ? 103 LEU B CG  1 
ATOM   1290 C  CD1 . LEU B 1 86 ? 27.378  -30.279 -12.420 1.00 46.94 ? 103 LEU B CD1 1 
ATOM   1291 C  CD2 . LEU B 1 86 ? 28.834  -28.286 -12.227 1.00 40.74 ? 103 LEU B CD2 1 
ATOM   1292 N  N   . PRO B 1 87 ? 27.158  -30.789 -7.957  1.00 35.91 ? 104 PRO B N   1 
ATOM   1293 C  CA  . PRO B 1 87 ? 27.556  -32.057 -7.351  1.00 33.96 ? 104 PRO B CA  1 
ATOM   1294 C  C   . PRO B 1 87 ? 26.387  -33.053 -7.009  1.00 36.11 ? 104 PRO B C   1 
ATOM   1295 O  O   . PRO B 1 87 ? 26.571  -34.261 -7.153  1.00 32.03 ? 104 PRO B O   1 
ATOM   1296 C  CB  . PRO B 1 87 ? 28.278  -31.611 -6.070  1.00 32.78 ? 104 PRO B CB  1 
ATOM   1297 C  CG  . PRO B 1 87 ? 28.855  -30.306 -6.431  1.00 36.10 ? 104 PRO B CG  1 
ATOM   1298 C  CD  . PRO B 1 87 ? 27.943  -29.655 -7.416  1.00 39.15 ? 104 PRO B CD  1 
ATOM   1299 N  N   . SER B 1 88 ? 25.285  -32.519 -6.488  1.00 33.23 ? 105 SER B N   1 
ATOM   1300 C  CA  . SER B 1 88 ? 24.032  -33.233 -6.234  1.00 34.11 ? 105 SER B CA  1 
ATOM   1301 C  C   . SER B 1 88 ? 23.362  -33.826 -7.467  1.00 33.72 ? 105 SER B C   1 
ATOM   1302 O  O   . SER B 1 88 ? 22.855  -34.948 -7.418  1.00 33.48 ? 105 SER B O   1 
ATOM   1303 C  CB  . SER B 1 88 ? 23.025  -32.303 -5.599  1.00 36.94 ? 105 SER B CB  1 
ATOM   1304 O  OG  . SER B 1 88 ? 21.688  -32.798 -5.659  1.00 48.49 ? 105 SER B OG  1 
ATOM   1305 N  N   . ILE B 1 89 ? 23.263  -33.068 -8.532  1.00 39.03 ? 106 ILE B N   1 
ATOM   1306 C  CA  . ILE B 1 89 ? 22.779  -33.611 -9.845  1.00 40.45 ? 106 ILE B CA  1 
ATOM   1307 C  C   . ILE B 1 89 ? 23.673  -34.768 -10.390 1.00 40.13 ? 106 ILE B C   1 
ATOM   1308 O  O   . ILE B 1 89 ? 23.160  -35.796 -10.809 1.00 38.44 ? 106 ILE B O   1 
ATOM   1309 C  CB  . ILE B 1 89 ? 22.670  -32.488 -10.858 1.00 46.72 ? 106 ILE B CB  1 
ATOM   1310 C  CG1 . ILE B 1 89 ? 21.364  -31.728 -10.647 1.00 47.14 ? 106 ILE B CG1 1 
ATOM   1311 C  CG2 . ILE B 1 89 ? 22.748  -33.025 -12.287 1.00 48.07 ? 106 ILE B CG2 1 
ATOM   1312 C  CD1 . ILE B 1 89 ? 21.358  -30.374 -11.318 1.00 50.62 ? 106 ILE B CD1 1 
ATOM   1313 N  N   . LEU B 1 90 ? 25.002  -34.631 -10.295 1.00 37.53 ? 107 LEU B N   1 
ATOM   1314 C  CA  . LEU B 1 90 ? 25.937  -35.685 -10.688 1.00 38.11 ? 107 LEU B CA  1 
ATOM   1315 C  C   . LEU B 1 90 ? 25.753  -37.037 -9.913  1.00 42.73 ? 107 LEU B C   1 
ATOM   1316 O  O   . LEU B 1 90 ? 25.720  -38.116 -10.524 1.00 40.25 ? 107 LEU B O   1 
ATOM   1317 C  CB  . LEU B 1 90 ? 27.368  -35.185 -10.453 1.00 39.90 ? 107 LEU B CB  1 
ATOM   1318 C  CG  . LEU B 1 90 ? 27.839  -33.991 -11.288 1.00 42.59 ? 107 LEU B CG  1 
ATOM   1319 C  CD1 . LEU B 1 90 ? 29.291  -33.602 -10.939 1.00 42.79 ? 107 LEU B CD1 1 
ATOM   1320 C  CD2 . LEU B 1 90 ? 27.682  -34.342 -12.777 1.00 51.09 ? 107 LEU B CD2 1 
ATOM   1321 N  N   . SER B 1 91 ? 25.649  -36.976 -8.579  1.00 42.70 ? 108 SER B N   1 
ATOM   1322 C  CA  . SER B 1 91 ? 25.517  -38.217 -7.754  1.00 45.36 ? 108 SER B CA  1 
ATOM   1323 C  C   . SER B 1 91 ? 24.169  -38.960 -7.931  1.00 37.11 ? 108 SER B C   1 
ATOM   1324 O  O   . SER B 1 91 ? 24.084  -40.175 -7.707  1.00 46.65 ? 108 SER B O   1 
ATOM   1325 C  CB  . SER B 1 91 ? 25.813  -37.932 -6.270  1.00 44.87 ? 108 SER B CB  1 
ATOM   1326 O  OG  . SER B 1 91 ? 24.617  -37.748 -5.498  1.00 46.34 ? 108 SER B OG  1 
ATOM   1327 N  N   . ASN B 1 92 ? 23.157  -38.235 -8.361  1.00 34.96 ? 109 ASN B N   1 
ATOM   1328 C  CA  . ASN B 1 92 ? 21.815  -38.760 -8.603  1.00 39.64 ? 109 ASN B CA  1 
ATOM   1329 C  C   . ASN B 1 92 ? 21.657  -39.269 -10.027 1.00 37.74 ? 109 ASN B C   1 
ATOM   1330 O  O   . ASN B 1 92 ? 20.643  -39.873 -10.361 1.00 32.36 ? 109 ASN B O   1 
ATOM   1331 C  CB  . ASN B 1 92 ? 20.781  -37.674 -8.330  1.00 37.43 ? 109 ASN B CB  1 
ATOM   1332 C  CG  . ASN B 1 92 ? 20.690  -37.324 -6.877  1.00 38.08 ? 109 ASN B CG  1 
ATOM   1333 O  OD1 . ASN B 1 92 ? 21.125  -38.078 -5.989  1.00 49.54 ? 109 ASN B OD1 1 
ATOM   1334 N  ND2 . ASN B 1 92 ? 20.131  -36.189 -6.612  1.00 43.35 ? 109 ASN B ND2 1 
ATOM   1335 N  N   . LEU B 1 93 ? 22.683  -39.023 -10.837 1.00 32.73 ? 110 LEU B N   1 
ATOM   1336 C  CA  . LEU B 1 93 ? 22.717  -39.467 -12.193 1.00 35.98 ? 110 LEU B CA  1 
ATOM   1337 C  C   . LEU B 1 93 ? 23.633  -40.687 -12.299 1.00 40.05 ? 110 LEU B C   1 
ATOM   1338 O  O   . LEU B 1 93 ? 23.697  -41.303 -13.355 1.00 39.69 ? 110 LEU B O   1 
ATOM   1339 C  CB  . LEU B 1 93 ? 23.179  -38.377 -13.131 1.00 31.13 ? 110 LEU B CB  1 
ATOM   1340 C  CG  . LEU B 1 93 ? 22.227  -37.285 -13.499 1.00 40.58 ? 110 LEU B CG  1 
ATOM   1341 C  CD1 . LEU B 1 93 ? 22.949  -36.281 -14.395 1.00 45.30 ? 110 LEU B CD1 1 
ATOM   1342 C  CD2 . LEU B 1 93 ? 20.998  -37.868 -14.210 1.00 44.58 ? 110 LEU B CD2 1 
ATOM   1343 N  N   . VAL B 1 94 ? 24.259  -41.075 -11.193 1.00 45.93 ? 111 VAL B N   1 
ATOM   1344 C  CA  . VAL B 1 94 ? 25.155  -42.214 -11.221 1.00 48.81 ? 111 VAL B CA  1 
ATOM   1345 C  C   . VAL B 1 94 ? 24.295  -43.463 -11.077 1.00 47.32 ? 111 VAL B C   1 
ATOM   1346 O  O   . VAL B 1 94 ? 23.527  -43.550 -10.126 1.00 48.73 ? 111 VAL B O   1 
ATOM   1347 C  CB  . VAL B 1 94 ? 26.171  -42.199 -10.075 1.00 54.86 ? 111 VAL B CB  1 
ATOM   1348 C  CG1 . VAL B 1 94 ? 27.157  -43.342 -10.244 1.00 56.22 ? 111 VAL B CG1 1 
ATOM   1349 C  CG2 . VAL B 1 94 ? 26.918  -40.896 -10.039 1.00 58.96 ? 111 VAL B CG2 1 
ATOM   1350 N  N   . PRO B 1 95 ? 24.449  -44.441 -11.988 1.00 46.24 ? 112 PRO B N   1 
ATOM   1351 C  CA  . PRO B 1 95 ? 23.718  -45.710 -11.892 1.00 49.31 ? 112 PRO B CA  1 
ATOM   1352 C  C   . PRO B 1 95 ? 24.272  -46.679 -10.892 1.00 45.64 ? 112 PRO B C   1 
ATOM   1353 O  O   . PRO B 1 95 ? 25.472  -46.811 -10.772 1.00 43.64 ? 112 PRO B O   1 
ATOM   1354 C  CB  . PRO B 1 95 ? 23.860  -46.292 -13.303 1.00 51.66 ? 112 PRO B CB  1 
ATOM   1355 C  CG  . PRO B 1 95 ? 25.187  -45.782 -13.759 1.00 56.82 ? 112 PRO B CG  1 
ATOM   1356 C  CD  . PRO B 1 95 ? 25.183  -44.351 -13.262 1.00 52.34 ? 112 PRO B CD  1 
ATOM   1357 N  N   . ARG B 1 96 ? 23.394  -47.361 -10.176 1.00 55.29 ? 113 ARG B N   1 
ATOM   1358 C  CA  . ARG B 1 96 ? 23.794  -48.397 -9.186  1.00 64.90 ? 113 ARG B CA  1 
ATOM   1359 C  C   . ARG B 1 96 ? 23.200  -49.798 -9.452  1.00 71.92 ? 113 ARG B C   1 
ATOM   1360 O  O   . ARG B 1 96 ? 21.979  -49.986 -9.407  1.00 71.78 ? 113 ARG B O   1 
ATOM   1361 C  CB  . ARG B 1 96 ? 23.388  -47.954 -7.791  1.00 60.27 ? 113 ARG B CB  1 
HETATM 1362 CS CS  . CS  C 2 .  ? -18.691 4.320   -8.713  0.25 35.09 ? 201 CS  A CS  1 
HETATM 1363 CS CS  . CS  D 2 .  ? -21.684 5.498   -8.212  0.13 44.63 ? 202 CS  A CS  1 
HETATM 1364 C  C1  . MPD E 3 .  ? -20.931 12.687  11.777  1.00 70.70 ? 203 MPD A C1  1 
HETATM 1365 C  C2  . MPD E 3 .  ? -22.226 13.203  12.319  1.00 67.12 ? 203 MPD A C2  1 
HETATM 1366 O  O2  . MPD E 3 .  ? -23.090 13.618  11.306  1.00 67.02 ? 203 MPD A O2  1 
HETATM 1367 C  CM  . MPD E 3 .  ? -22.952 12.054  12.933  1.00 67.05 ? 203 MPD A CM  1 
HETATM 1368 C  C3  . MPD E 3 .  ? -21.970 14.329  13.285  1.00 73.46 ? 203 MPD A C3  1 
HETATM 1369 C  C4  . MPD E 3 .  ? -22.782 15.605  13.094  1.00 78.67 ? 203 MPD A C4  1 
HETATM 1370 O  O4  . MPD E 3 .  ? -23.942 15.288  12.338  1.00 78.25 ? 203 MPD A O4  1 
HETATM 1371 C  C5  . MPD E 3 .  ? -23.170 16.201  14.426  1.00 78.26 ? 203 MPD A C5  1 
HETATM 1372 C  C1  . MPD F 3 .  ? -9.878  5.201   1.593   1.00 48.97 ? 204 MPD A C1  1 
HETATM 1373 C  C2  . MPD F 3 .  ? -9.582  5.165   0.096   1.00 53.86 ? 204 MPD A C2  1 
HETATM 1374 O  O2  . MPD F 3 .  ? -10.263 4.095   -0.500  1.00 65.31 ? 204 MPD A O2  1 
HETATM 1375 C  CM  . MPD F 3 .  ? -10.238 6.319   -0.622  1.00 56.75 ? 204 MPD A CM  1 
HETATM 1376 C  C3  . MPD F 3 .  ? -8.091  5.085   -0.232  1.00 58.09 ? 204 MPD A C3  1 
HETATM 1377 C  C4  . MPD F 3 .  ? -7.454  3.670   -0.207  1.00 63.07 ? 204 MPD A C4  1 
HETATM 1378 O  O4  . MPD F 3 .  ? -8.359  2.590   -0.494  1.00 73.70 ? 204 MPD A O4  1 
HETATM 1379 C  C5  . MPD F 3 .  ? -6.290  3.509   -1.199  1.00 55.54 ? 204 MPD A C5  1 
HETATM 1380 N  N   . GLY G 4 .  ? -10.109 22.903  1.328   1.00 63.05 ? 205 GLY A N   1 
HETATM 1381 C  CA  . GLY G 4 .  ? -10.697 22.350  2.606   1.00 67.27 ? 205 GLY A CA  1 
HETATM 1382 C  C   . GLY G 4 .  ? -9.777  21.409  3.393   1.00 72.72 ? 205 GLY A C   1 
HETATM 1383 O  O   . GLY G 4 .  ? -8.584  21.291  3.131   1.00 69.45 ? 205 GLY A O   1 
HETATM 1384 O  OXT . GLY G 4 .  ? -10.169 20.713  4.338   1.00 83.53 ? 205 GLY A OXT 1 
HETATM 1385 N  N   . GLY H 4 .  ? -22.747 0.832   15.689  1.00 78.12 ? 206 GLY A N   1 
HETATM 1386 C  CA  . GLY H 4 .  ? -21.333 0.881   16.161  1.00 75.46 ? 206 GLY A CA  1 
HETATM 1387 C  C   . GLY H 4 .  ? -20.980 -0.433  16.831  1.00 75.34 ? 206 GLY A C   1 
HETATM 1388 O  O   . GLY H 4 .  ? -21.235 -0.655  18.017  1.00 70.56 ? 206 GLY A O   1 
HETATM 1389 O  OXT . GLY H 4 .  ? -20.438 -1.323  16.185  1.00 73.74 ? 206 GLY A OXT 1 
HETATM 1390 N  N   . GLY I 4 .  ? -6.213  8.569   -1.854  1.00 68.92 ? 207 GLY A N   1 
HETATM 1391 C  CA  . GLY I 4 .  ? -6.979  9.766   -2.324  1.00 67.81 ? 207 GLY A CA  1 
HETATM 1392 C  C   . GLY I 4 .  ? -8.431  9.521   -2.713  1.00 67.10 ? 207 GLY A C   1 
HETATM 1393 O  O   . GLY I 4 .  ? -8.849  9.987   -3.778  1.00 83.03 ? 207 GLY A O   1 
HETATM 1394 O  OXT . GLY I 4 .  ? -9.249  8.912   -1.999  1.00 59.90 ? 207 GLY A OXT 1 
HETATM 1395 N  N   . GLY J 4 .  ? -3.229  7.419   1.606   1.00 74.54 ? 208 GLY A N   1 
HETATM 1396 C  CA  . GLY J 4 .  ? -2.173  6.954   2.561   1.00 83.07 ? 208 GLY A CA  1 
HETATM 1397 C  C   . GLY J 4 .  ? -2.510  5.624   3.213   1.00 78.14 ? 208 GLY A C   1 
HETATM 1398 O  O   . GLY J 4 .  ? -3.679  5.242   3.299   1.00 77.36 ? 208 GLY A O   1 
HETATM 1399 O  OXT . GLY J 4 .  ? -1.621  4.905   3.670   1.00 69.21 ? 208 GLY A OXT 1 
HETATM 1400 N  N   . GLY K 4 .  ? -3.427  12.781  7.877   1.00 43.79 ? 209 GLY A N   1 
HETATM 1401 C  CA  . GLY K 4 .  ? -3.216  11.331  7.772   1.00 50.30 ? 209 GLY A CA  1 
HETATM 1402 C  C   . GLY K 4 .  ? -1.975  10.814  8.458   1.00 63.35 ? 209 GLY A C   1 
HETATM 1403 O  O   . GLY K 4 .  ? -0.879  11.105  7.947   1.00 80.65 ? 209 GLY A O   1 
HETATM 1404 O  OXT . GLY K 4 .  ? -2.026  10.105  9.496   1.00 54.16 ? 209 GLY A OXT 1 
HETATM 1405 CS CS  . CS  L 2 .  ? 9.156   -6.641  -13.379 0.25 40.11 ? 201 CS  B CS  1 
HETATM 1406 CS CS  . CS  M 2 .  ? 12.195  -7.837  -13.888 0.13 52.76 ? 202 CS  B CS  1 
HETATM 1407 CS CS  . CS  N 2 .  ? 15.801  -9.256  -14.492 0.13 47.17 ? 203 CS  B CS  1 
HETATM 1408 N  N   . GLY O 4 .  ? 21.686  -7.787  9.988   1.00 62.87 ? 204 GLY B N   1 
HETATM 1409 C  CA  . GLY O 4 .  ? 21.462  -7.512  11.476  1.00 60.22 ? 204 GLY B CA  1 
HETATM 1410 C  C   . GLY O 4 .  ? 21.255  -8.733  12.400  1.00 58.48 ? 204 GLY B C   1 
HETATM 1411 O  O   . GLY O 4 .  ? 20.752  -9.820  12.053  1.00 54.87 ? 204 GLY B O   1 
HETATM 1412 O  OXT . GLY O 4 .  ? 21.562  -8.710  13.594  1.00 63.87 ? 204 GLY B OXT 1 
HETATM 1413 N  N   . GLY P 4 .  ? 2.928   -1.282  -2.711  1.00 69.91 ? 205 GLY B N   1 
HETATM 1414 C  CA  . GLY P 4 .  ? 3.794   -2.041  -1.760  1.00 75.04 ? 205 GLY B CA  1 
HETATM 1415 C  C   . GLY P 4 .  ? 5.265   -2.028  -2.148  1.00 74.97 ? 205 GLY B C   1 
HETATM 1416 O  O   . GLY P 4 .  ? 5.624   -2.493  -3.239  1.00 70.15 ? 205 GLY B O   1 
HETATM 1417 O  OXT . GLY P 4 .  ? 6.116   -1.551  -1.388  1.00 61.38 ? 205 GLY B OXT 1 
HETATM 1418 N  N   . GLY Q 4 .  ? 3.113   -8.399  -1.314  1.00 75.90 ? 206 GLY B N   1 
HETATM 1419 C  CA  . GLY Q 4 .  ? 4.464   -7.975  -1.803  1.00 68.67 ? 206 GLY B CA  1 
HETATM 1420 C  C   . GLY Q 4 .  ? 4.451   -6.499  -2.128  1.00 72.13 ? 206 GLY B C   1 
HETATM 1421 O  O   . GLY Q 4 .  ? 3.420   -5.939  -2.523  1.00 72.18 ? 206 GLY B O   1 
HETATM 1422 O  OXT . GLY Q 4 .  ? 5.465   -5.819  -2.015  1.00 71.98 ? 206 GLY B OXT 1 
HETATM 1423 N  N   . GLY R 4 .  ? 23.958  -45.791 -5.825  1.00 74.23 ? 207 GLY B N   1 
HETATM 1424 C  CA  . GLY R 4 .  ? 23.080  -44.945 -6.715  1.00 71.69 ? 207 GLY B CA  1 
HETATM 1425 C  C   . GLY R 4 .  ? 23.489  -43.489 -6.799  1.00 75.92 ? 207 GLY B C   1 
HETATM 1426 O  O   . GLY R 4 .  ? 24.333  -43.071 -5.981  1.00 76.57 ? 207 GLY B O   1 
HETATM 1427 O  OXT . GLY R 4 .  ? 22.993  -42.718 -7.673  1.00 70.71 ? 207 GLY B OXT 1 
HETATM 1428 N  N   . GLY S 4 .  ? 30.218  -42.250 -2.505  1.00 83.78 ? 208 GLY B N   1 
HETATM 1429 C  CA  . GLY S 4 .  ? 30.659  -43.362 -3.409  1.00 82.71 ? 208 GLY B CA  1 
HETATM 1430 C  C   . GLY S 4 .  ? 30.780  -42.912 -4.854  1.00 84.84 ? 208 GLY B C   1 
HETATM 1431 O  O   . GLY S 4 .  ? 31.104  -43.723 -5.740  1.00 83.52 ? 208 GLY B O   1 
HETATM 1432 O  OXT . GLY S 4 .  ? 30.556  -41.721 -5.147  1.00 73.10 ? 208 GLY B OXT 1 
HETATM 1433 N  N   . GLY T 4 .  ? 24.159  -17.019 -11.926 1.00 60.85 ? 209 GLY B N   1 
HETATM 1434 C  CA  . GLY T 4 .  ? 24.913  -18.324 -12.077 1.00 65.41 ? 209 GLY B CA  1 
HETATM 1435 C  C   . GLY T 4 .  ? 24.550  -19.254 -13.242 1.00 67.49 ? 209 GLY B C   1 
HETATM 1436 O  O   . GLY T 4 .  ? 25.298  -20.184 -13.569 1.00 66.16 ? 209 GLY B O   1 
HETATM 1437 O  OXT . GLY T 4 .  ? 23.511  -19.126 -13.904 1.00 70.36 ? 209 GLY B OXT 1 
HETATM 1438 N  N   . GLY U 4 .  ? 18.203  -31.453 -7.377  1.00 76.96 ? 210 GLY B N   1 
HETATM 1439 C  CA  . GLY U 4 .  ? 18.641  -30.113 -7.909  1.00 79.29 ? 210 GLY B CA  1 
HETATM 1440 C  C   . GLY U 4 .  ? 17.492  -29.423 -8.621  1.00 79.28 ? 210 GLY B C   1 
HETATM 1441 O  O   . GLY U 4 .  ? 17.638  -28.793 -9.671  1.00 78.20 ? 210 GLY B O   1 
HETATM 1442 O  OXT . GLY U 4 .  ? 16.352  -29.519 -8.151  1.00 79.16 ? 210 GLY B OXT 1 
HETATM 1443 O  O   . HOH V 5 .  ? -32.728 14.894  -6.228  1.00 46.23 ? 301 HOH A O   1 
HETATM 1444 O  O   . HOH V 5 .  ? -18.599 16.641  15.484  1.00 53.97 ? 302 HOH A O   1 
HETATM 1445 O  O   . HOH V 5 .  ? -30.132 8.824   -6.794  0.25 45.68 ? 303 HOH A O   1 
HETATM 1446 O  O   . HOH V 5 .  ? -34.937 29.227  3.350   1.00 46.01 ? 304 HOH A O   1 
HETATM 1447 O  O   . HOH V 5 .  ? -4.605  18.485  2.816   1.00 40.86 ? 305 HOH A O   1 
HETATM 1448 O  O   . HOH V 5 .  ? -2.680  -1.301  -0.791  1.00 56.17 ? 306 HOH A O   1 
HETATM 1449 O  O   . HOH V 5 .  ? -10.013 -2.605  0.768   1.00 48.29 ? 307 HOH A O   1 
HETATM 1450 O  O   . HOH V 5 .  ? -37.467 16.617  -1.176  1.00 54.93 ? 308 HOH A O   1 
HETATM 1451 O  O   . HOH V 5 .  ? -5.225  2.440   4.970   1.00 52.54 ? 309 HOH A O   1 
HETATM 1452 O  O   . HOH V 5 .  ? -23.597 -3.470  11.351  1.00 50.36 ? 310 HOH A O   1 
HETATM 1453 O  O   . HOH V 5 .  ? -11.923 0.581   -7.029  1.00 55.27 ? 311 HOH A O   1 
HETATM 1454 O  O   . HOH V 5 .  ? -17.228 1.865   14.692  1.00 49.46 ? 312 HOH A O   1 
HETATM 1455 O  O   . HOH V 5 .  ? -35.567 10.963  -5.883  0.25 40.74 ? 313 HOH A O   1 
HETATM 1456 O  O   . HOH V 5 .  ? -32.805 9.876   -6.346  0.25 56.76 ? 314 HOH A O   1 
HETATM 1457 O  O   . HOH V 5 .  ? -14.895 11.350  13.551  1.00 50.18 ? 315 HOH A O   1 
HETATM 1458 O  O   . HOH V 5 .  ? -14.010 21.297  5.923   1.00 53.93 ? 316 HOH A O   1 
HETATM 1459 O  O   . HOH V 5 .  ? -32.793 27.925  7.946   1.00 51.44 ? 317 HOH A O   1 
HETATM 1460 O  O   . HOH V 5 .  ? -4.305  11.004  0.861   1.00 43.24 ? 318 HOH A O   1 
HETATM 1461 O  O   . HOH V 5 .  ? -25.398 6.960   -7.590  0.25 9.52  ? 319 HOH A O   1 
HETATM 1462 O  O   . HOH V 5 .  ? -15.177 2.937   -9.302  0.25 73.24 ? 320 HOH A O   1 
HETATM 1463 O  O   . HOH V 5 .  ? -6.585  3.711   3.572   1.00 38.82 ? 321 HOH A O   1 
HETATM 1464 O  O   . HOH V 5 .  ? -18.534 0.078   15.612  1.00 38.23 ? 322 HOH A O   1 
HETATM 1465 O  O   . HOH W 5 .  ? 4.357   -12.072 8.370   1.00 34.57 ? 301 HOH B O   1 
HETATM 1466 O  O   . HOH W 5 .  ? 1.963   -6.078  3.486   1.00 39.88 ? 302 HOH B O   1 
HETATM 1467 O  O   . HOH W 5 .  ? 30.125  -16.697 -6.639  1.00 40.74 ? 303 HOH B O   1 
HETATM 1468 O  O   . HOH W 5 .  ? 27.266  -39.593 -14.572 1.00 48.05 ? 304 HOH B O   1 
HETATM 1469 O  O   . HOH W 5 .  ? 24.608  -14.794 -12.940 1.00 53.62 ? 305 HOH B O   1 
HETATM 1470 O  O   . HOH W 5 .  ? 25.945  -27.642 1.750   1.00 52.23 ? 306 HOH B O   1 
HETATM 1471 O  O   . HOH W 5 .  ? 6.495   10.697  -2.457  1.00 73.73 ? 307 HOH B O   1 
HETATM 1472 O  O   . HOH W 5 .  ? 22.102  -0.026  3.056   1.00 49.40 ? 308 HOH B O   1 
HETATM 1473 O  O   . HOH W 5 .  ? -2.889  -1.322  -7.538  1.00 35.91 ? 309 HOH B O   1 
HETATM 1474 O  O   . HOH W 5 .  ? 3.147   8.591   -0.448  1.00 51.97 ? 310 HOH B O   1 
HETATM 1475 O  O   . HOH W 5 .  ? 18.232  -18.199 1.459   1.00 42.63 ? 311 HOH B O   1 
HETATM 1476 O  O   . HOH W 5 .  ? -2.190  1.826   -4.760  1.00 39.99 ? 312 HOH B O   1 
HETATM 1477 O  O   . HOH W 5 .  ? 29.420  -45.236 -8.034  1.00 50.58 ? 313 HOH B O   1 
HETATM 1478 O  O   . HOH W 5 .  ? 20.040  -10.924 -15.202 0.25 44.05 ? 314 HOH B O   1 
HETATM 1479 O  O   . HOH W 5 .  ? 23.886  -23.895 7.275   1.00 74.20 ? 315 HOH B O   1 
HETATM 1480 O  O   . HOH W 5 .  ? 18.127  -21.873 0.037   1.00 57.05 ? 316 HOH B O   1 
HETATM 1481 O  O   . HOH W 5 .  ? 17.874  -2.252  8.894   1.00 53.18 ? 317 HOH B O   1 
HETATM 1482 O  O   . HOH W 5 .  ? 30.320  -10.659 -3.572  1.00 56.41 ? 318 HOH B O   1 
HETATM 1483 O  O   . HOH W 5 .  ? 9.312   -13.626 7.812   1.00 43.64 ? 319 HOH B O   1 
HETATM 1484 O  O   . HOH W 5 .  ? 29.858  -44.338 -10.729 1.00 39.78 ? 320 HOH B O   1 
HETATM 1485 O  O   . HOH W 5 .  ? 22.489  -3.758  3.745   1.00 55.14 ? 321 HOH B O   1 
HETATM 1486 O  O   . HOH W 5 .  ? 17.818  -34.181 -4.661  1.00 43.11 ? 322 HOH B O   1 
HETATM 1487 O  O   . HOH W 5 .  ? 20.000  -21.776 -8.218  1.00 39.44 ? 323 HOH B O   1 
HETATM 1488 O  O   . HOH W 5 .  ? 24.472  -7.399  5.473   1.00 48.14 ? 324 HOH B O   1 
HETATM 1489 O  O   . HOH W 5 .  ? 34.679  -15.675 -0.278  1.00 42.33 ? 325 HOH B O   1 
HETATM 1490 O  O   . HOH W 5 .  ? 6.943   -12.791 -11.549 1.00 44.01 ? 326 HOH B O   1 
HETATM 1491 O  O   . HOH W 5 .  ? 0.549   -6.942  -0.518  1.00 46.81 ? 327 HOH B O   1 
HETATM 1492 O  O   . HOH W 5 .  ? 31.482  -22.244 -3.216  1.00 42.27 ? 328 HOH B O   1 
HETATM 1493 O  O   . HOH W 5 .  ? 14.107  -12.645 8.528   1.00 52.52 ? 329 HOH B O   1 
HETATM 1494 O  O   . HOH W 5 .  ? 21.553  -34.122 -3.218  1.00 58.33 ? 330 HOH B O   1 
HETATM 1495 O  O   . HOH W 5 .  ? 27.062  -48.528 -5.705  1.00 60.85 ? 331 HOH B O   1 
HETATM 1496 O  O   . HOH W 5 .  ? 33.018  -27.850 4.303   1.00 67.37 ? 332 HOH B O   1 
HETATM 1497 O  O   . HOH W 5 .  ? 25.286  -46.890 -4.109  1.00 61.79 ? 333 HOH B O   1 
HETATM 1498 O  O   . HOH W 5 .  ? 7.150   9.940   1.273   1.00 49.82 ? 334 HOH B O   1 
HETATM 1499 O  O   . HOH W 5 .  ? -0.181  4.497   -7.879  1.00 59.94 ? 335 HOH B O   1 
HETATM 1500 O  O   . HOH W 5 .  ? 2.559   4.180   -3.802  1.00 54.00 ? 336 HOH B O   1 
HETATM 1501 O  O   . HOH W 5 .  ? 3.533   -2.650  -10.800 1.00 65.45 ? 337 HOH B O   1 
HETATM 1502 O  O   . HOH W 5 .  ? 0.533   -1.967  3.031   1.00 50.56 ? 338 HOH B O   1 
HETATM 1503 O  O   . HOH W 5 .  ? 10.711  -8.043  11.400  1.00 53.08 ? 339 HOH B O   1 
HETATM 1504 O  O   . HOH W 5 .  ? 32.120  -45.246 -2.923  1.00 40.78 ? 340 HOH B O   1 
HETATM 1505 O  O   . HOH W 5 .  ? 9.063   9.211   2.847   1.00 37.87 ? 341 HOH B O   1 
HETATM 1506 O  O   . HOH W 5 .  ? 22.931  -39.168 -3.782  1.00 39.32 ? 342 HOH B O   1 
# 
loop_
_pdbx_poly_seq_scheme.asym_id 
_pdbx_poly_seq_scheme.entity_id 
_pdbx_poly_seq_scheme.seq_id 
_pdbx_poly_seq_scheme.mon_id 
_pdbx_poly_seq_scheme.ndb_seq_num 
_pdbx_poly_seq_scheme.pdb_seq_num 
_pdbx_poly_seq_scheme.auth_seq_num 
_pdbx_poly_seq_scheme.pdb_mon_id 
_pdbx_poly_seq_scheme.auth_mon_id 
_pdbx_poly_seq_scheme.pdb_strand_id 
_pdbx_poly_seq_scheme.pdb_ins_code 
_pdbx_poly_seq_scheme.hetero 
A 1 1  MET 1  18  ?   ?   ?   A . n 
A 1 2  ALA 2  19  ?   ?   ?   A . n 
A 1 3  LYS 3  20  ?   ?   ?   A . n 
A 1 4  ASP 4  21  ?   ?   ?   A . n 
A 1 5  LYS 5  22  ?   ?   ?   A . n 
A 1 6  GLU 6  23  ?   ?   ?   A . n 
A 1 7  PHE 7  24  24  PHE PHE A . n 
A 1 8  GLN 8  25  25  GLN GLN A . n 
A 1 9  VAL 9  26  26  VAL VAL A . n 
A 1 10 LEU 10 27  27  LEU LEU A . n 
A 1 11 PHE 11 28  28  PHE PHE A . n 
A 1 12 VAL 12 29  29  VAL VAL A . n 
A 1 13 LEU 13 30  30  LEU LEU A . n 
A 1 14 THR 14 31  31  THR THR A . n 
A 1 15 ILE 15 32  32  ILE ILE A . n 
A 1 16 LEU 16 33  33  LEU LEU A . n 
A 1 17 THR 17 34  34  THR THR A . n 
A 1 18 LEU 18 35  35  LEU LEU A . n 
A 1 19 ILE 19 36  36  ILE ILE A . n 
A 1 20 SER 20 37  37  SER SER A . n 
A 1 21 GLY 21 38  38  GLY GLY A . n 
A 1 22 THR 22 39  39  THR THR A . n 
A 1 23 ILE 23 40  40  ILE ILE A . n 
A 1 24 PHE 24 41  41  PHE PHE A . n 
A 1 25 TYR 25 42  42  TYR TYR A . n 
A 1 26 SER 26 43  43  SER SER A . n 
A 1 27 THR 27 44  44  THR THR A . n 
A 1 28 VAL 28 45  45  VAL VAL A . n 
A 1 29 GLU 29 46  46  GLU GLU A . n 
A 1 30 GLY 30 47  47  GLY GLY A . n 
A 1 31 LEU 31 48  48  LEU LEU A . n 
A 1 32 ARG 32 49  49  ARG ARG A . n 
A 1 33 PRO 33 50  50  PRO PRO A . n 
A 1 34 ILE 34 51  51  ILE ILE A . n 
A 1 35 ASP 35 52  52  ASP ASP A . n 
A 1 36 ALA 36 53  53  ALA ALA A . n 
A 1 37 LEU 37 54  54  LEU LEU A . n 
A 1 38 TYR 38 55  55  TYR TYR A . n 
A 1 39 PHE 39 56  56  PHE PHE A . n 
A 1 40 SER 40 57  57  SER SER A . n 
A 1 41 VAL 41 58  58  VAL VAL A . n 
A 1 42 VAL 42 59  59  VAL VAL A . n 
A 1 43 THR 43 60  60  THR THR A . n 
A 1 44 LEU 44 61  61  LEU LEU A . n 
A 1 45 THR 45 62  62  THR THR A . n 
A 1 46 THR 46 63  63  THR THR A . n 
A 1 47 VAL 47 64  64  VAL VAL A . n 
A 1 48 GLY 48 65  65  GLY GLY A . n 
A 1 49 GLU 49 66  66  GLU GLU A . n 
A 1 50 THR 50 67  67  THR THR A . n 
A 1 51 PRO 51 68  68  PRO PRO A . n 
A 1 52 PRO 52 69  69  PRO PRO A . n 
A 1 53 PRO 53 70  70  PRO PRO A . n 
A 1 54 GLN 54 71  71  GLN GLN A . n 
A 1 55 THR 55 72  72  THR THR A . n 
A 1 56 ASP 56 73  73  ASP ASP A . n 
A 1 57 PHE 57 74  74  PHE PHE A . n 
A 1 58 GLY 58 75  75  GLY GLY A . n 
A 1 59 LYS 59 76  76  LYS LYS A . n 
A 1 60 ILE 60 77  77  ILE ILE A . n 
A 1 61 PHE 61 78  78  PHE PHE A . n 
A 1 62 THR 62 79  79  THR THR A . n 
A 1 63 ILE 63 80  80  ILE ILE A . n 
A 1 64 LEU 64 81  81  LEU LEU A . n 
A 1 65 TYR 65 82  82  TYR TYR A . n 
A 1 66 ILE 66 83  83  ILE ILE A . n 
A 1 67 PHE 67 84  84  PHE PHE A . n 
A 1 68 ILE 68 85  85  ILE ILE A . n 
A 1 69 GLY 69 86  86  GLY GLY A . n 
A 1 70 ILE 70 87  87  ILE ILE A . n 
A 1 71 GLY 71 88  88  GLY GLY A . n 
A 1 72 LEU 72 89  89  LEU LEU A . n 
A 1 73 VAL 73 90  90  VAL VAL A . n 
A 1 74 PHE 74 91  91  PHE PHE A . n 
A 1 75 GLY 75 92  92  GLY GLY A . n 
A 1 76 PHE 76 93  93  PHE PHE A . n 
A 1 77 ILE 77 94  94  ILE ILE A . n 
A 1 78 HIS 78 95  95  HIS HIS A . n 
A 1 79 LYS 79 96  96  LYS LYS A . n 
A 1 80 LEU 80 97  97  LEU LEU A . n 
A 1 81 ALA 81 98  98  ALA ALA A . n 
A 1 82 VAL 82 99  99  VAL VAL A . n 
A 1 83 ASN 83 100 100 ASN ASN A . n 
A 1 84 VAL 84 101 101 VAL VAL A . n 
A 1 85 GLN 85 102 102 GLN GLN A . n 
A 1 86 LEU 86 103 103 LEU LEU A . n 
A 1 87 PRO 87 104 104 PRO PRO A . n 
A 1 88 SER 88 105 105 SER SER A . n 
A 1 89 ILE 89 106 106 ILE ILE A . n 
A 1 90 LEU 90 107 107 LEU LEU A . n 
A 1 91 SER 91 108 108 SER SER A . n 
A 1 92 ASN 92 109 109 ASN ASN A . n 
A 1 93 LEU 93 110 110 LEU LEU A . n 
A 1 94 VAL 94 111 ?   ?   ?   A . n 
A 1 95 PRO 95 112 ?   ?   ?   A . n 
A 1 96 ARG 96 113 ?   ?   ?   A . n 
B 1 1  MET 1  18  ?   ?   ?   B . n 
B 1 2  ALA 2  19  ?   ?   ?   B . n 
B 1 3  LYS 3  20  20  LYS LYS B . n 
B 1 4  ASP 4  21  21  ASP ASP B . n 
B 1 5  LYS 5  22  22  LYS LYS B . n 
B 1 6  GLU 6  23  23  GLU GLU B . n 
B 1 7  PHE 7  24  24  PHE PHE B . n 
B 1 8  GLN 8  25  25  GLN GLN B . n 
B 1 9  VAL 9  26  26  VAL VAL B . n 
B 1 10 LEU 10 27  27  LEU LEU B . n 
B 1 11 PHE 11 28  28  PHE PHE B . n 
B 1 12 VAL 12 29  29  VAL VAL B . n 
B 1 13 LEU 13 30  30  LEU LEU B . n 
B 1 14 THR 14 31  31  THR THR B . n 
B 1 15 ILE 15 32  32  ILE ILE B . n 
B 1 16 LEU 16 33  33  LEU LEU B . n 
B 1 17 THR 17 34  34  THR THR B . n 
B 1 18 LEU 18 35  35  LEU LEU B . n 
B 1 19 ILE 19 36  36  ILE ILE B . n 
B 1 20 SER 20 37  37  SER SER B . n 
B 1 21 GLY 21 38  38  GLY GLY B . n 
B 1 22 THR 22 39  39  THR THR B . n 
B 1 23 ILE 23 40  40  ILE ILE B . n 
B 1 24 PHE 24 41  41  PHE PHE B . n 
B 1 25 TYR 25 42  42  TYR TYR B . n 
B 1 26 SER 26 43  43  SER SER B . n 
B 1 27 THR 27 44  44  THR THR B . n 
B 1 28 VAL 28 45  45  VAL VAL B . n 
B 1 29 GLU 29 46  46  GLU GLU B . n 
B 1 30 GLY 30 47  47  GLY GLY B . n 
B 1 31 LEU 31 48  48  LEU LEU B . n 
B 1 32 ARG 32 49  49  ARG ARG B . n 
B 1 33 PRO 33 50  50  PRO PRO B . n 
B 1 34 ILE 34 51  51  ILE ILE B . n 
B 1 35 ASP 35 52  52  ASP ASP B . n 
B 1 36 ALA 36 53  53  ALA ALA B . n 
B 1 37 LEU 37 54  54  LEU LEU B . n 
B 1 38 TYR 38 55  55  TYR TYR B . n 
B 1 39 PHE 39 56  56  PHE PHE B . n 
B 1 40 SER 40 57  57  SER SER B . n 
B 1 41 VAL 41 58  58  VAL VAL B . n 
B 1 42 VAL 42 59  59  VAL VAL B . n 
B 1 43 THR 43 60  60  THR THR B . n 
B 1 44 LEU 44 61  61  LEU LEU B . n 
B 1 45 THR 45 62  62  THR THR B . n 
B 1 46 THR 46 63  63  THR THR B . n 
B 1 47 VAL 47 64  64  VAL VAL B . n 
B 1 48 GLY 48 65  65  GLY GLY B . n 
B 1 49 GLU 49 66  66  GLU GLU B . n 
B 1 50 THR 50 67  67  THR THR B . n 
B 1 51 PRO 51 68  68  PRO PRO B . n 
B 1 52 PRO 52 69  69  PRO PRO B . n 
B 1 53 PRO 53 70  70  PRO PRO B . n 
B 1 54 GLN 54 71  71  GLN GLN B . n 
B 1 55 THR 55 72  72  THR THR B . n 
B 1 56 ASP 56 73  73  ASP ASP B . n 
B 1 57 PHE 57 74  74  PHE PHE B . n 
B 1 58 GLY 58 75  75  GLY GLY B . n 
B 1 59 LYS 59 76  76  LYS LYS B . n 
B 1 60 ILE 60 77  77  ILE ILE B . n 
B 1 61 PHE 61 78  78  PHE PHE B . n 
B 1 62 THR 62 79  79  THR THR B . n 
B 1 63 ILE 63 80  80  ILE ILE B . n 
B 1 64 LEU 64 81  81  LEU LEU B . n 
B 1 65 TYR 65 82  82  TYR TYR B . n 
B 1 66 ILE 66 83  83  ILE ILE B . n 
B 1 67 PHE 67 84  84  PHE PHE B . n 
B 1 68 ILE 68 85  85  ILE ILE B . n 
B 1 69 GLY 69 86  86  GLY GLY B . n 
B 1 70 ILE 70 87  87  ILE ILE B . n 
B 1 71 GLY 71 88  88  GLY GLY B . n 
B 1 72 LEU 72 89  89  LEU LEU B . n 
B 1 73 VAL 73 90  90  VAL VAL B . n 
B 1 74 PHE 74 91  91  PHE PHE B . n 
B 1 75 GLY 75 92  92  GLY GLY B . n 
B 1 76 PHE 76 93  93  PHE PHE B . n 
B 1 77 ILE 77 94  94  ILE ILE B . n 
B 1 78 HIS 78 95  95  HIS HIS B . n 
B 1 79 LYS 79 96  96  LYS LYS B . n 
B 1 80 LEU 80 97  97  LEU LEU B . n 
B 1 81 ALA 81 98  98  ALA ALA B . n 
B 1 82 VAL 82 99  99  VAL VAL B . n 
B 1 83 ASN 83 100 100 ASN ASN B . n 
B 1 84 VAL 84 101 101 VAL VAL B . n 
B 1 85 GLN 85 102 102 GLN GLN B . n 
B 1 86 LEU 86 103 103 LEU LEU B . n 
B 1 87 PRO 87 104 104 PRO PRO B . n 
B 1 88 SER 88 105 105 SER SER B . n 
B 1 89 ILE 89 106 106 ILE ILE B . n 
B 1 90 LEU 90 107 107 LEU LEU B . n 
B 1 91 SER 91 108 108 SER SER B . n 
B 1 92 ASN 92 109 109 ASN ASN B . n 
B 1 93 LEU 93 110 110 LEU LEU B . n 
B 1 94 VAL 94 111 111 VAL VAL B . n 
B 1 95 PRO 95 112 112 PRO PRO B . n 
B 1 96 ARG 96 113 113 ARG ARG B . n 
# 
loop_
_pdbx_nonpoly_scheme.asym_id 
_pdbx_nonpoly_scheme.entity_id 
_pdbx_nonpoly_scheme.mon_id 
_pdbx_nonpoly_scheme.ndb_seq_num 
_pdbx_nonpoly_scheme.pdb_seq_num 
_pdbx_nonpoly_scheme.auth_seq_num 
_pdbx_nonpoly_scheme.pdb_mon_id 
_pdbx_nonpoly_scheme.auth_mon_id 
_pdbx_nonpoly_scheme.pdb_strand_id 
_pdbx_nonpoly_scheme.pdb_ins_code 
C 2 CS  1  201 1  CS  CS  A . 
D 2 CS  1  202 4  CS  CS  A . 
E 3 MPD 1  203 1  MPD MPD A . 
F 3 MPD 1  204 2  MPD MPD A . 
G 4 GLY 1  205 2  GLY GLY A . 
H 4 GLY 1  206 4  GLY GLY A . 
I 4 GLY 1  207 6  GLY GLY A . 
J 4 GLY 1  208 9  GLY GLY A . 
K 4 GLY 1  209 11 GLY GLY A . 
L 2 CS  1  201 2  CS  CS  B . 
M 2 CS  1  202 3  CS  CS  B . 
N 2 CS  1  203 5  CS  CS  B . 
O 4 GLY 1  204 1  GLY GLY B . 
P 4 GLY 1  205 3  GLY GLY B . 
Q 4 GLY 1  206 5  GLY GLY B . 
R 4 GLY 1  207 7  GLY GLY B . 
S 4 GLY 1  208 8  GLY GLY B . 
T 4 GLY 1  209 10 GLY GLY B . 
U 4 GLY 1  210 12 GLY GLY B . 
V 5 HOH 1  301 8  HOH HOH A . 
V 5 HOH 2  302 12 HOH HOH A . 
V 5 HOH 3  303 14 HOH HOH A . 
V 5 HOH 4  304 17 HOH HOH A . 
V 5 HOH 5  305 21 HOH HOH A . 
V 5 HOH 6  306 23 HOH HOH A . 
V 5 HOH 7  307 24 HOH HOH A . 
V 5 HOH 8  308 26 HOH HOH A . 
V 5 HOH 9  309 29 HOH HOH A . 
V 5 HOH 10 310 31 HOH HOH A . 
V 5 HOH 11 311 32 HOH HOH A . 
V 5 HOH 12 312 37 HOH HOH A . 
V 5 HOH 13 313 41 HOH HOH A . 
V 5 HOH 14 314 43 HOH HOH A . 
V 5 HOH 15 315 44 HOH HOH A . 
V 5 HOH 16 316 46 HOH HOH A . 
V 5 HOH 17 317 47 HOH HOH A . 
V 5 HOH 18 318 55 HOH HOH A . 
V 5 HOH 19 319 58 HOH HOH A . 
V 5 HOH 20 320 59 HOH HOH A . 
V 5 HOH 21 321 60 HOH HOH A . 
V 5 HOH 22 322 64 HOH HOH A . 
W 5 HOH 1  301 48 HOH HOH B . 
W 5 HOH 2  302 1  HOH HOH B . 
W 5 HOH 3  303 2  HOH HOH B . 
W 5 HOH 4  304 3  HOH HOH B . 
W 5 HOH 5  305 4  HOH HOH B . 
W 5 HOH 6  306 5  HOH HOH B . 
W 5 HOH 7  307 6  HOH HOH B . 
W 5 HOH 8  308 7  HOH HOH B . 
W 5 HOH 9  309 9  HOH HOH B . 
W 5 HOH 10 310 10 HOH HOH B . 
W 5 HOH 11 311 11 HOH HOH B . 
W 5 HOH 12 312 13 HOH HOH B . 
W 5 HOH 13 313 15 HOH HOH B . 
W 5 HOH 14 314 16 HOH HOH B . 
W 5 HOH 15 315 18 HOH HOH B . 
W 5 HOH 16 316 19 HOH HOH B . 
W 5 HOH 17 317 20 HOH HOH B . 
W 5 HOH 18 318 22 HOH HOH B . 
W 5 HOH 19 319 25 HOH HOH B . 
W 5 HOH 20 320 27 HOH HOH B . 
W 5 HOH 21 321 28 HOH HOH B . 
W 5 HOH 22 322 30 HOH HOH B . 
W 5 HOH 23 323 33 HOH HOH B . 
W 5 HOH 24 324 34 HOH HOH B . 
W 5 HOH 25 325 35 HOH HOH B . 
W 5 HOH 26 326 36 HOH HOH B . 
W 5 HOH 27 327 38 HOH HOH B . 
W 5 HOH 28 328 39 HOH HOH B . 
W 5 HOH 29 329 40 HOH HOH B . 
W 5 HOH 30 330 42 HOH HOH B . 
W 5 HOH 31 331 45 HOH HOH B . 
W 5 HOH 32 332 49 HOH HOH B . 
W 5 HOH 33 333 50 HOH HOH B . 
W 5 HOH 34 334 51 HOH HOH B . 
W 5 HOH 35 335 52 HOH HOH B . 
W 5 HOH 36 336 53 HOH HOH B . 
W 5 HOH 37 337 54 HOH HOH B . 
W 5 HOH 38 338 56 HOH HOH B . 
W 5 HOH 39 339 57 HOH HOH B . 
W 5 HOH 40 340 61 HOH HOH B . 
W 5 HOH 41 341 62 HOH HOH B . 
W 5 HOH 42 342 63 HOH HOH B . 
# 
loop_
_pdbx_struct_assembly.id 
_pdbx_struct_assembly.details 
_pdbx_struct_assembly.method_details 
_pdbx_struct_assembly.oligomeric_details 
_pdbx_struct_assembly.oligomeric_count 
1 author_and_software_defined_assembly PISA tetrameric 4 
2 author_and_software_defined_assembly PISA tetrameric 4 
# 
loop_
_pdbx_struct_assembly_gen.assembly_id 
_pdbx_struct_assembly_gen.oper_expression 
_pdbx_struct_assembly_gen.asym_id_list 
1 1,2,3,4 A,C,D,E,F,G,H,I,J,K,V   
2 1,2,3,4 B,L,M,N,O,P,Q,R,S,T,U,W 
# 
loop_
_pdbx_struct_assembly_prop.biol_id 
_pdbx_struct_assembly_prop.type 
_pdbx_struct_assembly_prop.value 
_pdbx_struct_assembly_prop.details 
1 'ABSA (A^2)' 9930  ? 
1 MORE         -298  ? 
1 'SSA (A^2)'  16140 ? 
2 'ABSA (A^2)' 8790  ? 
2 MORE         -299  ? 
2 'SSA (A^2)'  17880 ? 
# 
loop_
_pdbx_struct_oper_list.id 
_pdbx_struct_oper_list.type 
_pdbx_struct_oper_list.name 
_pdbx_struct_oper_list.symmetry_operation 
_pdbx_struct_oper_list.matrix[1][1] 
_pdbx_struct_oper_list.matrix[1][2] 
_pdbx_struct_oper_list.matrix[1][3] 
_pdbx_struct_oper_list.vector[1] 
_pdbx_struct_oper_list.matrix[2][1] 
_pdbx_struct_oper_list.matrix[2][2] 
_pdbx_struct_oper_list.matrix[2][3] 
_pdbx_struct_oper_list.vector[2] 
_pdbx_struct_oper_list.matrix[3][1] 
_pdbx_struct_oper_list.matrix[3][2] 
_pdbx_struct_oper_list.matrix[3][3] 
_pdbx_struct_oper_list.vector[3] 
1 'identity operation'         1_555 x,y,z       1.0000000000 0.0000000000  0.0000000000  0.0000000000  0.0000000000  1.0000000000  0.0000000000  0.0000000000   0.0000000000  0.0000000000  1.0000000000  0.0000000000   
2 'crystal symmetry operation' 2_775 -x+2,-y+2,z 0.6906363418 -0.6654324086 -0.2832333896 -5.3750020662 -0.6654324086 -0.7380866131 0.1114803178  -3.9575174312  -0.2832333896 0.1114803178  -0.9525497288 -22.7858498047 
3 'crystal symmetry operation' 3_755 -y+2,x,z    0.8453181709 -0.4867458625 0.2202626960  1.1305761611  -0.1786865461 0.1309566935  0.9751520203  8.9099864415   -0.5034960856 -0.8636717025 0.0237251356  -14.1847703730 
4 'crystal symmetry operation' 4_575 y,-x+2,z    0.8453181709 -0.1786865461 -0.5034960856 -6.5055782273 -0.4867458625 0.1309566935  -0.8636717025 -12.8675038727 0.2202626960  0.9751520203  0.0237251356  -8.6010794318 
# 
loop_
_pdbx_struct_special_symmetry.id 
_pdbx_struct_special_symmetry.PDB_model_num 
_pdbx_struct_special_symmetry.auth_asym_id 
_pdbx_struct_special_symmetry.auth_comp_id 
_pdbx_struct_special_symmetry.auth_seq_id 
_pdbx_struct_special_symmetry.PDB_ins_code 
_pdbx_struct_special_symmetry.label_asym_id 
_pdbx_struct_special_symmetry.label_comp_id 
_pdbx_struct_special_symmetry.label_seq_id 
1  1 A CS  201 ? C CS  . 
2  1 A CS  202 ? D CS  . 
3  1 B CS  201 ? L CS  . 
4  1 B CS  202 ? M CS  . 
5  1 B CS  203 ? N CS  . 
6  1 A HOH 303 ? V HOH . 
7  1 A HOH 313 ? V HOH . 
8  1 A HOH 314 ? V HOH . 
9  1 A HOH 319 ? V HOH . 
10 1 A HOH 320 ? V HOH . 
11 1 B HOH 314 ? W HOH . 
# 
loop_
_pdbx_struct_conn_angle.id 
_pdbx_struct_conn_angle.ptnr1_label_atom_id 
_pdbx_struct_conn_angle.ptnr1_label_alt_id 
_pdbx_struct_conn_angle.ptnr1_label_asym_id 
_pdbx_struct_conn_angle.ptnr1_label_comp_id 
_pdbx_struct_conn_angle.ptnr1_label_seq_id 
_pdbx_struct_conn_angle.ptnr1_auth_atom_id 
_pdbx_struct_conn_angle.ptnr1_auth_asym_id 
_pdbx_struct_conn_angle.ptnr1_auth_comp_id 
_pdbx_struct_conn_angle.ptnr1_auth_seq_id 
_pdbx_struct_conn_angle.ptnr1_PDB_ins_code 
_pdbx_struct_conn_angle.ptnr1_symmetry 
_pdbx_struct_conn_angle.ptnr2_label_atom_id 
_pdbx_struct_conn_angle.ptnr2_label_alt_id 
_pdbx_struct_conn_angle.ptnr2_label_asym_id 
_pdbx_struct_conn_angle.ptnr2_label_comp_id 
_pdbx_struct_conn_angle.ptnr2_label_seq_id 
_pdbx_struct_conn_angle.ptnr2_auth_atom_id 
_pdbx_struct_conn_angle.ptnr2_auth_asym_id 
_pdbx_struct_conn_angle.ptnr2_auth_comp_id 
_pdbx_struct_conn_angle.ptnr2_auth_seq_id 
_pdbx_struct_conn_angle.ptnr2_PDB_ins_code 
_pdbx_struct_conn_angle.ptnr2_symmetry 
_pdbx_struct_conn_angle.ptnr3_label_atom_id 
_pdbx_struct_conn_angle.ptnr3_label_alt_id 
_pdbx_struct_conn_angle.ptnr3_label_asym_id 
_pdbx_struct_conn_angle.ptnr3_label_comp_id 
_pdbx_struct_conn_angle.ptnr3_label_seq_id 
_pdbx_struct_conn_angle.ptnr3_auth_atom_id 
_pdbx_struct_conn_angle.ptnr3_auth_asym_id 
_pdbx_struct_conn_angle.ptnr3_auth_comp_id 
_pdbx_struct_conn_angle.ptnr3_auth_seq_id 
_pdbx_struct_conn_angle.ptnr3_PDB_ins_code 
_pdbx_struct_conn_angle.ptnr3_symmetry 
_pdbx_struct_conn_angle.value 
_pdbx_struct_conn_angle.value_esd 
1 O   ? A THR 46 ? A THR 63 ? 1_555 CS ? D CS . ? A CS 202 ? 1_555 O ? A VAL 47 ? A VAL 64 ? 1_555 67.4 ? 
2 O   ? A VAL 47 ? A VAL 64 ? 1_555 CS ? C CS . ? A CS 201 ? 1_555 O ? A GLY 48 ? A GLY 65 ? 1_555 65.7 ? 
3 O   ? B THR 46 ? B THR 63 ? 1_555 CS ? M CS . ? B CS 202 ? 1_555 O ? B VAL 47 ? B VAL 64 ? 1_555 67.3 ? 
4 OG1 ? B THR 46 ? B THR 63 ? 1_555 CS ? N CS . ? B CS 203 ? 1_555 O ? B THR 46 ? B THR 63 ? 1_555 61.0 ? 
5 O   ? B VAL 47 ? B VAL 64 ? 1_555 CS ? L CS . ? B CS 201 ? 1_555 O ? B GLY 48 ? B GLY 65 ? 1_555 64.6 ? 
# 
loop_
_pdbx_audit_revision_history.ordinal 
_pdbx_audit_revision_history.data_content_type 
_pdbx_audit_revision_history.major_revision 
_pdbx_audit_revision_history.minor_revision 
_pdbx_audit_revision_history.revision_date 
1 'Structure model' 1 0 2015-07-01 
2 'Structure model' 1 1 2015-07-22 
3 'Structure model' 1 2 2018-01-31 
4 'Structure model' 1 3 2023-09-20 
# 
_pdbx_audit_revision_details.ordinal             1 
_pdbx_audit_revision_details.revision_ordinal    1 
_pdbx_audit_revision_details.data_content_type   'Structure model' 
_pdbx_audit_revision_details.provider            repository 
_pdbx_audit_revision_details.type                'Initial release' 
_pdbx_audit_revision_details.description         ? 
_pdbx_audit_revision_details.details             ? 
# 
loop_
_pdbx_audit_revision_group.ordinal 
_pdbx_audit_revision_group.revision_ordinal 
_pdbx_audit_revision_group.data_content_type 
_pdbx_audit_revision_group.group 
1 2 'Structure model' 'Database references'      
2 3 'Structure model' 'Experimental preparation' 
3 4 'Structure model' 'Data collection'          
4 4 'Structure model' 'Database references'      
5 4 'Structure model' 'Derived calculations'     
6 4 'Structure model' 'Refinement description'   
# 
loop_
_pdbx_audit_revision_category.ordinal 
_pdbx_audit_revision_category.revision_ordinal 
_pdbx_audit_revision_category.data_content_type 
_pdbx_audit_revision_category.category 
1 3 'Structure model' exptl_crystal_grow            
2 4 'Structure model' chem_comp_atom                
3 4 'Structure model' chem_comp_bond                
4 4 'Structure model' database_2                    
5 4 'Structure model' pdbx_initial_refinement_model 
6 4 'Structure model' pdbx_struct_conn_angle        
7 4 'Structure model' struct_conn                   
8 4 'Structure model' struct_ref_seq_dif            
9 4 'Structure model' struct_site                   
# 
loop_
_pdbx_audit_revision_item.ordinal 
_pdbx_audit_revision_item.revision_ordinal 
_pdbx_audit_revision_item.data_content_type 
_pdbx_audit_revision_item.item 
1  3 'Structure model' '_exptl_crystal_grow.pdbx_details'            
2  3 'Structure model' '_exptl_crystal_grow.temp'                    
3  4 'Structure model' '_database_2.pdbx_DOI'                        
4  4 'Structure model' '_database_2.pdbx_database_accession'         
5  4 'Structure model' '_pdbx_struct_conn_angle.ptnr1_auth_asym_id'  
6  4 'Structure model' '_pdbx_struct_conn_angle.ptnr1_auth_comp_id'  
7  4 'Structure model' '_pdbx_struct_conn_angle.ptnr1_auth_seq_id'   
8  4 'Structure model' '_pdbx_struct_conn_angle.ptnr1_label_asym_id' 
9  4 'Structure model' '_pdbx_struct_conn_angle.ptnr1_label_atom_id' 
10 4 'Structure model' '_pdbx_struct_conn_angle.ptnr1_label_comp_id' 
11 4 'Structure model' '_pdbx_struct_conn_angle.ptnr1_label_seq_id'  
12 4 'Structure model' '_pdbx_struct_conn_angle.ptnr2_auth_asym_id'  
13 4 'Structure model' '_pdbx_struct_conn_angle.ptnr2_auth_seq_id'   
14 4 'Structure model' '_pdbx_struct_conn_angle.ptnr2_label_asym_id' 
15 4 'Structure model' '_pdbx_struct_conn_angle.ptnr3_auth_asym_id'  
16 4 'Structure model' '_pdbx_struct_conn_angle.ptnr3_auth_comp_id'  
17 4 'Structure model' '_pdbx_struct_conn_angle.ptnr3_auth_seq_id'   
18 4 'Structure model' '_pdbx_struct_conn_angle.ptnr3_label_asym_id' 
19 4 'Structure model' '_pdbx_struct_conn_angle.ptnr3_label_comp_id' 
20 4 'Structure model' '_pdbx_struct_conn_angle.ptnr3_label_seq_id'  
21 4 'Structure model' '_pdbx_struct_conn_angle.value'               
22 4 'Structure model' '_struct_conn.pdbx_dist_value'                
23 4 'Structure model' '_struct_conn.ptnr1_auth_asym_id'             
24 4 'Structure model' '_struct_conn.ptnr1_auth_comp_id'             
25 4 'Structure model' '_struct_conn.ptnr1_auth_seq_id'              
26 4 'Structure model' '_struct_conn.ptnr1_label_asym_id'            
27 4 'Structure model' '_struct_conn.ptnr1_label_atom_id'            
28 4 'Structure model' '_struct_conn.ptnr1_label_comp_id'            
29 4 'Structure model' '_struct_conn.ptnr1_label_seq_id'             
30 4 'Structure model' '_struct_conn.ptnr2_auth_asym_id'             
31 4 'Structure model' '_struct_conn.ptnr2_auth_seq_id'              
32 4 'Structure model' '_struct_conn.ptnr2_label_asym_id'            
33 4 'Structure model' '_struct_ref_seq_dif.details'                 
34 4 'Structure model' '_struct_site.pdbx_auth_asym_id'              
35 4 'Structure model' '_struct_site.pdbx_auth_comp_id'              
36 4 'Structure model' '_struct_site.pdbx_auth_seq_id'               
# 
loop_
_software.name 
_software.classification 
_software.version 
_software.citation_id 
_software.pdbx_ordinal 
DNA    'data collection' .     ? 1 
MOLREP phasing           .     ? 2 
REFMAC refinement        5.7.0 ? 3 
MOSFLM 'data reduction'  .     ? 4 
SCALA  'data scaling'    .     ? 5 
# 
loop_
_pdbx_validate_close_contact.id 
_pdbx_validate_close_contact.PDB_model_num 
_pdbx_validate_close_contact.auth_atom_id_1 
_pdbx_validate_close_contact.auth_asym_id_1 
_pdbx_validate_close_contact.auth_comp_id_1 
_pdbx_validate_close_contact.auth_seq_id_1 
_pdbx_validate_close_contact.PDB_ins_code_1 
_pdbx_validate_close_contact.label_alt_id_1 
_pdbx_validate_close_contact.auth_atom_id_2 
_pdbx_validate_close_contact.auth_asym_id_2 
_pdbx_validate_close_contact.auth_comp_id_2 
_pdbx_validate_close_contact.auth_seq_id_2 
_pdbx_validate_close_contact.PDB_ins_code_2 
_pdbx_validate_close_contact.label_alt_id_2 
_pdbx_validate_close_contact.dist 
1 1 CB B ASP 21 ? ? O   B HOH 332 ? ? 2.10 
2 1 OH B TYR 55 ? ? OE2 B GLU 66  ? ? 2.12 
# 
_pdbx_validate_torsion.id              1 
_pdbx_validate_torsion.PDB_model_num   1 
_pdbx_validate_torsion.auth_comp_id    VAL 
_pdbx_validate_torsion.auth_asym_id    A 
_pdbx_validate_torsion.auth_seq_id     101 
_pdbx_validate_torsion.PDB_ins_code    ? 
_pdbx_validate_torsion.label_alt_id    ? 
_pdbx_validate_torsion.phi             -135.48 
_pdbx_validate_torsion.psi             -43.54 
# 
loop_
_pdbx_unobs_or_zero_occ_atoms.id 
_pdbx_unobs_or_zero_occ_atoms.PDB_model_num 
_pdbx_unobs_or_zero_occ_atoms.polymer_flag 
_pdbx_unobs_or_zero_occ_atoms.occupancy_flag 
_pdbx_unobs_or_zero_occ_atoms.auth_asym_id 
_pdbx_unobs_or_zero_occ_atoms.auth_comp_id 
_pdbx_unobs_or_zero_occ_atoms.auth_seq_id 
_pdbx_unobs_or_zero_occ_atoms.PDB_ins_code 
_pdbx_unobs_or_zero_occ_atoms.auth_atom_id 
_pdbx_unobs_or_zero_occ_atoms.label_alt_id 
_pdbx_unobs_or_zero_occ_atoms.label_asym_id 
_pdbx_unobs_or_zero_occ_atoms.label_comp_id 
_pdbx_unobs_or_zero_occ_atoms.label_seq_id 
_pdbx_unobs_or_zero_occ_atoms.label_atom_id 
1  1 Y 1 A PHE 24  ? CG  ? A PHE 7  CG  
2  1 Y 1 A PHE 24  ? CD1 ? A PHE 7  CD1 
3  1 Y 1 A PHE 24  ? CD2 ? A PHE 7  CD2 
4  1 Y 1 A PHE 24  ? CE1 ? A PHE 7  CE1 
5  1 Y 1 A PHE 24  ? CE2 ? A PHE 7  CE2 
6  1 Y 1 A PHE 24  ? CZ  ? A PHE 7  CZ  
7  1 Y 1 A GLN 25  ? CG  ? A GLN 8  CG  
8  1 Y 1 A GLN 25  ? CD  ? A GLN 8  CD  
9  1 Y 1 A GLN 25  ? OE1 ? A GLN 8  OE1 
10 1 Y 1 A GLN 25  ? NE2 ? A GLN 8  NE2 
11 1 Y 1 A LEU 27  ? CG  ? A LEU 10 CG  
12 1 Y 1 A LEU 27  ? CD1 ? A LEU 10 CD1 
13 1 Y 1 A LEU 27  ? CD2 ? A LEU 10 CD2 
14 1 Y 1 A HIS 95  ? ND1 ? A HIS 78 ND1 
15 1 Y 1 A HIS 95  ? CD2 ? A HIS 78 CD2 
16 1 Y 1 A HIS 95  ? CE1 ? A HIS 78 CE1 
17 1 Y 1 A HIS 95  ? NE2 ? A HIS 78 NE2 
18 1 Y 1 A LYS 96  ? CD  ? A LYS 79 CD  
19 1 Y 1 A LYS 96  ? CE  ? A LYS 79 CE  
20 1 Y 1 A LYS 96  ? NZ  ? A LYS 79 NZ  
21 1 Y 1 A LEU 97  ? CD1 ? A LEU 80 CD1 
22 1 Y 1 A LEU 97  ? CD2 ? A LEU 80 CD2 
23 1 Y 1 A VAL 99  ? CG1 ? A VAL 82 CG1 
24 1 Y 1 A VAL 99  ? CG2 ? A VAL 82 CG2 
25 1 Y 1 A GLN 102 ? CG  ? A GLN 85 CG  
26 1 Y 1 A GLN 102 ? CD  ? A GLN 85 CD  
27 1 Y 1 A GLN 102 ? OE1 ? A GLN 85 OE1 
28 1 Y 1 A GLN 102 ? NE2 ? A GLN 85 NE2 
29 1 Y 1 A LEU 103 ? CG  ? A LEU 86 CG  
30 1 Y 1 A LEU 103 ? CD1 ? A LEU 86 CD1 
31 1 Y 1 A LEU 103 ? CD2 ? A LEU 86 CD2 
32 1 Y 1 A ILE 106 ? CG1 ? A ILE 89 CG1 
33 1 Y 1 A ILE 106 ? CG2 ? A ILE 89 CG2 
34 1 Y 1 A ILE 106 ? CD1 ? A ILE 89 CD1 
35 1 Y 1 A LEU 107 ? CG  ? A LEU 90 CG  
36 1 Y 1 A LEU 107 ? CD1 ? A LEU 90 CD1 
37 1 Y 1 A LEU 107 ? CD2 ? A LEU 90 CD2 
38 1 Y 1 A ASN 109 ? CG  ? A ASN 92 CG  
39 1 Y 1 A ASN 109 ? OD1 ? A ASN 92 OD1 
40 1 Y 1 A ASN 109 ? ND2 ? A ASN 92 ND2 
41 1 Y 1 A LEU 110 ? CG  ? A LEU 93 CG  
42 1 Y 1 A LEU 110 ? CD1 ? A LEU 93 CD1 
43 1 Y 1 A LEU 110 ? CD2 ? A LEU 93 CD2 
44 1 Y 1 B LYS 20  ? CG  ? B LYS 3  CG  
45 1 Y 1 B LYS 20  ? CD  ? B LYS 3  CD  
46 1 Y 1 B LYS 20  ? CE  ? B LYS 3  CE  
47 1 Y 1 B LYS 20  ? NZ  ? B LYS 3  NZ  
48 1 Y 1 B ASP 21  ? CG  ? B ASP 4  CG  
49 1 Y 1 B ASP 21  ? OD1 ? B ASP 4  OD1 
50 1 Y 1 B ASP 21  ? OD2 ? B ASP 4  OD2 
51 1 Y 1 B LYS 22  ? CE  ? B LYS 5  CE  
52 1 Y 1 B LYS 22  ? NZ  ? B LYS 5  NZ  
53 1 Y 1 B GLN 71  ? CG  ? B GLN 54 CG  
54 1 Y 1 B GLN 71  ? CD  ? B GLN 54 CD  
55 1 Y 1 B GLN 71  ? OE1 ? B GLN 54 OE1 
56 1 Y 1 B GLN 71  ? NE2 ? B GLN 54 NE2 
57 1 Y 1 B ARG 113 ? CG  ? B ARG 96 CG  
58 1 Y 1 B ARG 113 ? CD  ? B ARG 96 CD  
59 1 Y 1 B ARG 113 ? NE  ? B ARG 96 NE  
60 1 Y 1 B ARG 113 ? CZ  ? B ARG 96 CZ  
61 1 Y 1 B ARG 113 ? NH1 ? B ARG 96 NH1 
62 1 Y 1 B ARG 113 ? NH2 ? B ARG 96 NH2 
# 
loop_
_pdbx_unobs_or_zero_occ_residues.id 
_pdbx_unobs_or_zero_occ_residues.PDB_model_num 
_pdbx_unobs_or_zero_occ_residues.polymer_flag 
_pdbx_unobs_or_zero_occ_residues.occupancy_flag 
_pdbx_unobs_or_zero_occ_residues.auth_asym_id 
_pdbx_unobs_or_zero_occ_residues.auth_comp_id 
_pdbx_unobs_or_zero_occ_residues.auth_seq_id 
_pdbx_unobs_or_zero_occ_residues.PDB_ins_code 
_pdbx_unobs_or_zero_occ_residues.label_asym_id 
_pdbx_unobs_or_zero_occ_residues.label_comp_id 
_pdbx_unobs_or_zero_occ_residues.label_seq_id 
1  1 Y 1 A MET 18  ? A MET 1  
2  1 Y 1 A ALA 19  ? A ALA 2  
3  1 Y 1 A LYS 20  ? A LYS 3  
4  1 Y 1 A ASP 21  ? A ASP 4  
5  1 Y 1 A LYS 22  ? A LYS 5  
6  1 Y 1 A GLU 23  ? A GLU 6  
7  1 Y 1 A VAL 111 ? A VAL 94 
8  1 Y 1 A PRO 112 ? A PRO 95 
9  1 Y 1 A ARG 113 ? A ARG 96 
10 1 Y 1 B MET 18  ? B MET 1  
11 1 Y 1 B ALA 19  ? B ALA 2  
# 
loop_
_chem_comp_atom.comp_id 
_chem_comp_atom.atom_id 
_chem_comp_atom.type_symbol 
_chem_comp_atom.pdbx_aromatic_flag 
_chem_comp_atom.pdbx_stereo_config 
_chem_comp_atom.pdbx_ordinal 
ALA N    N  N N 1   
ALA CA   C  N S 2   
ALA C    C  N N 3   
ALA O    O  N N 4   
ALA CB   C  N N 5   
ALA OXT  O  N N 6   
ALA H    H  N N 7   
ALA H2   H  N N 8   
ALA HA   H  N N 9   
ALA HB1  H  N N 10  
ALA HB2  H  N N 11  
ALA HB3  H  N N 12  
ALA HXT  H  N N 13  
ARG N    N  N N 14  
ARG CA   C  N S 15  
ARG C    C  N N 16  
ARG O    O  N N 17  
ARG CB   C  N N 18  
ARG CG   C  N N 19  
ARG CD   C  N N 20  
ARG NE   N  N N 21  
ARG CZ   C  N N 22  
ARG NH1  N  N N 23  
ARG NH2  N  N N 24  
ARG OXT  O  N N 25  
ARG H    H  N N 26  
ARG H2   H  N N 27  
ARG HA   H  N N 28  
ARG HB2  H  N N 29  
ARG HB3  H  N N 30  
ARG HG2  H  N N 31  
ARG HG3  H  N N 32  
ARG HD2  H  N N 33  
ARG HD3  H  N N 34  
ARG HE   H  N N 35  
ARG HH11 H  N N 36  
ARG HH12 H  N N 37  
ARG HH21 H  N N 38  
ARG HH22 H  N N 39  
ARG HXT  H  N N 40  
ASN N    N  N N 41  
ASN CA   C  N S 42  
ASN C    C  N N 43  
ASN O    O  N N 44  
ASN CB   C  N N 45  
ASN CG   C  N N 46  
ASN OD1  O  N N 47  
ASN ND2  N  N N 48  
ASN OXT  O  N N 49  
ASN H    H  N N 50  
ASN H2   H  N N 51  
ASN HA   H  N N 52  
ASN HB2  H  N N 53  
ASN HB3  H  N N 54  
ASN HD21 H  N N 55  
ASN HD22 H  N N 56  
ASN HXT  H  N N 57  
ASP N    N  N N 58  
ASP CA   C  N S 59  
ASP C    C  N N 60  
ASP O    O  N N 61  
ASP CB   C  N N 62  
ASP CG   C  N N 63  
ASP OD1  O  N N 64  
ASP OD2  O  N N 65  
ASP OXT  O  N N 66  
ASP H    H  N N 67  
ASP H2   H  N N 68  
ASP HA   H  N N 69  
ASP HB2  H  N N 70  
ASP HB3  H  N N 71  
ASP HD2  H  N N 72  
ASP HXT  H  N N 73  
CS  CS   CS N N 74  
GLN N    N  N N 75  
GLN CA   C  N S 76  
GLN C    C  N N 77  
GLN O    O  N N 78  
GLN CB   C  N N 79  
GLN CG   C  N N 80  
GLN CD   C  N N 81  
GLN OE1  O  N N 82  
GLN NE2  N  N N 83  
GLN OXT  O  N N 84  
GLN H    H  N N 85  
GLN H2   H  N N 86  
GLN HA   H  N N 87  
GLN HB2  H  N N 88  
GLN HB3  H  N N 89  
GLN HG2  H  N N 90  
GLN HG3  H  N N 91  
GLN HE21 H  N N 92  
GLN HE22 H  N N 93  
GLN HXT  H  N N 94  
GLU N    N  N N 95  
GLU CA   C  N S 96  
GLU C    C  N N 97  
GLU O    O  N N 98  
GLU CB   C  N N 99  
GLU CG   C  N N 100 
GLU CD   C  N N 101 
GLU OE1  O  N N 102 
GLU OE2  O  N N 103 
GLU OXT  O  N N 104 
GLU H    H  N N 105 
GLU H2   H  N N 106 
GLU HA   H  N N 107 
GLU HB2  H  N N 108 
GLU HB3  H  N N 109 
GLU HG2  H  N N 110 
GLU HG3  H  N N 111 
GLU HE2  H  N N 112 
GLU HXT  H  N N 113 
GLY N    N  N N 114 
GLY CA   C  N N 115 
GLY C    C  N N 116 
GLY O    O  N N 117 
GLY OXT  O  N N 118 
GLY H    H  N N 119 
GLY H2   H  N N 120 
GLY HA2  H  N N 121 
GLY HA3  H  N N 122 
GLY HXT  H  N N 123 
HIS N    N  N N 124 
HIS CA   C  N S 125 
HIS C    C  N N 126 
HIS O    O  N N 127 
HIS CB   C  N N 128 
HIS CG   C  Y N 129 
HIS ND1  N  Y N 130 
HIS CD2  C  Y N 131 
HIS CE1  C  Y N 132 
HIS NE2  N  Y N 133 
HIS OXT  O  N N 134 
HIS H    H  N N 135 
HIS H2   H  N N 136 
HIS HA   H  N N 137 
HIS HB2  H  N N 138 
HIS HB3  H  N N 139 
HIS HD1  H  N N 140 
HIS HD2  H  N N 141 
HIS HE1  H  N N 142 
HIS HE2  H  N N 143 
HIS HXT  H  N N 144 
HOH O    O  N N 145 
HOH H1   H  N N 146 
HOH H2   H  N N 147 
ILE N    N  N N 148 
ILE CA   C  N S 149 
ILE C    C  N N 150 
ILE O    O  N N 151 
ILE CB   C  N S 152 
ILE CG1  C  N N 153 
ILE CG2  C  N N 154 
ILE CD1  C  N N 155 
ILE OXT  O  N N 156 
ILE H    H  N N 157 
ILE H2   H  N N 158 
ILE HA   H  N N 159 
ILE HB   H  N N 160 
ILE HG12 H  N N 161 
ILE HG13 H  N N 162 
ILE HG21 H  N N 163 
ILE HG22 H  N N 164 
ILE HG23 H  N N 165 
ILE HD11 H  N N 166 
ILE HD12 H  N N 167 
ILE HD13 H  N N 168 
ILE HXT  H  N N 169 
LEU N    N  N N 170 
LEU CA   C  N S 171 
LEU C    C  N N 172 
LEU O    O  N N 173 
LEU CB   C  N N 174 
LEU CG   C  N N 175 
LEU CD1  C  N N 176 
LEU CD2  C  N N 177 
LEU OXT  O  N N 178 
LEU H    H  N N 179 
LEU H2   H  N N 180 
LEU HA   H  N N 181 
LEU HB2  H  N N 182 
LEU HB3  H  N N 183 
LEU HG   H  N N 184 
LEU HD11 H  N N 185 
LEU HD12 H  N N 186 
LEU HD13 H  N N 187 
LEU HD21 H  N N 188 
LEU HD22 H  N N 189 
LEU HD23 H  N N 190 
LEU HXT  H  N N 191 
LYS N    N  N N 192 
LYS CA   C  N S 193 
LYS C    C  N N 194 
LYS O    O  N N 195 
LYS CB   C  N N 196 
LYS CG   C  N N 197 
LYS CD   C  N N 198 
LYS CE   C  N N 199 
LYS NZ   N  N N 200 
LYS OXT  O  N N 201 
LYS H    H  N N 202 
LYS H2   H  N N 203 
LYS HA   H  N N 204 
LYS HB2  H  N N 205 
LYS HB3  H  N N 206 
LYS HG2  H  N N 207 
LYS HG3  H  N N 208 
LYS HD2  H  N N 209 
LYS HD3  H  N N 210 
LYS HE2  H  N N 211 
LYS HE3  H  N N 212 
LYS HZ1  H  N N 213 
LYS HZ2  H  N N 214 
LYS HZ3  H  N N 215 
LYS HXT  H  N N 216 
MET N    N  N N 217 
MET CA   C  N S 218 
MET C    C  N N 219 
MET O    O  N N 220 
MET CB   C  N N 221 
MET CG   C  N N 222 
MET SD   S  N N 223 
MET CE   C  N N 224 
MET OXT  O  N N 225 
MET H    H  N N 226 
MET H2   H  N N 227 
MET HA   H  N N 228 
MET HB2  H  N N 229 
MET HB3  H  N N 230 
MET HG2  H  N N 231 
MET HG3  H  N N 232 
MET HE1  H  N N 233 
MET HE2  H  N N 234 
MET HE3  H  N N 235 
MET HXT  H  N N 236 
MPD C1   C  N N 237 
MPD C2   C  N N 238 
MPD O2   O  N N 239 
MPD CM   C  N N 240 
MPD C3   C  N N 241 
MPD C4   C  N S 242 
MPD O4   O  N N 243 
MPD C5   C  N N 244 
MPD H11  H  N N 245 
MPD H12  H  N N 246 
MPD H13  H  N N 247 
MPD HO2  H  N N 248 
MPD HM1  H  N N 249 
MPD HM2  H  N N 250 
MPD HM3  H  N N 251 
MPD H31  H  N N 252 
MPD H32  H  N N 253 
MPD H4   H  N N 254 
MPD HO4  H  N N 255 
MPD H51  H  N N 256 
MPD H52  H  N N 257 
MPD H53  H  N N 258 
PHE N    N  N N 259 
PHE CA   C  N S 260 
PHE C    C  N N 261 
PHE O    O  N N 262 
PHE CB   C  N N 263 
PHE CG   C  Y N 264 
PHE CD1  C  Y N 265 
PHE CD2  C  Y N 266 
PHE CE1  C  Y N 267 
PHE CE2  C  Y N 268 
PHE CZ   C  Y N 269 
PHE OXT  O  N N 270 
PHE H    H  N N 271 
PHE H2   H  N N 272 
PHE HA   H  N N 273 
PHE HB2  H  N N 274 
PHE HB3  H  N N 275 
PHE HD1  H  N N 276 
PHE HD2  H  N N 277 
PHE HE1  H  N N 278 
PHE HE2  H  N N 279 
PHE HZ   H  N N 280 
PHE HXT  H  N N 281 
PRO N    N  N N 282 
PRO CA   C  N S 283 
PRO C    C  N N 284 
PRO O    O  N N 285 
PRO CB   C  N N 286 
PRO CG   C  N N 287 
PRO CD   C  N N 288 
PRO OXT  O  N N 289 
PRO H    H  N N 290 
PRO HA   H  N N 291 
PRO HB2  H  N N 292 
PRO HB3  H  N N 293 
PRO HG2  H  N N 294 
PRO HG3  H  N N 295 
PRO HD2  H  N N 296 
PRO HD3  H  N N 297 
PRO HXT  H  N N 298 
SER N    N  N N 299 
SER CA   C  N S 300 
SER C    C  N N 301 
SER O    O  N N 302 
SER CB   C  N N 303 
SER OG   O  N N 304 
SER OXT  O  N N 305 
SER H    H  N N 306 
SER H2   H  N N 307 
SER HA   H  N N 308 
SER HB2  H  N N 309 
SER HB3  H  N N 310 
SER HG   H  N N 311 
SER HXT  H  N N 312 
THR N    N  N N 313 
THR CA   C  N S 314 
THR C    C  N N 315 
THR O    O  N N 316 
THR CB   C  N R 317 
THR OG1  O  N N 318 
THR CG2  C  N N 319 
THR OXT  O  N N 320 
THR H    H  N N 321 
THR H2   H  N N 322 
THR HA   H  N N 323 
THR HB   H  N N 324 
THR HG1  H  N N 325 
THR HG21 H  N N 326 
THR HG22 H  N N 327 
THR HG23 H  N N 328 
THR HXT  H  N N 329 
TYR N    N  N N 330 
TYR CA   C  N S 331 
TYR C    C  N N 332 
TYR O    O  N N 333 
TYR CB   C  N N 334 
TYR CG   C  Y N 335 
TYR CD1  C  Y N 336 
TYR CD2  C  Y N 337 
TYR CE1  C  Y N 338 
TYR CE2  C  Y N 339 
TYR CZ   C  Y N 340 
TYR OH   O  N N 341 
TYR OXT  O  N N 342 
TYR H    H  N N 343 
TYR H2   H  N N 344 
TYR HA   H  N N 345 
TYR HB2  H  N N 346 
TYR HB3  H  N N 347 
TYR HD1  H  N N 348 
TYR HD2  H  N N 349 
TYR HE1  H  N N 350 
TYR HE2  H  N N 351 
TYR HH   H  N N 352 
TYR HXT  H  N N 353 
VAL N    N  N N 354 
VAL CA   C  N S 355 
VAL C    C  N N 356 
VAL O    O  N N 357 
VAL CB   C  N N 358 
VAL CG1  C  N N 359 
VAL CG2  C  N N 360 
VAL OXT  O  N N 361 
VAL H    H  N N 362 
VAL H2   H  N N 363 
VAL HA   H  N N 364 
VAL HB   H  N N 365 
VAL HG11 H  N N 366 
VAL HG12 H  N N 367 
VAL HG13 H  N N 368 
VAL HG21 H  N N 369 
VAL HG22 H  N N 370 
VAL HG23 H  N N 371 
VAL HXT  H  N N 372 
# 
loop_
_chem_comp_bond.comp_id 
_chem_comp_bond.atom_id_1 
_chem_comp_bond.atom_id_2 
_chem_comp_bond.value_order 
_chem_comp_bond.pdbx_aromatic_flag 
_chem_comp_bond.pdbx_stereo_config 
_chem_comp_bond.pdbx_ordinal 
ALA N   CA   sing N N 1   
ALA N   H    sing N N 2   
ALA N   H2   sing N N 3   
ALA CA  C    sing N N 4   
ALA CA  CB   sing N N 5   
ALA CA  HA   sing N N 6   
ALA C   O    doub N N 7   
ALA C   OXT  sing N N 8   
ALA CB  HB1  sing N N 9   
ALA CB  HB2  sing N N 10  
ALA CB  HB3  sing N N 11  
ALA OXT HXT  sing N N 12  
ARG N   CA   sing N N 13  
ARG N   H    sing N N 14  
ARG N   H2   sing N N 15  
ARG CA  C    sing N N 16  
ARG CA  CB   sing N N 17  
ARG CA  HA   sing N N 18  
ARG C   O    doub N N 19  
ARG C   OXT  sing N N 20  
ARG CB  CG   sing N N 21  
ARG CB  HB2  sing N N 22  
ARG CB  HB3  sing N N 23  
ARG CG  CD   sing N N 24  
ARG CG  HG2  sing N N 25  
ARG CG  HG3  sing N N 26  
ARG CD  NE   sing N N 27  
ARG CD  HD2  sing N N 28  
ARG CD  HD3  sing N N 29  
ARG NE  CZ   sing N N 30  
ARG NE  HE   sing N N 31  
ARG CZ  NH1  sing N N 32  
ARG CZ  NH2  doub N N 33  
ARG NH1 HH11 sing N N 34  
ARG NH1 HH12 sing N N 35  
ARG NH2 HH21 sing N N 36  
ARG NH2 HH22 sing N N 37  
ARG OXT HXT  sing N N 38  
ASN N   CA   sing N N 39  
ASN N   H    sing N N 40  
ASN N   H2   sing N N 41  
ASN CA  C    sing N N 42  
ASN CA  CB   sing N N 43  
ASN CA  HA   sing N N 44  
ASN C   O    doub N N 45  
ASN C   OXT  sing N N 46  
ASN CB  CG   sing N N 47  
ASN CB  HB2  sing N N 48  
ASN CB  HB3  sing N N 49  
ASN CG  OD1  doub N N 50  
ASN CG  ND2  sing N N 51  
ASN ND2 HD21 sing N N 52  
ASN ND2 HD22 sing N N 53  
ASN OXT HXT  sing N N 54  
ASP N   CA   sing N N 55  
ASP N   H    sing N N 56  
ASP N   H2   sing N N 57  
ASP CA  C    sing N N 58  
ASP CA  CB   sing N N 59  
ASP CA  HA   sing N N 60  
ASP C   O    doub N N 61  
ASP C   OXT  sing N N 62  
ASP CB  CG   sing N N 63  
ASP CB  HB2  sing N N 64  
ASP CB  HB3  sing N N 65  
ASP CG  OD1  doub N N 66  
ASP CG  OD2  sing N N 67  
ASP OD2 HD2  sing N N 68  
ASP OXT HXT  sing N N 69  
GLN N   CA   sing N N 70  
GLN N   H    sing N N 71  
GLN N   H2   sing N N 72  
GLN CA  C    sing N N 73  
GLN CA  CB   sing N N 74  
GLN CA  HA   sing N N 75  
GLN C   O    doub N N 76  
GLN C   OXT  sing N N 77  
GLN CB  CG   sing N N 78  
GLN CB  HB2  sing N N 79  
GLN CB  HB3  sing N N 80  
GLN CG  CD   sing N N 81  
GLN CG  HG2  sing N N 82  
GLN CG  HG3  sing N N 83  
GLN CD  OE1  doub N N 84  
GLN CD  NE2  sing N N 85  
GLN NE2 HE21 sing N N 86  
GLN NE2 HE22 sing N N 87  
GLN OXT HXT  sing N N 88  
GLU N   CA   sing N N 89  
GLU N   H    sing N N 90  
GLU N   H2   sing N N 91  
GLU CA  C    sing N N 92  
GLU CA  CB   sing N N 93  
GLU CA  HA   sing N N 94  
GLU C   O    doub N N 95  
GLU C   OXT  sing N N 96  
GLU CB  CG   sing N N 97  
GLU CB  HB2  sing N N 98  
GLU CB  HB3  sing N N 99  
GLU CG  CD   sing N N 100 
GLU CG  HG2  sing N N 101 
GLU CG  HG3  sing N N 102 
GLU CD  OE1  doub N N 103 
GLU CD  OE2  sing N N 104 
GLU OE2 HE2  sing N N 105 
GLU OXT HXT  sing N N 106 
GLY N   CA   sing N N 107 
GLY N   H    sing N N 108 
GLY N   H2   sing N N 109 
GLY CA  C    sing N N 110 
GLY CA  HA2  sing N N 111 
GLY CA  HA3  sing N N 112 
GLY C   O    doub N N 113 
GLY C   OXT  sing N N 114 
GLY OXT HXT  sing N N 115 
HIS N   CA   sing N N 116 
HIS N   H    sing N N 117 
HIS N   H2   sing N N 118 
HIS CA  C    sing N N 119 
HIS CA  CB   sing N N 120 
HIS CA  HA   sing N N 121 
HIS C   O    doub N N 122 
HIS C   OXT  sing N N 123 
HIS CB  CG   sing N N 124 
HIS CB  HB2  sing N N 125 
HIS CB  HB3  sing N N 126 
HIS CG  ND1  sing Y N 127 
HIS CG  CD2  doub Y N 128 
HIS ND1 CE1  doub Y N 129 
HIS ND1 HD1  sing N N 130 
HIS CD2 NE2  sing Y N 131 
HIS CD2 HD2  sing N N 132 
HIS CE1 NE2  sing Y N 133 
HIS CE1 HE1  sing N N 134 
HIS NE2 HE2  sing N N 135 
HIS OXT HXT  sing N N 136 
HOH O   H1   sing N N 137 
HOH O   H2   sing N N 138 
ILE N   CA   sing N N 139 
ILE N   H    sing N N 140 
ILE N   H2   sing N N 141 
ILE CA  C    sing N N 142 
ILE CA  CB   sing N N 143 
ILE CA  HA   sing N N 144 
ILE C   O    doub N N 145 
ILE C   OXT  sing N N 146 
ILE CB  CG1  sing N N 147 
ILE CB  CG2  sing N N 148 
ILE CB  HB   sing N N 149 
ILE CG1 CD1  sing N N 150 
ILE CG1 HG12 sing N N 151 
ILE CG1 HG13 sing N N 152 
ILE CG2 HG21 sing N N 153 
ILE CG2 HG22 sing N N 154 
ILE CG2 HG23 sing N N 155 
ILE CD1 HD11 sing N N 156 
ILE CD1 HD12 sing N N 157 
ILE CD1 HD13 sing N N 158 
ILE OXT HXT  sing N N 159 
LEU N   CA   sing N N 160 
LEU N   H    sing N N 161 
LEU N   H2   sing N N 162 
LEU CA  C    sing N N 163 
LEU CA  CB   sing N N 164 
LEU CA  HA   sing N N 165 
LEU C   O    doub N N 166 
LEU C   OXT  sing N N 167 
LEU CB  CG   sing N N 168 
LEU CB  HB2  sing N N 169 
LEU CB  HB3  sing N N 170 
LEU CG  CD1  sing N N 171 
LEU CG  CD2  sing N N 172 
LEU CG  HG   sing N N 173 
LEU CD1 HD11 sing N N 174 
LEU CD1 HD12 sing N N 175 
LEU CD1 HD13 sing N N 176 
LEU CD2 HD21 sing N N 177 
LEU CD2 HD22 sing N N 178 
LEU CD2 HD23 sing N N 179 
LEU OXT HXT  sing N N 180 
LYS N   CA   sing N N 181 
LYS N   H    sing N N 182 
LYS N   H2   sing N N 183 
LYS CA  C    sing N N 184 
LYS CA  CB   sing N N 185 
LYS CA  HA   sing N N 186 
LYS C   O    doub N N 187 
LYS C   OXT  sing N N 188 
LYS CB  CG   sing N N 189 
LYS CB  HB2  sing N N 190 
LYS CB  HB3  sing N N 191 
LYS CG  CD   sing N N 192 
LYS CG  HG2  sing N N 193 
LYS CG  HG3  sing N N 194 
LYS CD  CE   sing N N 195 
LYS CD  HD2  sing N N 196 
LYS CD  HD3  sing N N 197 
LYS CE  NZ   sing N N 198 
LYS CE  HE2  sing N N 199 
LYS CE  HE3  sing N N 200 
LYS NZ  HZ1  sing N N 201 
LYS NZ  HZ2  sing N N 202 
LYS NZ  HZ3  sing N N 203 
LYS OXT HXT  sing N N 204 
MET N   CA   sing N N 205 
MET N   H    sing N N 206 
MET N   H2   sing N N 207 
MET CA  C    sing N N 208 
MET CA  CB   sing N N 209 
MET CA  HA   sing N N 210 
MET C   O    doub N N 211 
MET C   OXT  sing N N 212 
MET CB  CG   sing N N 213 
MET CB  HB2  sing N N 214 
MET CB  HB3  sing N N 215 
MET CG  SD   sing N N 216 
MET CG  HG2  sing N N 217 
MET CG  HG3  sing N N 218 
MET SD  CE   sing N N 219 
MET CE  HE1  sing N N 220 
MET CE  HE2  sing N N 221 
MET CE  HE3  sing N N 222 
MET OXT HXT  sing N N 223 
MPD C1  C2   sing N N 224 
MPD C1  H11  sing N N 225 
MPD C1  H12  sing N N 226 
MPD C1  H13  sing N N 227 
MPD C2  O2   sing N N 228 
MPD C2  CM   sing N N 229 
MPD C2  C3   sing N N 230 
MPD O2  HO2  sing N N 231 
MPD CM  HM1  sing N N 232 
MPD CM  HM2  sing N N 233 
MPD CM  HM3  sing N N 234 
MPD C3  C4   sing N N 235 
MPD C3  H31  sing N N 236 
MPD C3  H32  sing N N 237 
MPD C4  O4   sing N N 238 
MPD C4  C5   sing N N 239 
MPD C4  H4   sing N N 240 
MPD O4  HO4  sing N N 241 
MPD C5  H51  sing N N 242 
MPD C5  H52  sing N N 243 
MPD C5  H53  sing N N 244 
PHE N   CA   sing N N 245 
PHE N   H    sing N N 246 
PHE N   H2   sing N N 247 
PHE CA  C    sing N N 248 
PHE CA  CB   sing N N 249 
PHE CA  HA   sing N N 250 
PHE C   O    doub N N 251 
PHE C   OXT  sing N N 252 
PHE CB  CG   sing N N 253 
PHE CB  HB2  sing N N 254 
PHE CB  HB3  sing N N 255 
PHE CG  CD1  doub Y N 256 
PHE CG  CD2  sing Y N 257 
PHE CD1 CE1  sing Y N 258 
PHE CD1 HD1  sing N N 259 
PHE CD2 CE2  doub Y N 260 
PHE CD2 HD2  sing N N 261 
PHE CE1 CZ   doub Y N 262 
PHE CE1 HE1  sing N N 263 
PHE CE2 CZ   sing Y N 264 
PHE CE2 HE2  sing N N 265 
PHE CZ  HZ   sing N N 266 
PHE OXT HXT  sing N N 267 
PRO N   CA   sing N N 268 
PRO N   CD   sing N N 269 
PRO N   H    sing N N 270 
PRO CA  C    sing N N 271 
PRO CA  CB   sing N N 272 
PRO CA  HA   sing N N 273 
PRO C   O    doub N N 274 
PRO C   OXT  sing N N 275 
PRO CB  CG   sing N N 276 
PRO CB  HB2  sing N N 277 
PRO CB  HB3  sing N N 278 
PRO CG  CD   sing N N 279 
PRO CG  HG2  sing N N 280 
PRO CG  HG3  sing N N 281 
PRO CD  HD2  sing N N 282 
PRO CD  HD3  sing N N 283 
PRO OXT HXT  sing N N 284 
SER N   CA   sing N N 285 
SER N   H    sing N N 286 
SER N   H2   sing N N 287 
SER CA  C    sing N N 288 
SER CA  CB   sing N N 289 
SER CA  HA   sing N N 290 
SER C   O    doub N N 291 
SER C   OXT  sing N N 292 
SER CB  OG   sing N N 293 
SER CB  HB2  sing N N 294 
SER CB  HB3  sing N N 295 
SER OG  HG   sing N N 296 
SER OXT HXT  sing N N 297 
THR N   CA   sing N N 298 
THR N   H    sing N N 299 
THR N   H2   sing N N 300 
THR CA  C    sing N N 301 
THR CA  CB   sing N N 302 
THR CA  HA   sing N N 303 
THR C   O    doub N N 304 
THR C   OXT  sing N N 305 
THR CB  OG1  sing N N 306 
THR CB  CG2  sing N N 307 
THR CB  HB   sing N N 308 
THR OG1 HG1  sing N N 309 
THR CG2 HG21 sing N N 310 
THR CG2 HG22 sing N N 311 
THR CG2 HG23 sing N N 312 
THR OXT HXT  sing N N 313 
TYR N   CA   sing N N 314 
TYR N   H    sing N N 315 
TYR N   H2   sing N N 316 
TYR CA  C    sing N N 317 
TYR CA  CB   sing N N 318 
TYR CA  HA   sing N N 319 
TYR C   O    doub N N 320 
TYR C   OXT  sing N N 321 
TYR CB  CG   sing N N 322 
TYR CB  HB2  sing N N 323 
TYR CB  HB3  sing N N 324 
TYR CG  CD1  doub Y N 325 
TYR CG  CD2  sing Y N 326 
TYR CD1 CE1  sing Y N 327 
TYR CD1 HD1  sing N N 328 
TYR CD2 CE2  doub Y N 329 
TYR CD2 HD2  sing N N 330 
TYR CE1 CZ   doub Y N 331 
TYR CE1 HE1  sing N N 332 
TYR CE2 CZ   sing Y N 333 
TYR CE2 HE2  sing N N 334 
TYR CZ  OH   sing N N 335 
TYR OH  HH   sing N N 336 
TYR OXT HXT  sing N N 337 
VAL N   CA   sing N N 338 
VAL N   H    sing N N 339 
VAL N   H2   sing N N 340 
VAL CA  C    sing N N 341 
VAL CA  CB   sing N N 342 
VAL CA  HA   sing N N 343 
VAL C   O    doub N N 344 
VAL C   OXT  sing N N 345 
VAL CB  CG1  sing N N 346 
VAL CB  CG2  sing N N 347 
VAL CB  HB   sing N N 348 
VAL CG1 HG11 sing N N 349 
VAL CG1 HG12 sing N N 350 
VAL CG1 HG13 sing N N 351 
VAL CG2 HG21 sing N N 352 
VAL CG2 HG22 sing N N 353 
VAL CG2 HG23 sing N N 354 
VAL OXT HXT  sing N N 355 
# 
loop_
_pdbx_entity_nonpoly.entity_id 
_pdbx_entity_nonpoly.name 
_pdbx_entity_nonpoly.comp_id 
2 'CESIUM ION'                    CS  
3 '(4S)-2-METHYL-2,4-PENTANEDIOL' MPD 
4 GLYCINE                         GLY 
5 water                           HOH 
# 
_pdbx_initial_refinement_model.id               1 
_pdbx_initial_refinement_model.entity_id_list   ? 
_pdbx_initial_refinement_model.type             'experimental model' 
_pdbx_initial_refinement_model.source_name      PDB 
_pdbx_initial_refinement_model.accession_code   3K0D 
_pdbx_initial_refinement_model.details          ? 
# 
